data_3CWY
# 
_entry.id   3CWY 
# 
_audit_conform.dict_name       mmcif_pdbx.dic 
_audit_conform.dict_version    5.399 
_audit_conform.dict_location   http://mmcif.pdb.org/dictionaries/ascii/mmcif_pdbx.dic 
# 
loop_
_database_2.database_id 
_database_2.database_code 
_database_2.pdbx_database_accession 
_database_2.pdbx_DOI 
PDB   3CWY         pdb_00003cwy 10.2210/pdb3cwy/pdb 
RCSB  RCSB047313   ?            ?                   
WWPDB D_1000047313 ?            ?                   
# 
loop_
_pdbx_audit_revision_history.ordinal 
_pdbx_audit_revision_history.data_content_type 
_pdbx_audit_revision_history.major_revision 
_pdbx_audit_revision_history.minor_revision 
_pdbx_audit_revision_history.revision_date 
1 'Structure model' 1 0 2008-12-30 
2 'Structure model' 1 1 2011-07-13 
3 'Structure model' 1 2 2018-01-24 
4 'Structure model' 1 3 2021-10-20 
5 'Structure model' 1 4 2023-08-30 
6 'Structure model' 1 5 2023-11-15 
7 'Structure model' 1 6 2024-11-20 
# 
_pdbx_audit_revision_details.ordinal             1 
_pdbx_audit_revision_details.revision_ordinal    1 
_pdbx_audit_revision_details.data_content_type   'Structure model' 
_pdbx_audit_revision_details.provider            repository 
_pdbx_audit_revision_details.type                'Initial release' 
_pdbx_audit_revision_details.description         ? 
_pdbx_audit_revision_details.details             ? 
# 
loop_
_pdbx_audit_revision_group.ordinal 
_pdbx_audit_revision_group.revision_ordinal 
_pdbx_audit_revision_group.data_content_type 
_pdbx_audit_revision_group.group 
1 2 'Structure model' 'Version format compliance' 
2 3 'Structure model' 'Structure summary'         
3 4 'Structure model' 'Database references'       
4 4 'Structure model' 'Derived calculations'      
5 5 'Structure model' 'Data collection'           
6 5 'Structure model' 'Refinement description'    
7 6 'Structure model' 'Data collection'           
8 7 'Structure model' 'Structure summary'         
# 
loop_
_pdbx_audit_revision_category.ordinal 
_pdbx_audit_revision_category.revision_ordinal 
_pdbx_audit_revision_category.data_content_type 
_pdbx_audit_revision_category.category 
1  3 'Structure model' audit_author                  
2  4 'Structure model' database_2                    
3  4 'Structure model' struct_conn                   
4  4 'Structure model' struct_ref_seq_dif            
5  4 'Structure model' struct_site                   
6  5 'Structure model' chem_comp_atom                
7  5 'Structure model' chem_comp_bond                
8  5 'Structure model' pdbx_initial_refinement_model 
9  6 'Structure model' chem_comp_atom                
10 6 'Structure model' chem_comp_bond                
11 7 'Structure model' pdbx_entry_details            
12 7 'Structure model' pdbx_modification_feature     
# 
loop_
_pdbx_audit_revision_item.ordinal 
_pdbx_audit_revision_item.revision_ordinal 
_pdbx_audit_revision_item.data_content_type 
_pdbx_audit_revision_item.item 
1  3 'Structure model' '_audit_author.name'                  
2  4 'Structure model' '_database_2.pdbx_DOI'                
3  4 'Structure model' '_database_2.pdbx_database_accession' 
4  4 'Structure model' '_struct_conn.pdbx_leaving_atom_flag' 
5  4 'Structure model' '_struct_ref_seq_dif.details'         
6  4 'Structure model' '_struct_site.pdbx_auth_asym_id'      
7  4 'Structure model' '_struct_site.pdbx_auth_comp_id'      
8  4 'Structure model' '_struct_site.pdbx_auth_seq_id'       
9  6 'Structure model' '_chem_comp_atom.atom_id'             
10 6 'Structure model' '_chem_comp_bond.atom_id_2'           
# 
_pdbx_database_status.entry_id                        3CWY 
_pdbx_database_status.status_code                     REL 
_pdbx_database_status.status_code_sf                  REL 
_pdbx_database_status.deposit_site                    RCSB 
_pdbx_database_status.process_site                    RCSB 
_pdbx_database_status.recvd_initial_deposition_date   2008-04-23 
_pdbx_database_status.SG_entry                        N 
_pdbx_database_status.status_code_mr                  ? 
_pdbx_database_status.pdb_format_compatible           Y 
_pdbx_database_status.status_code_cs                  ? 
_pdbx_database_status.methods_development_category    ? 
_pdbx_database_status.status_code_nmr_data            ? 
# 
_pdbx_database_related.db_name        PDB 
_pdbx_database_related.db_id          3CWX 
_pdbx_database_related.content_type   unspecified 
_pdbx_database_related.details        . 
# 
loop_
_audit_author.name 
_audit_author.pdbx_ordinal 
'Cendron, L.'   1 
'Zanotti, G.'   2 
'Angelini, A.'  3 
'Barison, N.'   4 
'Couturier, M.' 5 
'Stein, M.'     6 
# 
loop_
_citation.id 
_citation.title 
_citation.journal_abbrev 
_citation.journal_volume 
_citation.page_first 
_citation.page_last 
_citation.year 
_citation.journal_id_ASTM 
_citation.country 
_citation.journal_id_ISSN 
_citation.journal_id_CSD 
_citation.book_publisher 
_citation.pdbx_database_id_PubMed 
_citation.pdbx_database_id_DOI 
primary 
;The Helicobacter pylori CagD (HP0545, Cag24) protein is essential for CagA translocation and maximal induction of interleukin-8 secretion.
;
J.Mol.Biol.                       386 204 217 2009 JMOBAK UK 0022-2836 0070 ? 19109970 10.1016/j.jmb.2008.12.018 
1       
'Crystal structure of CagZ, a protein from the Helicobacter pylori pathogenicity island that encodes for a type IV secretion system' 
J.Mol.Biol.                       340 881 889 2004 JMOBAK UK 0022-2836 0070 ? ?        ?                         
2       'The crystal structure of CagS from the Helicobacter pylori pathogenicity island' 'Proteins: Struct.,Funct.,Genet.' 69  
440 443 2007 PSFGEY US 0887-3585 0867 ? ?        ?                         
# 
loop_
_citation_author.citation_id 
_citation_author.name 
_citation_author.ordinal 
_citation_author.identifier_ORCID 
primary 'Cendron, L.'     1  ? 
primary 'Couturier, M.'   2  ? 
primary 'Angelini, A.'    3  ? 
primary 'Barison, N.'     4  ? 
primary 'Stein, M.'       5  ? 
primary 'Zanotti, G.'     6  ? 
1       'Cendron, L.'     7  ? 
1       'Seydel, A.'      8  ? 
1       'Angelini, A.'    9  ? 
1       'Battistutta, R.' 10 ? 
1       'Zanotti, G.'     11 ? 
2       'Cendron, L.'     12 ? 
2       'Tasca, E.'       13 ? 
2       'Seraglio, T.'    14 ? 
2       'Seydel, A.'      15 ? 
2       'Angelini, A.'    16 ? 
2       'Battistutta, R.' 17 ? 
2       'Montecucco, C.'  18 ? 
2       'Zanotti, G.'     19 ? 
# 
loop_
_entity.id 
_entity.type 
_entity.src_method 
_entity.pdbx_description 
_entity.formula_weight 
_entity.pdbx_number_of_molecules 
_entity.pdbx_ec 
_entity.pdbx_mutation 
_entity.pdbx_fragment 
_entity.details 
1 polymer     man 'protein CagD'    20777.463 1  ? 'V79M, V140M' CagD ? 
2 non-polymer syn 'COPPER (II) ION' 63.546    1  ? ?             ?    ? 
3 water       nat water             18.015    11 ? ?             ?    ? 
# 
_entity_name_com.entity_id   1 
_entity_name_com.name        'HP0525, Cag24' 
# 
_entity_poly.entity_id                      1 
_entity_poly.type                           'polypeptide(L)' 
_entity_poly.nstd_linkage                   no 
_entity_poly.nstd_monomer                   yes 
_entity_poly.pdbx_seq_one_letter_code       
;NDDKEAKKEAQEKEKNTPNGLVYTNLDFDSFKATIKNLKDKKVTFKEVNPDIIKDEVFDFVIVNRVLKKIKDLKHYDP
(MSE)IEKIFDEKGKE(MSE)GLNVEIQINPEVKDFFTFKSISTTNKQRCFLSLRGETREILCDNKLYN(MSE)LLAVFN
SYDPNDLLKHISTVESLKKIFYTITCEAVY
;
_entity_poly.pdbx_seq_one_letter_code_can   
;NDDKEAKKEAQEKEKNTPNGLVYTNLDFDSFKATIKNLKDKKVTFKEVNPDIIKDEVFDFVIVNRVLKKIKDLKHYDPMI
EKIFDEKGKEMGLNVEIQINPEVKDFFTFKSISTTNKQRCFLSLRGETREILCDNKLYNMLLAVFNSYDPNDLLKHISTV
ESLKKIFYTITCEAVY
;
_entity_poly.pdbx_strand_id                 A 
_entity_poly.pdbx_target_identifier         ? 
# 
loop_
_pdbx_entity_nonpoly.entity_id 
_pdbx_entity_nonpoly.name 
_pdbx_entity_nonpoly.comp_id 
2 'COPPER (II) ION' CU  
3 water             HOH 
# 
loop_
_entity_poly_seq.entity_id 
_entity_poly_seq.num 
_entity_poly_seq.mon_id 
_entity_poly_seq.hetero 
1 1   ASN n 
1 2   ASP n 
1 3   ASP n 
1 4   LYS n 
1 5   GLU n 
1 6   ALA n 
1 7   LYS n 
1 8   LYS n 
1 9   GLU n 
1 10  ALA n 
1 11  GLN n 
1 12  GLU n 
1 13  LYS n 
1 14  GLU n 
1 15  LYS n 
1 16  ASN n 
1 17  THR n 
1 18  PRO n 
1 19  ASN n 
1 20  GLY n 
1 21  LEU n 
1 22  VAL n 
1 23  TYR n 
1 24  THR n 
1 25  ASN n 
1 26  LEU n 
1 27  ASP n 
1 28  PHE n 
1 29  ASP n 
1 30  SER n 
1 31  PHE n 
1 32  LYS n 
1 33  ALA n 
1 34  THR n 
1 35  ILE n 
1 36  LYS n 
1 37  ASN n 
1 38  LEU n 
1 39  LYS n 
1 40  ASP n 
1 41  LYS n 
1 42  LYS n 
1 43  VAL n 
1 44  THR n 
1 45  PHE n 
1 46  LYS n 
1 47  GLU n 
1 48  VAL n 
1 49  ASN n 
1 50  PRO n 
1 51  ASP n 
1 52  ILE n 
1 53  ILE n 
1 54  LYS n 
1 55  ASP n 
1 56  GLU n 
1 57  VAL n 
1 58  PHE n 
1 59  ASP n 
1 60  PHE n 
1 61  VAL n 
1 62  ILE n 
1 63  VAL n 
1 64  ASN n 
1 65  ARG n 
1 66  VAL n 
1 67  LEU n 
1 68  LYS n 
1 69  LYS n 
1 70  ILE n 
1 71  LYS n 
1 72  ASP n 
1 73  LEU n 
1 74  LYS n 
1 75  HIS n 
1 76  TYR n 
1 77  ASP n 
1 78  PRO n 
1 79  MSE n 
1 80  ILE n 
1 81  GLU n 
1 82  LYS n 
1 83  ILE n 
1 84  PHE n 
1 85  ASP n 
1 86  GLU n 
1 87  LYS n 
1 88  GLY n 
1 89  LYS n 
1 90  GLU n 
1 91  MSE n 
1 92  GLY n 
1 93  LEU n 
1 94  ASN n 
1 95  VAL n 
1 96  GLU n 
1 97  ILE n 
1 98  GLN n 
1 99  ILE n 
1 100 ASN n 
1 101 PRO n 
1 102 GLU n 
1 103 VAL n 
1 104 LYS n 
1 105 ASP n 
1 106 PHE n 
1 107 PHE n 
1 108 THR n 
1 109 PHE n 
1 110 LYS n 
1 111 SER n 
1 112 ILE n 
1 113 SER n 
1 114 THR n 
1 115 THR n 
1 116 ASN n 
1 117 LYS n 
1 118 GLN n 
1 119 ARG n 
1 120 CYS n 
1 121 PHE n 
1 122 LEU n 
1 123 SER n 
1 124 LEU n 
1 125 ARG n 
1 126 GLY n 
1 127 GLU n 
1 128 THR n 
1 129 ARG n 
1 130 GLU n 
1 131 ILE n 
1 132 LEU n 
1 133 CYS n 
1 134 ASP n 
1 135 ASN n 
1 136 LYS n 
1 137 LEU n 
1 138 TYR n 
1 139 ASN n 
1 140 MSE n 
1 141 LEU n 
1 142 LEU n 
1 143 ALA n 
1 144 VAL n 
1 145 PHE n 
1 146 ASN n 
1 147 SER n 
1 148 TYR n 
1 149 ASP n 
1 150 PRO n 
1 151 ASN n 
1 152 ASP n 
1 153 LEU n 
1 154 LEU n 
1 155 LYS n 
1 156 HIS n 
1 157 ILE n 
1 158 SER n 
1 159 THR n 
1 160 VAL n 
1 161 GLU n 
1 162 SER n 
1 163 LEU n 
1 164 LYS n 
1 165 LYS n 
1 166 ILE n 
1 167 PHE n 
1 168 TYR n 
1 169 THR n 
1 170 ILE n 
1 171 THR n 
1 172 CYS n 
1 173 GLU n 
1 174 ALA n 
1 175 VAL n 
1 176 TYR n 
# 
_entity_src_gen.entity_id                          1 
_entity_src_gen.pdbx_src_id                        1 
_entity_src_gen.pdbx_alt_source_flag               sample 
_entity_src_gen.pdbx_seq_type                      ? 
_entity_src_gen.pdbx_beg_seq_num                   ? 
_entity_src_gen.pdbx_end_seq_num                   ? 
_entity_src_gen.gene_src_common_name               ? 
_entity_src_gen.gene_src_genus                     ? 
_entity_src_gen.pdbx_gene_src_gene                 cagD 
_entity_src_gen.gene_src_species                   ? 
_entity_src_gen.gene_src_strain                    'CCUG 17874' 
_entity_src_gen.gene_src_tissue                    ? 
_entity_src_gen.gene_src_tissue_fraction           ? 
_entity_src_gen.gene_src_details                   ? 
_entity_src_gen.pdbx_gene_src_fragment             ? 
_entity_src_gen.pdbx_gene_src_scientific_name      'Helicobacter pylori' 
_entity_src_gen.pdbx_gene_src_ncbi_taxonomy_id     210 
_entity_src_gen.pdbx_gene_src_variant              ? 
_entity_src_gen.pdbx_gene_src_cell_line            ? 
_entity_src_gen.pdbx_gene_src_atcc                 ? 
_entity_src_gen.pdbx_gene_src_organ                ? 
_entity_src_gen.pdbx_gene_src_organelle            ? 
_entity_src_gen.pdbx_gene_src_cell                 ? 
_entity_src_gen.pdbx_gene_src_cellular_location    ? 
_entity_src_gen.host_org_common_name               ? 
_entity_src_gen.pdbx_host_org_scientific_name      'Escherichia coli' 
_entity_src_gen.pdbx_host_org_ncbi_taxonomy_id     562 
_entity_src_gen.host_org_genus                     ? 
_entity_src_gen.pdbx_host_org_gene                 ? 
_entity_src_gen.pdbx_host_org_organ                ? 
_entity_src_gen.host_org_species                   ? 
_entity_src_gen.pdbx_host_org_tissue               ? 
_entity_src_gen.pdbx_host_org_tissue_fraction      ? 
_entity_src_gen.pdbx_host_org_strain               'BL21 (DE3)' 
_entity_src_gen.pdbx_host_org_variant              ? 
_entity_src_gen.pdbx_host_org_cell_line            ? 
_entity_src_gen.pdbx_host_org_atcc                 ? 
_entity_src_gen.pdbx_host_org_culture_collection   ? 
_entity_src_gen.pdbx_host_org_cell                 ? 
_entity_src_gen.pdbx_host_org_organelle            ? 
_entity_src_gen.pdbx_host_org_cellular_location    ? 
_entity_src_gen.pdbx_host_org_vector_type          Plasmid 
_entity_src_gen.pdbx_host_org_vector               ? 
_entity_src_gen.host_org_details                   ? 
_entity_src_gen.expression_system_id               ? 
_entity_src_gen.plasmid_name                       pET28b-cagD 
_entity_src_gen.plasmid_details                    ? 
_entity_src_gen.pdbx_description                   ? 
# 
loop_
_chem_comp.id 
_chem_comp.type 
_chem_comp.mon_nstd_flag 
_chem_comp.name 
_chem_comp.pdbx_synonyms 
_chem_comp.formula 
_chem_comp.formula_weight 
ALA 'L-peptide linking' y ALANINE           ? 'C3 H7 N O2'     89.093  
ARG 'L-peptide linking' y ARGININE          ? 'C6 H15 N4 O2 1' 175.209 
ASN 'L-peptide linking' y ASPARAGINE        ? 'C4 H8 N2 O3'    132.118 
ASP 'L-peptide linking' y 'ASPARTIC ACID'   ? 'C4 H7 N O4'     133.103 
CU  non-polymer         . 'COPPER (II) ION' ? 'Cu 2'           63.546  
CYS 'L-peptide linking' y CYSTEINE          ? 'C3 H7 N O2 S'   121.158 
GLN 'L-peptide linking' y GLUTAMINE         ? 'C5 H10 N2 O3'   146.144 
GLU 'L-peptide linking' y 'GLUTAMIC ACID'   ? 'C5 H9 N O4'     147.129 
GLY 'peptide linking'   y GLYCINE           ? 'C2 H5 N O2'     75.067  
HIS 'L-peptide linking' y HISTIDINE         ? 'C6 H10 N3 O2 1' 156.162 
HOH non-polymer         . WATER             ? 'H2 O'           18.015  
ILE 'L-peptide linking' y ISOLEUCINE        ? 'C6 H13 N O2'    131.173 
LEU 'L-peptide linking' y LEUCINE           ? 'C6 H13 N O2'    131.173 
LYS 'L-peptide linking' y LYSINE            ? 'C6 H15 N2 O2 1' 147.195 
MSE 'L-peptide linking' n SELENOMETHIONINE  ? 'C5 H11 N O2 Se' 196.106 
PHE 'L-peptide linking' y PHENYLALANINE     ? 'C9 H11 N O2'    165.189 
PRO 'L-peptide linking' y PROLINE           ? 'C5 H9 N O2'     115.130 
SER 'L-peptide linking' y SERINE            ? 'C3 H7 N O3'     105.093 
THR 'L-peptide linking' y THREONINE         ? 'C4 H9 N O3'     119.119 
TYR 'L-peptide linking' y TYROSINE          ? 'C9 H11 N O3'    181.189 
VAL 'L-peptide linking' y VALINE            ? 'C5 H11 N O2'    117.146 
# 
loop_
_pdbx_poly_seq_scheme.asym_id 
_pdbx_poly_seq_scheme.entity_id 
_pdbx_poly_seq_scheme.seq_id 
_pdbx_poly_seq_scheme.mon_id 
_pdbx_poly_seq_scheme.ndb_seq_num 
_pdbx_poly_seq_scheme.pdb_seq_num 
_pdbx_poly_seq_scheme.auth_seq_num 
_pdbx_poly_seq_scheme.pdb_mon_id 
_pdbx_poly_seq_scheme.auth_mon_id 
_pdbx_poly_seq_scheme.pdb_strand_id 
_pdbx_poly_seq_scheme.pdb_ins_code 
_pdbx_poly_seq_scheme.hetero 
A 1 1   ASN 1   1   ?   ?   ?   A . n 
A 1 2   ASP 2   2   ?   ?   ?   A . n 
A 1 3   ASP 3   3   ?   ?   ?   A . n 
A 1 4   LYS 4   4   ?   ?   ?   A . n 
A 1 5   GLU 5   5   ?   ?   ?   A . n 
A 1 6   ALA 6   6   ?   ?   ?   A . n 
A 1 7   LYS 7   7   ?   ?   ?   A . n 
A 1 8   LYS 8   8   ?   ?   ?   A . n 
A 1 9   GLU 9   9   ?   ?   ?   A . n 
A 1 10  ALA 10  10  ?   ?   ?   A . n 
A 1 11  GLN 11  11  ?   ?   ?   A . n 
A 1 12  GLU 12  12  ?   ?   ?   A . n 
A 1 13  LYS 13  13  ?   ?   ?   A . n 
A 1 14  GLU 14  14  ?   ?   ?   A . n 
A 1 15  LYS 15  15  ?   ?   ?   A . n 
A 1 16  ASN 16  16  ?   ?   ?   A . n 
A 1 17  THR 17  17  ?   ?   ?   A . n 
A 1 18  PRO 18  18  ?   ?   ?   A . n 
A 1 19  ASN 19  19  ?   ?   ?   A . n 
A 1 20  GLY 20  20  ?   ?   ?   A . n 
A 1 21  LEU 21  21  ?   ?   ?   A . n 
A 1 22  VAL 22  22  ?   ?   ?   A . n 
A 1 23  TYR 23  23  ?   ?   ?   A . n 
A 1 24  THR 24  24  ?   ?   ?   A . n 
A 1 25  ASN 25  25  ?   ?   ?   A . n 
A 1 26  LEU 26  26  ?   ?   ?   A . n 
A 1 27  ASP 27  27  ?   ?   ?   A . n 
A 1 28  PHE 28  28  ?   ?   ?   A . n 
A 1 29  ASP 29  29  ?   ?   ?   A . n 
A 1 30  SER 30  30  ?   ?   ?   A . n 
A 1 31  PHE 31  31  ?   ?   ?   A . n 
A 1 32  LYS 32  32  ?   ?   ?   A . n 
A 1 33  ALA 33  33  ?   ?   ?   A . n 
A 1 34  THR 34  34  ?   ?   ?   A . n 
A 1 35  ILE 35  35  ?   ?   ?   A . n 
A 1 36  LYS 36  36  ?   ?   ?   A . n 
A 1 37  ASN 37  37  ?   ?   ?   A . n 
A 1 38  LEU 38  38  ?   ?   ?   A . n 
A 1 39  LYS 39  39  ?   ?   ?   A . n 
A 1 40  ASP 40  40  ?   ?   ?   A . n 
A 1 41  LYS 41  41  ?   ?   ?   A . n 
A 1 42  LYS 42  42  ?   ?   ?   A . n 
A 1 43  VAL 43  43  ?   ?   ?   A . n 
A 1 44  THR 44  44  ?   ?   ?   A . n 
A 1 45  PHE 45  45  ?   ?   ?   A . n 
A 1 46  LYS 46  46  ?   ?   ?   A . n 
A 1 47  GLU 47  47  47  GLU GLU A . n 
A 1 48  VAL 48  48  48  VAL VAL A . n 
A 1 49  ASN 49  49  49  ASN ASN A . n 
A 1 50  PRO 50  50  50  PRO PRO A . n 
A 1 51  ASP 51  51  51  ASP ASP A . n 
A 1 52  ILE 52  52  52  ILE ILE A . n 
A 1 53  ILE 53  53  53  ILE ILE A . n 
A 1 54  LYS 54  54  54  LYS LYS A . n 
A 1 55  ASP 55  55  55  ASP ASP A . n 
A 1 56  GLU 56  56  56  GLU GLU A . n 
A 1 57  VAL 57  57  57  VAL VAL A . n 
A 1 58  PHE 58  58  58  PHE PHE A . n 
A 1 59  ASP 59  59  59  ASP ASP A . n 
A 1 60  PHE 60  60  60  PHE PHE A . n 
A 1 61  VAL 61  61  61  VAL VAL A . n 
A 1 62  ILE 62  62  62  ILE ILE A . n 
A 1 63  VAL 63  63  63  VAL VAL A . n 
A 1 64  ASN 64  64  64  ASN ASN A . n 
A 1 65  ARG 65  65  65  ARG ARG A . n 
A 1 66  VAL 66  66  66  VAL VAL A . n 
A 1 67  LEU 67  67  67  LEU LEU A . n 
A 1 68  LYS 68  68  68  LYS LYS A . n 
A 1 69  LYS 69  69  69  LYS LYS A . n 
A 1 70  ILE 70  70  70  ILE ILE A . n 
A 1 71  LYS 71  71  71  LYS LYS A . n 
A 1 72  ASP 72  72  72  ASP ASP A . n 
A 1 73  LEU 73  73  73  LEU LEU A . n 
A 1 74  LYS 74  74  74  LYS LYS A . n 
A 1 75  HIS 75  75  75  HIS HIS A . n 
A 1 76  TYR 76  76  76  TYR TYR A . n 
A 1 77  ASP 77  77  77  ASP ASP A . n 
A 1 78  PRO 78  78  78  PRO PRO A . n 
A 1 79  MSE 79  79  79  MSE MSE A . n 
A 1 80  ILE 80  80  80  ILE ILE A . n 
A 1 81  GLU 81  81  81  GLU GLU A . n 
A 1 82  LYS 82  82  82  LYS LYS A . n 
A 1 83  ILE 83  83  83  ILE ILE A . n 
A 1 84  PHE 84  84  84  PHE PHE A . n 
A 1 85  ASP 85  85  85  ASP ASP A . n 
A 1 86  GLU 86  86  86  GLU GLU A . n 
A 1 87  LYS 87  87  87  LYS LYS A . n 
A 1 88  GLY 88  88  88  GLY GLY A . n 
A 1 89  LYS 89  89  89  LYS LYS A . n 
A 1 90  GLU 90  90  90  GLU GLU A . n 
A 1 91  MSE 91  91  91  MSE MSE A . n 
A 1 92  GLY 92  92  92  GLY GLY A . n 
A 1 93  LEU 93  93  93  LEU LEU A . n 
A 1 94  ASN 94  94  94  ASN ASN A . n 
A 1 95  VAL 95  95  95  VAL VAL A . n 
A 1 96  GLU 96  96  96  GLU GLU A . n 
A 1 97  ILE 97  97  97  ILE ILE A . n 
A 1 98  GLN 98  98  98  GLN GLN A . n 
A 1 99  ILE 99  99  99  ILE ILE A . n 
A 1 100 ASN 100 100 100 ASN ASN A . n 
A 1 101 PRO 101 101 101 PRO PRO A . n 
A 1 102 GLU 102 102 102 GLU GLU A . n 
A 1 103 VAL 103 103 103 VAL VAL A . n 
A 1 104 LYS 104 104 104 LYS LYS A . n 
A 1 105 ASP 105 105 105 ASP ASP A . n 
A 1 106 PHE 106 106 106 PHE PHE A . n 
A 1 107 PHE 107 107 107 PHE PHE A . n 
A 1 108 THR 108 108 108 THR THR A . n 
A 1 109 PHE 109 109 109 PHE PHE A . n 
A 1 110 LYS 110 110 110 LYS LYS A . n 
A 1 111 SER 111 111 111 SER SER A . n 
A 1 112 ILE 112 112 112 ILE ILE A . n 
A 1 113 SER 113 113 113 SER SER A . n 
A 1 114 THR 114 114 114 THR THR A . n 
A 1 115 THR 115 115 115 THR THR A . n 
A 1 116 ASN 116 116 116 ASN ASN A . n 
A 1 117 LYS 117 117 117 LYS LYS A . n 
A 1 118 GLN 118 118 118 GLN GLN A . n 
A 1 119 ARG 119 119 119 ARG ARG A . n 
A 1 120 CYS 120 120 120 CYS CYS A . n 
A 1 121 PHE 121 121 121 PHE PHE A . n 
A 1 122 LEU 122 122 122 LEU LEU A . n 
A 1 123 SER 123 123 123 SER SER A . n 
A 1 124 LEU 124 124 124 LEU LEU A . n 
A 1 125 ARG 125 125 125 ARG ARG A . n 
A 1 126 GLY 126 126 126 GLY GLY A . n 
A 1 127 GLU 127 127 127 GLU GLU A . n 
A 1 128 THR 128 128 128 THR THR A . n 
A 1 129 ARG 129 129 129 ARG ARG A . n 
A 1 130 GLU 130 130 130 GLU GLU A . n 
A 1 131 ILE 131 131 131 ILE ILE A . n 
A 1 132 LEU 132 132 132 LEU LEU A . n 
A 1 133 CYS 133 133 133 CYS CYS A . n 
A 1 134 ASP 134 134 134 ASP ASP A . n 
A 1 135 ASN 135 135 135 ASN ASN A . n 
A 1 136 LYS 136 136 136 LYS LYS A . n 
A 1 137 LEU 137 137 137 LEU LEU A . n 
A 1 138 TYR 138 138 138 TYR TYR A . n 
A 1 139 ASN 139 139 139 ASN ASN A . n 
A 1 140 MSE 140 140 140 MSE MSE A . n 
A 1 141 LEU 141 141 141 LEU LEU A . n 
A 1 142 LEU 142 142 142 LEU LEU A . n 
A 1 143 ALA 143 143 143 ALA ALA A . n 
A 1 144 VAL 144 144 144 VAL VAL A . n 
A 1 145 PHE 145 145 145 PHE PHE A . n 
A 1 146 ASN 146 146 146 ASN ASN A . n 
A 1 147 SER 147 147 147 SER SER A . n 
A 1 148 TYR 148 148 148 TYR TYR A . n 
A 1 149 ASP 149 149 149 ASP ASP A . n 
A 1 150 PRO 150 150 150 PRO PRO A . n 
A 1 151 ASN 151 151 151 ASN ASN A . n 
A 1 152 ASP 152 152 152 ASP ASP A . n 
A 1 153 LEU 153 153 153 LEU LEU A . n 
A 1 154 LEU 154 154 154 LEU LEU A . n 
A 1 155 LYS 155 155 155 LYS LYS A . n 
A 1 156 HIS 156 156 156 HIS HIS A . n 
A 1 157 ILE 157 157 157 ILE ILE A . n 
A 1 158 SER 158 158 158 SER SER A . n 
A 1 159 THR 159 159 159 THR THR A . n 
A 1 160 VAL 160 160 160 VAL VAL A . n 
A 1 161 GLU 161 161 161 GLU GLU A . n 
A 1 162 SER 162 162 162 SER SER A . n 
A 1 163 LEU 163 163 163 LEU LEU A . n 
A 1 164 LYS 164 164 164 LYS LYS A . n 
A 1 165 LYS 165 165 165 LYS LYS A . n 
A 1 166 ILE 166 166 166 ILE ILE A . n 
A 1 167 PHE 167 167 167 PHE PHE A . n 
A 1 168 TYR 168 168 168 TYR TYR A . n 
A 1 169 THR 169 169 169 THR THR A . n 
A 1 170 ILE 170 170 170 ILE ILE A . n 
A 1 171 THR 171 171 171 THR THR A . n 
A 1 172 CYS 172 172 172 CYS CYS A . n 
A 1 173 GLU 173 173 173 GLU GLU A . n 
A 1 174 ALA 174 174 174 ALA ALA A . n 
A 1 175 VAL 175 175 175 VAL VAL A . n 
A 1 176 TYR 176 176 176 TYR TYR A . n 
# 
loop_
_pdbx_nonpoly_scheme.asym_id 
_pdbx_nonpoly_scheme.entity_id 
_pdbx_nonpoly_scheme.mon_id 
_pdbx_nonpoly_scheme.ndb_seq_num 
_pdbx_nonpoly_scheme.pdb_seq_num 
_pdbx_nonpoly_scheme.auth_seq_num 
_pdbx_nonpoly_scheme.pdb_mon_id 
_pdbx_nonpoly_scheme.auth_mon_id 
_pdbx_nonpoly_scheme.pdb_strand_id 
_pdbx_nonpoly_scheme.pdb_ins_code 
B 2 CU  1  201 201 CU  CU  A . 
C 3 HOH 1  301 301 HOH HOH A . 
C 3 HOH 2  302 302 HOH HOH A . 
C 3 HOH 3  303 303 HOH HOH A . 
C 3 HOH 4  304 304 HOH HOH A . 
C 3 HOH 5  305 305 HOH HOH A . 
C 3 HOH 6  306 306 HOH HOH A . 
C 3 HOH 7  307 307 HOH HOH A . 
C 3 HOH 8  308 308 HOH HOH A . 
C 3 HOH 9  309 309 HOH HOH A . 
C 3 HOH 10 310 310 HOH HOH A . 
C 3 HOH 11 311 311 HOH HOH A . 
# 
loop_
_software.name 
_software.classification 
_software.version 
_software.citation_id 
_software.pdbx_ordinal 
MAR345dtb 'data collection' .   ? 1 
PHASES    phasing           .   ? 2 
CNS       refinement        1.1 ? 3 
MOSFLM    'data reduction'  .   ? 4 
SCALA     'data scaling'    .   ? 5 
# 
_cell.entry_id           3CWY 
_cell.length_a           65.030 
_cell.length_b           65.030 
_cell.length_c           156.160 
_cell.angle_alpha        90.00 
_cell.angle_beta         90.00 
_cell.angle_gamma        120.00 
_cell.Z_PDB              12 
_cell.pdbx_unique_axis   ? 
_cell.length_a_esd       ? 
_cell.length_b_esd       ? 
_cell.length_c_esd       ? 
_cell.angle_alpha_esd    ? 
_cell.angle_beta_esd     ? 
_cell.angle_gamma_esd    ? 
# 
_symmetry.entry_id                         3CWY 
_symmetry.space_group_name_H-M             'P 62 2 2' 
_symmetry.pdbx_full_space_group_name_H-M   ? 
_symmetry.Int_Tables_number                180 
_symmetry.cell_setting                     ? 
_symmetry.space_group_name_Hall            ? 
# 
_exptl.entry_id          3CWY 
_exptl.method            'X-RAY DIFFRACTION' 
_exptl.crystals_number   1 
# 
_exptl_crystal.id                    1 
_exptl_crystal.density_meas          ? 
_exptl_crystal.density_Matthews      2.29 
_exptl_crystal.density_percent_sol   46.38 
_exptl_crystal.description           ? 
_exptl_crystal.F_000                 ? 
_exptl_crystal.preparation           ? 
# 
_exptl_crystal_grow.crystal_id      1 
_exptl_crystal_grow.method          'VAPOR DIFFUSION' 
_exptl_crystal_grow.temp            298 
_exptl_crystal_grow.pH              7 
_exptl_crystal_grow.pdbx_details    '0.2 M MgCl2, 0.1 M Hepes pH 7, 20% PEG 6000, CuCl2 0.02M , VAPOR DIFFUSION, temperature 298K' 
_exptl_crystal_grow.pdbx_pH_range   . 
_exptl_crystal_grow.temp_details    ? 
# 
_diffrn.id                     1 
_diffrn.ambient_temp           100 
_diffrn.ambient_temp_details   ? 
_diffrn.crystal_id             1 
# 
_diffrn_detector.diffrn_id              1 
_diffrn_detector.detector               CCD 
_diffrn_detector.type                   'MAR CCD 165 mm' 
_diffrn_detector.pdbx_collection_date   2007-08-31 
_diffrn_detector.details                ? 
# 
_diffrn_radiation.diffrn_id                        1 
_diffrn_radiation.wavelength_id                    1 
_diffrn_radiation.pdbx_monochromatic_or_laue_m_l   M 
_diffrn_radiation.monochromator                    ? 
_diffrn_radiation.pdbx_diffrn_protocol             'SINGLE WAVELENGTH' 
_diffrn_radiation.pdbx_scattering_type             x-ray 
# 
_diffrn_radiation_wavelength.id           1 
_diffrn_radiation_wavelength.wavelength   0.97621 
_diffrn_radiation_wavelength.wt           1.0 
# 
_diffrn_source.diffrn_id                   1 
_diffrn_source.source                      SYNCHROTRON 
_diffrn_source.type                        'ESRF BEAMLINE BM14' 
_diffrn_source.pdbx_synchrotron_site       ESRF 
_diffrn_source.pdbx_synchrotron_beamline   BM14 
_diffrn_source.pdbx_wavelength             ? 
_diffrn_source.pdbx_wavelength_list        0.97621 
# 
_reflns.entry_id                     3CWY 
_reflns.observed_criterion_sigma_I   0 
_reflns.observed_criterion_sigma_F   0 
_reflns.d_resolution_low             78.09 
_reflns.d_resolution_high            2.75 
_reflns.number_obs                   5757 
_reflns.number_all                   5757 
_reflns.percent_possible_obs         99.9 
_reflns.pdbx_Rmerge_I_obs            0.079 
_reflns.pdbx_Rsym_value              ? 
_reflns.pdbx_netI_over_sigmaI        7.5 
_reflns.B_iso_Wilson_estimate        21.5 
_reflns.pdbx_redundancy              10.3 
_reflns.R_free_details               ? 
_reflns.limit_h_max                  ? 
_reflns.limit_h_min                  ? 
_reflns.limit_k_max                  ? 
_reflns.limit_k_min                  ? 
_reflns.limit_l_max                  ? 
_reflns.limit_l_min                  ? 
_reflns.observed_criterion_F_max     ? 
_reflns.observed_criterion_F_min     ? 
_reflns.pdbx_chi_squared             ? 
_reflns.pdbx_scaling_rejects         ? 
_reflns.pdbx_diffrn_id               1 
_reflns.pdbx_ordinal                 1 
# 
_reflns_shell.d_res_high             2.75 
_reflns_shell.d_res_low              2.85 
_reflns_shell.percent_possible_all   99 
_reflns_shell.Rmerge_I_obs           0.459 
_reflns_shell.pdbx_Rsym_value        ? 
_reflns_shell.meanI_over_sigI_obs    1.7 
_reflns_shell.pdbx_redundancy        10.7 
_reflns_shell.percent_possible_obs   ? 
_reflns_shell.number_unique_all      796 
_reflns_shell.number_measured_all    ? 
_reflns_shell.number_measured_obs    ? 
_reflns_shell.number_unique_obs      ? 
_reflns_shell.pdbx_chi_squared       ? 
_reflns_shell.pdbx_diffrn_id         ? 
_reflns_shell.pdbx_ordinal           1 
# 
_refine.entry_id                                 3CWY 
_refine.ls_number_reflns_obs                     5322 
_refine.ls_number_reflns_all                     0 
_refine.pdbx_ls_sigma_I                          0 
_refine.pdbx_ls_sigma_F                          0.0 
_refine.pdbx_data_cutoff_high_absF               1913839.91 
_refine.pdbx_data_cutoff_low_absF                0.000000 
_refine.pdbx_data_cutoff_high_rms_absF           ? 
_refine.ls_d_res_low                             56.34 
_refine.ls_d_res_high                            2.75 
_refine.ls_percent_reflns_obs                    100.0 
_refine.ls_R_factor_obs                          0.262 
_refine.ls_R_factor_all                          0.262 
_refine.ls_R_factor_R_work                       0.261 
_refine.ls_R_factor_R_free                       0.307 
_refine.ls_R_factor_R_free_error                 0.019 
_refine.ls_R_factor_R_free_error_details         ? 
_refine.ls_percent_reflns_R_free                 4.5 
_refine.ls_number_reflns_R_free                  252 
_refine.ls_number_parameters                     ? 
_refine.ls_number_restraints                     ? 
_refine.occupancy_min                            ? 
_refine.occupancy_max                            ? 
_refine.correlation_coeff_Fo_to_Fc               ? 
_refine.correlation_coeff_Fo_to_Fc_free          ? 
_refine.B_iso_mean                               56.67 
_refine.aniso_B[1][1]                            4.09 
_refine.aniso_B[2][2]                            4.09 
_refine.aniso_B[3][3]                            -6.14 
_refine.aniso_B[1][2]                            2.05 
_refine.aniso_B[1][3]                            .00 
_refine.aniso_B[2][3]                            .00 
_refine.solvent_model_details                    'FLAT MODEL' 
_refine.solvent_model_param_ksol                 0.708042 
_refine.solvent_model_param_bsol                 102.977 
_refine.pdbx_solvent_vdw_probe_radii             1.20 
_refine.pdbx_solvent_ion_probe_radii             0.80 
_refine.pdbx_solvent_shrinkage_radii             0.80 
_refine.pdbx_ls_cross_valid_method               THROUGHOUT 
_refine.details                                  ? 
_refine.pdbx_starting_model                      3CWX 
_refine.pdbx_method_to_determine_struct          'MOLECULAR REPLACEMENT' 
_refine.pdbx_isotropic_thermal_model             RESTRAINED 
_refine.pdbx_stereochemistry_target_values       ? 
_refine.pdbx_stereochem_target_val_spec_case     ? 
_refine.pdbx_R_Free_selection_details            RANDOM 
_refine.pdbx_overall_ESU_R                       ? 
_refine.pdbx_overall_ESU_R_Free                  ? 
_refine.overall_SU_ML                            ? 
_refine.overall_SU_B                             ? 
_refine.ls_redundancy_reflns_obs                 ? 
_refine.B_iso_min                                ? 
_refine.B_iso_max                                ? 
_refine.overall_SU_R_Cruickshank_DPI             ? 
_refine.overall_SU_R_free                        ? 
_refine.ls_wR_factor_R_free                      ? 
_refine.ls_wR_factor_R_work                      ? 
_refine.overall_FOM_free_R_set                   ? 
_refine.overall_FOM_work_R_set                   ? 
_refine.pdbx_overall_phase_error                 ? 
_refine.pdbx_refine_id                           'X-RAY DIFFRACTION' 
_refine.pdbx_diffrn_id                           1 
_refine.pdbx_TLS_residual_ADP_flag               ? 
_refine.pdbx_overall_SU_R_free_Cruickshank_DPI   ? 
_refine.pdbx_overall_SU_R_Blow_DPI               ? 
_refine.pdbx_overall_SU_R_free_Blow_DPI          ? 
# 
_refine_analyze.entry_id                        3CWY 
_refine_analyze.Luzzati_coordinate_error_obs    0.39 
_refine_analyze.Luzzati_sigma_a_obs             0.33 
_refine_analyze.Luzzati_d_res_low_obs           5.00 
_refine_analyze.Luzzati_coordinate_error_free   0.47 
_refine_analyze.Luzzati_sigma_a_free            0.38 
_refine_analyze.Luzzati_d_res_low_free          ? 
_refine_analyze.number_disordered_residues      ? 
_refine_analyze.occupancy_sum_hydrogen          ? 
_refine_analyze.occupancy_sum_non_hydrogen      ? 
_refine_analyze.pdbx_Luzzati_d_res_high_obs     ? 
_refine_analyze.pdbx_refine_id                  'X-RAY DIFFRACTION' 
# 
_refine_hist.pdbx_refine_id                   'X-RAY DIFFRACTION' 
_refine_hist.cycle_id                         LAST 
_refine_hist.pdbx_number_atoms_protein        1075 
_refine_hist.pdbx_number_atoms_nucleic_acid   0 
_refine_hist.pdbx_number_atoms_ligand         1 
_refine_hist.number_atoms_solvent             11 
_refine_hist.number_atoms_total               1087 
_refine_hist.d_res_high                       2.75 
_refine_hist.d_res_low                        56.34 
# 
loop_
_refine_ls_restr.type 
_refine_ls_restr.dev_ideal 
_refine_ls_restr.dev_ideal_target 
_refine_ls_restr.weight 
_refine_ls_restr.number 
_refine_ls_restr.pdbx_refine_id 
_refine_ls_restr.pdbx_restraint_function 
c_bond_d           0.015 ?     ? ? 'X-RAY DIFFRACTION' ? 
c_angle_deg        1.59  ?     ? ? 'X-RAY DIFFRACTION' ? 
c_dihedral_angle_d 23.8  ?     ? ? 'X-RAY DIFFRACTION' ? 
c_improper_angle_d 0.75  ?     ? ? 'X-RAY DIFFRACTION' ? 
c_mcbond_it        1.478 2.000 ? ? 'X-RAY DIFFRACTION' ? 
c_mcangle_it       2.531 3.000 ? ? 'X-RAY DIFFRACTION' ? 
c_scbond_it        1.255 2.000 ? ? 'X-RAY DIFFRACTION' ? 
c_scangle_it       1.837 3.000 ? ? 'X-RAY DIFFRACTION' ? 
# 
_refine_ls_shell.pdbx_total_number_of_bins_used   20 
_refine_ls_shell.d_res_high                       2.75 
_refine_ls_shell.d_res_low                        2.82 
_refine_ls_shell.number_reflns_R_work             391 
_refine_ls_shell.R_factor_R_work                  0.292 
_refine_ls_shell.percent_reflns_obs               100.0 
_refine_ls_shell.R_factor_R_free                  0.350 
_refine_ls_shell.R_factor_R_free_error            0.046 
_refine_ls_shell.percent_reflns_R_free            6.0 
_refine_ls_shell.number_reflns_R_free             18 
_refine_ls_shell.number_reflns_all                ? 
_refine_ls_shell.R_factor_all                     ? 
_refine_ls_shell.number_reflns_obs                ? 
_refine_ls_shell.redundancy_reflns_obs            ? 
_refine_ls_shell.pdbx_refine_id                   'X-RAY DIFFRACTION' 
# 
loop_
_pdbx_xplor_file.serial_no 
_pdbx_xplor_file.param_file 
_pdbx_xplor_file.topol_file 
_pdbx_xplor_file.pdbx_refine_id 
1 protein_rep.param protein.top   'X-RAY DIFFRACTION' 
2 water_rep.param   water_rep.top 'X-RAY DIFFRACTION' 
3 ion.param         ion.top       'X-RAY DIFFRACTION' 
# 
_struct.entry_id                  3CWY 
_struct.title                     
'Structure of CagD from H. pylori pathogenicity island crystallized in the presence of Cu(II) ions' 
_struct.pdbx_model_details        ? 
_struct.pdbx_CASP_flag            N 
_struct.pdbx_model_type_details   ? 
# 
_struct_keywords.entry_id        3CWY 
_struct_keywords.pdbx_keywords   'UNKNOWN FUNCTION' 
_struct_keywords.text            'CagD, cag-pathogenicity island, Type IV secretion system, T4SS, UNKNOWN FUNCTION' 
# 
loop_
_struct_asym.id 
_struct_asym.pdbx_blank_PDB_chainid_flag 
_struct_asym.pdbx_modified 
_struct_asym.entity_id 
_struct_asym.details 
A N N 1 ? 
B N N 2 ? 
C N N 3 ? 
# 
_struct_ref.id                         1 
_struct_ref.entity_id                  1 
_struct_ref.db_name                    UNP 
_struct_ref.db_code                    P94837_HELPY 
_struct_ref.pdbx_db_accession          P94837 
_struct_ref.pdbx_align_begin           33 
_struct_ref.pdbx_seq_one_letter_code   
;NDDKEAKKEAQEKEKNTPNGLVYTNLDFDSFKATIKNLKDKKVTFKEVNPDIIKDEVFDFVIVNRVLKKIKDLKHYDPVI
EKIFDEKGKEMGLNVELQINPEVKDFFTFKSISTTNKQRCFLSLRGETREILCDDKLYNVLLAVFNSYDPNDLLKHISTV
ESLKKIFYTITCEAVY
;
_struct_ref.pdbx_db_isoform            ? 
# 
_struct_ref_seq.align_id                      1 
_struct_ref_seq.ref_id                        1 
_struct_ref_seq.pdbx_PDB_id_code              3CWY 
_struct_ref_seq.pdbx_strand_id                A 
_struct_ref_seq.seq_align_beg                 1 
_struct_ref_seq.pdbx_seq_align_beg_ins_code   ? 
_struct_ref_seq.seq_align_end                 176 
_struct_ref_seq.pdbx_seq_align_end_ins_code   ? 
_struct_ref_seq.pdbx_db_accession             P94837 
_struct_ref_seq.db_align_beg                  33 
_struct_ref_seq.pdbx_db_align_beg_ins_code    ? 
_struct_ref_seq.db_align_end                  208 
_struct_ref_seq.pdbx_db_align_end_ins_code    ? 
_struct_ref_seq.pdbx_auth_seq_align_beg       1 
_struct_ref_seq.pdbx_auth_seq_align_end       176 
# 
loop_
_struct_ref_seq_dif.align_id 
_struct_ref_seq_dif.pdbx_pdb_id_code 
_struct_ref_seq_dif.mon_id 
_struct_ref_seq_dif.pdbx_pdb_strand_id 
_struct_ref_seq_dif.seq_num 
_struct_ref_seq_dif.pdbx_pdb_ins_code 
_struct_ref_seq_dif.pdbx_seq_db_name 
_struct_ref_seq_dif.pdbx_seq_db_accession_code 
_struct_ref_seq_dif.db_mon_id 
_struct_ref_seq_dif.pdbx_seq_db_seq_num 
_struct_ref_seq_dif.details 
_struct_ref_seq_dif.pdbx_auth_seq_num 
_struct_ref_seq_dif.pdbx_ordinal 
1 3CWY MSE A 79  ? UNP P94837 VAL 111 'engineered mutation' 79  1 
1 3CWY ILE A 97  ? UNP P94837 LEU 129 'engineered mutation' 97  2 
1 3CWY ASN A 135 ? UNP P94837 ASP 167 'engineered mutation' 135 3 
1 3CWY MSE A 140 ? UNP P94837 VAL 172 'engineered mutation' 140 4 
# 
_pdbx_struct_assembly.id                   1 
_pdbx_struct_assembly.details              author_and_software_defined_assembly 
_pdbx_struct_assembly.method_details       PISA 
_pdbx_struct_assembly.oligomeric_details   dimeric 
_pdbx_struct_assembly.oligomeric_count     2 
# 
loop_
_pdbx_struct_assembly_prop.biol_id 
_pdbx_struct_assembly_prop.type 
_pdbx_struct_assembly_prop.value 
_pdbx_struct_assembly_prop.details 
1 'ABSA (A^2)' 2190  ? 
1 MORE         -32   ? 
1 'SSA (A^2)'  14950 ? 
# 
_pdbx_struct_assembly_gen.assembly_id       1 
_pdbx_struct_assembly_gen.oper_expression   1,2 
_pdbx_struct_assembly_gen.asym_id_list      A,B,C 
# 
loop_
_pdbx_struct_oper_list.id 
_pdbx_struct_oper_list.type 
_pdbx_struct_oper_list.name 
_pdbx_struct_oper_list.symmetry_operation 
_pdbx_struct_oper_list.matrix[1][1] 
_pdbx_struct_oper_list.matrix[1][2] 
_pdbx_struct_oper_list.matrix[1][3] 
_pdbx_struct_oper_list.vector[1] 
_pdbx_struct_oper_list.matrix[2][1] 
_pdbx_struct_oper_list.matrix[2][2] 
_pdbx_struct_oper_list.matrix[2][3] 
_pdbx_struct_oper_list.vector[2] 
_pdbx_struct_oper_list.matrix[3][1] 
_pdbx_struct_oper_list.matrix[3][2] 
_pdbx_struct_oper_list.matrix[3][3] 
_pdbx_struct_oper_list.vector[3] 
1 'identity operation'         1_555  x,y,z     1.0000000000  0.0000000000  0.0000000000  0.0000000000   0.0000000000  1.0000000000  0.0000000000 0.0000000000 0.0000000000  0.0000000000 1.0000000000 0.0000000000  
2 'crystal symmetry operation' 11_555 -x+y,y,-z -0.9165122108 -0.2086527724 -0.3412761171 -29.5438497987 -0.2086527724 -0.4785347674 0.8529176379 0.4932516963 -0.3412761171 0.8529176379 0.3950469781 -7.5290033810 
# 
_struct_biol.id        1 
_struct_biol.details   ? 
# 
loop_
_struct_conf.conf_type_id 
_struct_conf.id 
_struct_conf.pdbx_PDB_helix_id 
_struct_conf.beg_label_comp_id 
_struct_conf.beg_label_asym_id 
_struct_conf.beg_label_seq_id 
_struct_conf.pdbx_beg_PDB_ins_code 
_struct_conf.end_label_comp_id 
_struct_conf.end_label_asym_id 
_struct_conf.end_label_seq_id 
_struct_conf.pdbx_end_PDB_ins_code 
_struct_conf.beg_auth_comp_id 
_struct_conf.beg_auth_asym_id 
_struct_conf.beg_auth_seq_id 
_struct_conf.end_auth_comp_id 
_struct_conf.end_auth_asym_id 
_struct_conf.end_auth_seq_id 
_struct_conf.pdbx_PDB_helix_class 
_struct_conf.details 
_struct_conf.pdbx_PDB_helix_length 
HELX_P HELX_P1 1 PHE A 60  ? VAL A 66  ? PHE A 60  VAL A 66  1 ? 7  
HELX_P HELX_P2 2 LEU A 67  ? ILE A 70  ? LEU A 67  ILE A 70  5 ? 4  
HELX_P HELX_P3 3 ASP A 72  ? ASP A 77  ? ASP A 72  ASP A 77  5 ? 6  
HELX_P HELX_P4 4 ASP A 134 ? ASN A 146 ? ASP A 134 ASN A 146 1 ? 13 
HELX_P HELX_P5 5 SER A 147 ? TYR A 148 ? SER A 147 TYR A 148 5 ? 2  
HELX_P HELX_P6 6 ASP A 149 ? ASN A 151 ? ASP A 149 ASN A 151 5 ? 3  
HELX_P HELX_P7 7 ASP A 152 ? THR A 169 ? ASP A 152 THR A 169 1 ? 18 
# 
_struct_conf_type.id          HELX_P 
_struct_conf_type.criteria    ? 
_struct_conf_type.reference   ? 
# 
loop_
_struct_conn.id 
_struct_conn.conn_type_id 
_struct_conn.pdbx_leaving_atom_flag 
_struct_conn.pdbx_PDB_id 
_struct_conn.ptnr1_label_asym_id 
_struct_conn.ptnr1_label_comp_id 
_struct_conn.ptnr1_label_seq_id 
_struct_conn.ptnr1_label_atom_id 
_struct_conn.pdbx_ptnr1_label_alt_id 
_struct_conn.pdbx_ptnr1_PDB_ins_code 
_struct_conn.pdbx_ptnr1_standard_comp_id 
_struct_conn.ptnr1_symmetry 
_struct_conn.ptnr2_label_asym_id 
_struct_conn.ptnr2_label_comp_id 
_struct_conn.ptnr2_label_seq_id 
_struct_conn.ptnr2_label_atom_id 
_struct_conn.pdbx_ptnr2_label_alt_id 
_struct_conn.pdbx_ptnr2_PDB_ins_code 
_struct_conn.ptnr1_auth_asym_id 
_struct_conn.ptnr1_auth_comp_id 
_struct_conn.ptnr1_auth_seq_id 
_struct_conn.ptnr2_auth_asym_id 
_struct_conn.ptnr2_auth_comp_id 
_struct_conn.ptnr2_auth_seq_id 
_struct_conn.ptnr2_symmetry 
_struct_conn.pdbx_ptnr3_label_atom_id 
_struct_conn.pdbx_ptnr3_label_seq_id 
_struct_conn.pdbx_ptnr3_label_comp_id 
_struct_conn.pdbx_ptnr3_label_asym_id 
_struct_conn.pdbx_ptnr3_label_alt_id 
_struct_conn.pdbx_ptnr3_PDB_ins_code 
_struct_conn.details 
_struct_conn.pdbx_dist_value 
_struct_conn.pdbx_value_order 
_struct_conn.pdbx_role 
disulf1 disulf ?    ? A CYS 120 SG  ? ? ? 1_555 A CYS 133 SG ? ? A CYS 120 A CYS 133 1_555 ? ? ? ? ? ? ? 2.089 ? ? 
covale1 covale both ? A PRO 78  C   ? ? ? 1_555 A MSE 79  N  ? ? A PRO 78  A MSE 79  1_555 ? ? ? ? ? ? ? 1.323 ? ? 
covale2 covale both ? A MSE 79  C   ? ? ? 1_555 A ILE 80  N  ? ? A MSE 79  A ILE 80  1_555 ? ? ? ? ? ? ? 1.322 ? ? 
covale3 covale both ? A GLU 90  C   ? ? ? 1_555 A MSE 91  N  ? ? A GLU 90  A MSE 91  1_555 ? ? ? ? ? ? ? 1.334 ? ? 
covale4 covale both ? A MSE 91  C   ? ? ? 1_555 A GLY 92  N  ? ? A MSE 91  A GLY 92  1_555 ? ? ? ? ? ? ? 1.319 ? ? 
covale5 covale both ? A ASN 139 C   ? ? ? 1_555 A MSE 140 N  ? ? A ASN 139 A MSE 140 1_555 ? ? ? ? ? ? ? 1.320 ? ? 
covale6 covale both ? A MSE 140 C   ? ? ? 1_555 A LEU 141 N  ? ? A MSE 140 A LEU 141 1_555 ? ? ? ? ? ? ? 1.320 ? ? 
metalc1 metalc ?    ? A HIS 156 NE2 ? ? ? 1_555 B CU  .   CU ? ? A HIS 156 A CU  201 1_555 ? ? ? ? ? ? ? 2.130 ? ? 
# 
loop_
_struct_conn_type.id 
_struct_conn_type.criteria 
_struct_conn_type.reference 
disulf ? ? 
covale ? ? 
metalc ? ? 
# 
loop_
_pdbx_modification_feature.ordinal 
_pdbx_modification_feature.label_comp_id 
_pdbx_modification_feature.label_asym_id 
_pdbx_modification_feature.label_seq_id 
_pdbx_modification_feature.label_alt_id 
_pdbx_modification_feature.modified_residue_label_comp_id 
_pdbx_modification_feature.modified_residue_label_asym_id 
_pdbx_modification_feature.modified_residue_label_seq_id 
_pdbx_modification_feature.modified_residue_label_alt_id 
_pdbx_modification_feature.auth_comp_id 
_pdbx_modification_feature.auth_asym_id 
_pdbx_modification_feature.auth_seq_id 
_pdbx_modification_feature.PDB_ins_code 
_pdbx_modification_feature.symmetry 
_pdbx_modification_feature.modified_residue_auth_comp_id 
_pdbx_modification_feature.modified_residue_auth_asym_id 
_pdbx_modification_feature.modified_residue_auth_seq_id 
_pdbx_modification_feature.modified_residue_PDB_ins_code 
_pdbx_modification_feature.modified_residue_symmetry 
_pdbx_modification_feature.comp_id_linking_atom 
_pdbx_modification_feature.modified_residue_id_linking_atom 
_pdbx_modification_feature.modified_residue_id 
_pdbx_modification_feature.ref_pcm_id 
_pdbx_modification_feature.ref_comp_id 
_pdbx_modification_feature.type 
_pdbx_modification_feature.category 
1 MSE A 79  ? .   . .   . MSE A 79  ? 1_555 .   . .   . .     .  .  MET 1 MSE Selenomethionine 'Named protein modification' 
2 MSE A 91  ? .   . .   . MSE A 91  ? 1_555 .   . .   . .     .  .  MET 1 MSE Selenomethionine 'Named protein modification' 
3 MSE A 140 ? .   . .   . MSE A 140 ? 1_555 .   . .   . .     .  .  MET 1 MSE Selenomethionine 'Named protein modification' 
4 CYS A 120 ? CYS A 133 ? CYS A 120 ? 1_555 CYS A 133 ? 1_555 SG SG .   . .   None             'Disulfide bridge'           
# 
_struct_sheet.id               A 
_struct_sheet.type             ? 
_struct_sheet.number_strands   5 
_struct_sheet.details          ? 
# 
loop_
_struct_sheet_order.sheet_id 
_struct_sheet_order.range_id_1 
_struct_sheet_order.range_id_2 
_struct_sheet_order.offset 
_struct_sheet_order.sense 
A 1 2 ? anti-parallel 
A 2 3 ? anti-parallel 
A 3 4 ? anti-parallel 
A 4 5 ? anti-parallel 
# 
loop_
_struct_sheet_range.sheet_id 
_struct_sheet_range.id 
_struct_sheet_range.beg_label_comp_id 
_struct_sheet_range.beg_label_asym_id 
_struct_sheet_range.beg_label_seq_id 
_struct_sheet_range.pdbx_beg_PDB_ins_code 
_struct_sheet_range.end_label_comp_id 
_struct_sheet_range.end_label_asym_id 
_struct_sheet_range.end_label_seq_id 
_struct_sheet_range.pdbx_end_PDB_ins_code 
_struct_sheet_range.beg_auth_comp_id 
_struct_sheet_range.beg_auth_asym_id 
_struct_sheet_range.beg_auth_seq_id 
_struct_sheet_range.end_auth_comp_id 
_struct_sheet_range.end_auth_asym_id 
_struct_sheet_range.end_auth_seq_id 
A 1 MSE A 79  ? ILE A 83  ? MSE A 79  ILE A 83  
A 2 GLY A 92  ? GLN A 98  ? GLY A 92  GLN A 98  
A 3 PHE A 107 ? SER A 113 ? PHE A 107 SER A 113 
A 4 GLN A 118 ? LEU A 124 ? GLN A 118 LEU A 124 
A 5 GLU A 127 ? ILE A 131 ? GLU A 127 ILE A 131 
# 
loop_
_pdbx_struct_sheet_hbond.sheet_id 
_pdbx_struct_sheet_hbond.range_id_1 
_pdbx_struct_sheet_hbond.range_id_2 
_pdbx_struct_sheet_hbond.range_1_label_atom_id 
_pdbx_struct_sheet_hbond.range_1_label_comp_id 
_pdbx_struct_sheet_hbond.range_1_label_asym_id 
_pdbx_struct_sheet_hbond.range_1_label_seq_id 
_pdbx_struct_sheet_hbond.range_1_PDB_ins_code 
_pdbx_struct_sheet_hbond.range_1_auth_atom_id 
_pdbx_struct_sheet_hbond.range_1_auth_comp_id 
_pdbx_struct_sheet_hbond.range_1_auth_asym_id 
_pdbx_struct_sheet_hbond.range_1_auth_seq_id 
_pdbx_struct_sheet_hbond.range_2_label_atom_id 
_pdbx_struct_sheet_hbond.range_2_label_comp_id 
_pdbx_struct_sheet_hbond.range_2_label_asym_id 
_pdbx_struct_sheet_hbond.range_2_label_seq_id 
_pdbx_struct_sheet_hbond.range_2_PDB_ins_code 
_pdbx_struct_sheet_hbond.range_2_auth_atom_id 
_pdbx_struct_sheet_hbond.range_2_auth_comp_id 
_pdbx_struct_sheet_hbond.range_2_auth_asym_id 
_pdbx_struct_sheet_hbond.range_2_auth_seq_id 
A 1 2 N ILE A 83  ? N ILE A 83  O GLY A 92  ? O GLY A 92  
A 2 3 N ILE A 97  ? N ILE A 97  O PHE A 109 ? O PHE A 109 
A 3 4 N ILE A 112 ? N ILE A 112 O ARG A 119 ? O ARG A 119 
A 4 5 N CYS A 120 ? N CYS A 120 O ILE A 131 ? O ILE A 131 
# 
_struct_site.id                   AC1 
_struct_site.pdbx_evidence_code   Software 
_struct_site.pdbx_auth_asym_id    A 
_struct_site.pdbx_auth_comp_id    CU 
_struct_site.pdbx_auth_seq_id     201 
_struct_site.pdbx_auth_ins_code   ? 
_struct_site.pdbx_num_residues    2 
_struct_site.details              'BINDING SITE FOR RESIDUE CU A 201' 
# 
loop_
_struct_site_gen.id 
_struct_site_gen.site_id 
_struct_site_gen.pdbx_num_res 
_struct_site_gen.label_comp_id 
_struct_site_gen.label_asym_id 
_struct_site_gen.label_seq_id 
_struct_site_gen.pdbx_auth_ins_code 
_struct_site_gen.auth_comp_id 
_struct_site_gen.auth_asym_id 
_struct_site_gen.auth_seq_id 
_struct_site_gen.label_atom_id 
_struct_site_gen.label_alt_id 
_struct_site_gen.symmetry 
_struct_site_gen.details 
1 AC1 2 HIS A 156 ? HIS A 156 . ? 1_555 ? 
2 AC1 2 HOH C .   ? HOH A 303 . ? 1_555 ? 
# 
_pdbx_entry_details.entry_id                   3CWY 
_pdbx_entry_details.compound_details           ? 
_pdbx_entry_details.source_details             ? 
_pdbx_entry_details.nonpolymer_details         ? 
_pdbx_entry_details.sequence_details           ? 
_pdbx_entry_details.has_ligand_of_interest     ? 
_pdbx_entry_details.has_protein_modification   Y 
# 
_pdbx_validate_close_contact.id               1 
_pdbx_validate_close_contact.PDB_model_num    1 
_pdbx_validate_close_contact.auth_atom_id_1   NE2 
_pdbx_validate_close_contact.auth_asym_id_1   A 
_pdbx_validate_close_contact.auth_comp_id_1   HIS 
_pdbx_validate_close_contact.auth_seq_id_1    75 
_pdbx_validate_close_contact.PDB_ins_code_1   ? 
_pdbx_validate_close_contact.label_alt_id_1   ? 
_pdbx_validate_close_contact.auth_atom_id_2   O 
_pdbx_validate_close_contact.auth_asym_id_2   A 
_pdbx_validate_close_contact.auth_comp_id_2   HOH 
_pdbx_validate_close_contact.auth_seq_id_2    303 
_pdbx_validate_close_contact.PDB_ins_code_2   ? 
_pdbx_validate_close_contact.label_alt_id_2   ? 
_pdbx_validate_close_contact.dist             1.59 
# 
_pdbx_validate_symm_contact.id                1 
_pdbx_validate_symm_contact.PDB_model_num     1 
_pdbx_validate_symm_contact.auth_atom_id_1    SG 
_pdbx_validate_symm_contact.auth_asym_id_1    A 
_pdbx_validate_symm_contact.auth_comp_id_1    CYS 
_pdbx_validate_symm_contact.auth_seq_id_1     172 
_pdbx_validate_symm_contact.PDB_ins_code_1    ? 
_pdbx_validate_symm_contact.label_alt_id_1    ? 
_pdbx_validate_symm_contact.site_symmetry_1   1_555 
_pdbx_validate_symm_contact.auth_atom_id_2    SG 
_pdbx_validate_symm_contact.auth_asym_id_2    A 
_pdbx_validate_symm_contact.auth_comp_id_2    CYS 
_pdbx_validate_symm_contact.auth_seq_id_2     172 
_pdbx_validate_symm_contact.PDB_ins_code_2    ? 
_pdbx_validate_symm_contact.label_alt_id_2    ? 
_pdbx_validate_symm_contact.site_symmetry_2   11_555 
_pdbx_validate_symm_contact.dist              1.94 
# 
_pdbx_validate_rmsd_angle.id                         1 
_pdbx_validate_rmsd_angle.PDB_model_num              1 
_pdbx_validate_rmsd_angle.auth_atom_id_1             CB 
_pdbx_validate_rmsd_angle.auth_asym_id_1             A 
_pdbx_validate_rmsd_angle.auth_comp_id_1             LYS 
_pdbx_validate_rmsd_angle.auth_seq_id_1              87 
_pdbx_validate_rmsd_angle.PDB_ins_code_1             ? 
_pdbx_validate_rmsd_angle.label_alt_id_1             ? 
_pdbx_validate_rmsd_angle.auth_atom_id_2             CA 
_pdbx_validate_rmsd_angle.auth_asym_id_2             A 
_pdbx_validate_rmsd_angle.auth_comp_id_2             LYS 
_pdbx_validate_rmsd_angle.auth_seq_id_2              87 
_pdbx_validate_rmsd_angle.PDB_ins_code_2             ? 
_pdbx_validate_rmsd_angle.label_alt_id_2             ? 
_pdbx_validate_rmsd_angle.auth_atom_id_3             C 
_pdbx_validate_rmsd_angle.auth_asym_id_3             A 
_pdbx_validate_rmsd_angle.auth_comp_id_3             LYS 
_pdbx_validate_rmsd_angle.auth_seq_id_3              87 
_pdbx_validate_rmsd_angle.PDB_ins_code_3             ? 
_pdbx_validate_rmsd_angle.label_alt_id_3             ? 
_pdbx_validate_rmsd_angle.angle_value                96.80 
_pdbx_validate_rmsd_angle.angle_target_value         110.40 
_pdbx_validate_rmsd_angle.angle_deviation            -13.60 
_pdbx_validate_rmsd_angle.angle_standard_deviation   2.00 
_pdbx_validate_rmsd_angle.linker_flag                N 
# 
loop_
_pdbx_validate_torsion.id 
_pdbx_validate_torsion.PDB_model_num 
_pdbx_validate_torsion.auth_comp_id 
_pdbx_validate_torsion.auth_asym_id 
_pdbx_validate_torsion.auth_seq_id 
_pdbx_validate_torsion.PDB_ins_code 
_pdbx_validate_torsion.label_alt_id 
_pdbx_validate_torsion.phi 
_pdbx_validate_torsion.psi 
1  1 PRO A 50  ? ? -44.89  -145.82 
2  1 ASP A 51  ? ? -167.12 -32.44  
3  1 LYS A 54  ? ? -60.61  26.97   
4  1 ASP A 55  ? ? -135.21 -117.95 
5  1 ASP A 59  ? ? -91.72  51.17   
6  1 VAL A 66  ? ? -120.89 -60.92  
7  1 PHE A 84  ? ? 152.63  169.55  
8  1 ASP A 85  ? ? 65.13   86.58   
9  1 GLU A 86  ? ? -170.83 16.33   
10 1 LYS A 87  ? ? 99.17   -23.15  
11 1 LYS A 89  ? ? -166.96 89.75   
12 1 GLU A 90  ? ? 71.22   96.20   
13 1 MSE A 91  ? ? -145.14 -54.92  
14 1 THR A 115 ? ? -8.37   -69.27  
15 1 ASP A 149 ? ? 178.41  110.06  
16 1 TYR A 168 ? ? -46.40  -11.04  
# 
loop_
_pdbx_struct_mod_residue.id 
_pdbx_struct_mod_residue.label_asym_id 
_pdbx_struct_mod_residue.label_comp_id 
_pdbx_struct_mod_residue.label_seq_id 
_pdbx_struct_mod_residue.auth_asym_id 
_pdbx_struct_mod_residue.auth_comp_id 
_pdbx_struct_mod_residue.auth_seq_id 
_pdbx_struct_mod_residue.PDB_ins_code 
_pdbx_struct_mod_residue.parent_comp_id 
_pdbx_struct_mod_residue.details 
1 A MSE 79  A MSE 79  ? MET SELENOMETHIONINE 
2 A MSE 91  A MSE 91  ? MET SELENOMETHIONINE 
3 A MSE 140 A MSE 140 ? MET SELENOMETHIONINE 
# 
loop_
_pdbx_unobs_or_zero_occ_residues.id 
_pdbx_unobs_or_zero_occ_residues.PDB_model_num 
_pdbx_unobs_or_zero_occ_residues.polymer_flag 
_pdbx_unobs_or_zero_occ_residues.occupancy_flag 
_pdbx_unobs_or_zero_occ_residues.auth_asym_id 
_pdbx_unobs_or_zero_occ_residues.auth_comp_id 
_pdbx_unobs_or_zero_occ_residues.auth_seq_id 
_pdbx_unobs_or_zero_occ_residues.PDB_ins_code 
_pdbx_unobs_or_zero_occ_residues.label_asym_id 
_pdbx_unobs_or_zero_occ_residues.label_comp_id 
_pdbx_unobs_or_zero_occ_residues.label_seq_id 
1  1 Y 1 A ASN 1  ? A ASN 1  
2  1 Y 1 A ASP 2  ? A ASP 2  
3  1 Y 1 A ASP 3  ? A ASP 3  
4  1 Y 1 A LYS 4  ? A LYS 4  
5  1 Y 1 A GLU 5  ? A GLU 5  
6  1 Y 1 A ALA 6  ? A ALA 6  
7  1 Y 1 A LYS 7  ? A LYS 7  
8  1 Y 1 A LYS 8  ? A LYS 8  
9  1 Y 1 A GLU 9  ? A GLU 9  
10 1 Y 1 A ALA 10 ? A ALA 10 
11 1 Y 1 A GLN 11 ? A GLN 11 
12 1 Y 1 A GLU 12 ? A GLU 12 
13 1 Y 1 A LYS 13 ? A LYS 13 
14 1 Y 1 A GLU 14 ? A GLU 14 
15 1 Y 1 A LYS 15 ? A LYS 15 
16 1 Y 1 A ASN 16 ? A ASN 16 
17 1 Y 1 A THR 17 ? A THR 17 
18 1 Y 1 A PRO 18 ? A PRO 18 
19 1 Y 1 A ASN 19 ? A ASN 19 
20 1 Y 1 A GLY 20 ? A GLY 20 
21 1 Y 1 A LEU 21 ? A LEU 21 
22 1 Y 1 A VAL 22 ? A VAL 22 
23 1 Y 1 A TYR 23 ? A TYR 23 
24 1 Y 1 A THR 24 ? A THR 24 
25 1 Y 1 A ASN 25 ? A ASN 25 
26 1 Y 1 A LEU 26 ? A LEU 26 
27 1 Y 1 A ASP 27 ? A ASP 27 
28 1 Y 1 A PHE 28 ? A PHE 28 
29 1 Y 1 A ASP 29 ? A ASP 29 
30 1 Y 1 A SER 30 ? A SER 30 
31 1 Y 1 A PHE 31 ? A PHE 31 
32 1 Y 1 A LYS 32 ? A LYS 32 
33 1 Y 1 A ALA 33 ? A ALA 33 
34 1 Y 1 A THR 34 ? A THR 34 
35 1 Y 1 A ILE 35 ? A ILE 35 
36 1 Y 1 A LYS 36 ? A LYS 36 
37 1 Y 1 A ASN 37 ? A ASN 37 
38 1 Y 1 A LEU 38 ? A LEU 38 
39 1 Y 1 A LYS 39 ? A LYS 39 
40 1 Y 1 A ASP 40 ? A ASP 40 
41 1 Y 1 A LYS 41 ? A LYS 41 
42 1 Y 1 A LYS 42 ? A LYS 42 
43 1 Y 1 A VAL 43 ? A VAL 43 
44 1 Y 1 A THR 44 ? A THR 44 
45 1 Y 1 A PHE 45 ? A PHE 45 
46 1 Y 1 A LYS 46 ? A LYS 46 
# 
loop_
_chem_comp_atom.comp_id 
_chem_comp_atom.atom_id 
_chem_comp_atom.type_symbol 
_chem_comp_atom.pdbx_aromatic_flag 
_chem_comp_atom.pdbx_stereo_config 
_chem_comp_atom.pdbx_ordinal 
ALA N    N  N N 1   
ALA CA   C  N S 2   
ALA C    C  N N 3   
ALA O    O  N N 4   
ALA CB   C  N N 5   
ALA OXT  O  N N 6   
ALA H    H  N N 7   
ALA H2   H  N N 8   
ALA HA   H  N N 9   
ALA HB1  H  N N 10  
ALA HB2  H  N N 11  
ALA HB3  H  N N 12  
ALA HXT  H  N N 13  
ARG N    N  N N 14  
ARG CA   C  N S 15  
ARG C    C  N N 16  
ARG O    O  N N 17  
ARG CB   C  N N 18  
ARG CG   C  N N 19  
ARG CD   C  N N 20  
ARG NE   N  N N 21  
ARG CZ   C  N N 22  
ARG NH1  N  N N 23  
ARG NH2  N  N N 24  
ARG OXT  O  N N 25  
ARG H    H  N N 26  
ARG H2   H  N N 27  
ARG HA   H  N N 28  
ARG HB2  H  N N 29  
ARG HB3  H  N N 30  
ARG HG2  H  N N 31  
ARG HG3  H  N N 32  
ARG HD2  H  N N 33  
ARG HD3  H  N N 34  
ARG HE   H  N N 35  
ARG HH11 H  N N 36  
ARG HH12 H  N N 37  
ARG HH21 H  N N 38  
ARG HH22 H  N N 39  
ARG HXT  H  N N 40  
ASN N    N  N N 41  
ASN CA   C  N S 42  
ASN C    C  N N 43  
ASN O    O  N N 44  
ASN CB   C  N N 45  
ASN CG   C  N N 46  
ASN OD1  O  N N 47  
ASN ND2  N  N N 48  
ASN OXT  O  N N 49  
ASN H    H  N N 50  
ASN H2   H  N N 51  
ASN HA   H  N N 52  
ASN HB2  H  N N 53  
ASN HB3  H  N N 54  
ASN HD21 H  N N 55  
ASN HD22 H  N N 56  
ASN HXT  H  N N 57  
ASP N    N  N N 58  
ASP CA   C  N S 59  
ASP C    C  N N 60  
ASP O    O  N N 61  
ASP CB   C  N N 62  
ASP CG   C  N N 63  
ASP OD1  O  N N 64  
ASP OD2  O  N N 65  
ASP OXT  O  N N 66  
ASP H    H  N N 67  
ASP H2   H  N N 68  
ASP HA   H  N N 69  
ASP HB2  H  N N 70  
ASP HB3  H  N N 71  
ASP HD2  H  N N 72  
ASP HXT  H  N N 73  
CU  CU   CU N N 74  
CYS N    N  N N 75  
CYS CA   C  N R 76  
CYS C    C  N N 77  
CYS O    O  N N 78  
CYS CB   C  N N 79  
CYS SG   S  N N 80  
CYS OXT  O  N N 81  
CYS H    H  N N 82  
CYS H2   H  N N 83  
CYS HA   H  N N 84  
CYS HB2  H  N N 85  
CYS HB3  H  N N 86  
CYS HG   H  N N 87  
CYS HXT  H  N N 88  
GLN N    N  N N 89  
GLN CA   C  N S 90  
GLN C    C  N N 91  
GLN O    O  N N 92  
GLN CB   C  N N 93  
GLN CG   C  N N 94  
GLN CD   C  N N 95  
GLN OE1  O  N N 96  
GLN NE2  N  N N 97  
GLN OXT  O  N N 98  
GLN H    H  N N 99  
GLN H2   H  N N 100 
GLN HA   H  N N 101 
GLN HB2  H  N N 102 
GLN HB3  H  N N 103 
GLN HG2  H  N N 104 
GLN HG3  H  N N 105 
GLN HE21 H  N N 106 
GLN HE22 H  N N 107 
GLN HXT  H  N N 108 
GLU N    N  N N 109 
GLU CA   C  N S 110 
GLU C    C  N N 111 
GLU O    O  N N 112 
GLU CB   C  N N 113 
GLU CG   C  N N 114 
GLU CD   C  N N 115 
GLU OE1  O  N N 116 
GLU OE2  O  N N 117 
GLU OXT  O  N N 118 
GLU H    H  N N 119 
GLU H2   H  N N 120 
GLU HA   H  N N 121 
GLU HB2  H  N N 122 
GLU HB3  H  N N 123 
GLU HG2  H  N N 124 
GLU HG3  H  N N 125 
GLU HE2  H  N N 126 
GLU HXT  H  N N 127 
GLY N    N  N N 128 
GLY CA   C  N N 129 
GLY C    C  N N 130 
GLY O    O  N N 131 
GLY OXT  O  N N 132 
GLY H    H  N N 133 
GLY H2   H  N N 134 
GLY HA2  H  N N 135 
GLY HA3  H  N N 136 
GLY HXT  H  N N 137 
HIS N    N  N N 138 
HIS CA   C  N S 139 
HIS C    C  N N 140 
HIS O    O  N N 141 
HIS CB   C  N N 142 
HIS CG   C  Y N 143 
HIS ND1  N  Y N 144 
HIS CD2  C  Y N 145 
HIS CE1  C  Y N 146 
HIS NE2  N  Y N 147 
HIS OXT  O  N N 148 
HIS H    H  N N 149 
HIS H2   H  N N 150 
HIS HA   H  N N 151 
HIS HB2  H  N N 152 
HIS HB3  H  N N 153 
HIS HD1  H  N N 154 
HIS HD2  H  N N 155 
HIS HE1  H  N N 156 
HIS HE2  H  N N 157 
HIS HXT  H  N N 158 
HOH O    O  N N 159 
HOH H1   H  N N 160 
HOH H2   H  N N 161 
ILE N    N  N N 162 
ILE CA   C  N S 163 
ILE C    C  N N 164 
ILE O    O  N N 165 
ILE CB   C  N S 166 
ILE CG1  C  N N 167 
ILE CG2  C  N N 168 
ILE CD1  C  N N 169 
ILE OXT  O  N N 170 
ILE H    H  N N 171 
ILE H2   H  N N 172 
ILE HA   H  N N 173 
ILE HB   H  N N 174 
ILE HG12 H  N N 175 
ILE HG13 H  N N 176 
ILE HG21 H  N N 177 
ILE HG22 H  N N 178 
ILE HG23 H  N N 179 
ILE HD11 H  N N 180 
ILE HD12 H  N N 181 
ILE HD13 H  N N 182 
ILE HXT  H  N N 183 
LEU N    N  N N 184 
LEU CA   C  N S 185 
LEU C    C  N N 186 
LEU O    O  N N 187 
LEU CB   C  N N 188 
LEU CG   C  N N 189 
LEU CD1  C  N N 190 
LEU CD2  C  N N 191 
LEU OXT  O  N N 192 
LEU H    H  N N 193 
LEU H2   H  N N 194 
LEU HA   H  N N 195 
LEU HB2  H  N N 196 
LEU HB3  H  N N 197 
LEU HG   H  N N 198 
LEU HD11 H  N N 199 
LEU HD12 H  N N 200 
LEU HD13 H  N N 201 
LEU HD21 H  N N 202 
LEU HD22 H  N N 203 
LEU HD23 H  N N 204 
LEU HXT  H  N N 205 
LYS N    N  N N 206 
LYS CA   C  N S 207 
LYS C    C  N N 208 
LYS O    O  N N 209 
LYS CB   C  N N 210 
LYS CG   C  N N 211 
LYS CD   C  N N 212 
LYS CE   C  N N 213 
LYS NZ   N  N N 214 
LYS OXT  O  N N 215 
LYS H    H  N N 216 
LYS H2   H  N N 217 
LYS HA   H  N N 218 
LYS HB2  H  N N 219 
LYS HB3  H  N N 220 
LYS HG2  H  N N 221 
LYS HG3  H  N N 222 
LYS HD2  H  N N 223 
LYS HD3  H  N N 224 
LYS HE2  H  N N 225 
LYS HE3  H  N N 226 
LYS HZ1  H  N N 227 
LYS HZ2  H  N N 228 
LYS HZ3  H  N N 229 
LYS HXT  H  N N 230 
MSE N    N  N N 231 
MSE CA   C  N S 232 
MSE C    C  N N 233 
MSE O    O  N N 234 
MSE OXT  O  N N 235 
MSE CB   C  N N 236 
MSE CG   C  N N 237 
MSE SE   SE N N 238 
MSE CE   C  N N 239 
MSE H    H  N N 240 
MSE H2   H  N N 241 
MSE HA   H  N N 242 
MSE HXT  H  N N 243 
MSE HB2  H  N N 244 
MSE HB3  H  N N 245 
MSE HG2  H  N N 246 
MSE HG3  H  N N 247 
MSE HE1  H  N N 248 
MSE HE2  H  N N 249 
MSE HE3  H  N N 250 
PHE N    N  N N 251 
PHE CA   C  N S 252 
PHE C    C  N N 253 
PHE O    O  N N 254 
PHE CB   C  N N 255 
PHE CG   C  Y N 256 
PHE CD1  C  Y N 257 
PHE CD2  C  Y N 258 
PHE CE1  C  Y N 259 
PHE CE2  C  Y N 260 
PHE CZ   C  Y N 261 
PHE OXT  O  N N 262 
PHE H    H  N N 263 
PHE H2   H  N N 264 
PHE HA   H  N N 265 
PHE HB2  H  N N 266 
PHE HB3  H  N N 267 
PHE HD1  H  N N 268 
PHE HD2  H  N N 269 
PHE HE1  H  N N 270 
PHE HE2  H  N N 271 
PHE HZ   H  N N 272 
PHE HXT  H  N N 273 
PRO N    N  N N 274 
PRO CA   C  N S 275 
PRO C    C  N N 276 
PRO O    O  N N 277 
PRO CB   C  N N 278 
PRO CG   C  N N 279 
PRO CD   C  N N 280 
PRO OXT  O  N N 281 
PRO H    H  N N 282 
PRO HA   H  N N 283 
PRO HB2  H  N N 284 
PRO HB3  H  N N 285 
PRO HG2  H  N N 286 
PRO HG3  H  N N 287 
PRO HD2  H  N N 288 
PRO HD3  H  N N 289 
PRO HXT  H  N N 290 
SER N    N  N N 291 
SER CA   C  N S 292 
SER C    C  N N 293 
SER O    O  N N 294 
SER CB   C  N N 295 
SER OG   O  N N 296 
SER OXT  O  N N 297 
SER H    H  N N 298 
SER H2   H  N N 299 
SER HA   H  N N 300 
SER HB2  H  N N 301 
SER HB3  H  N N 302 
SER HG   H  N N 303 
SER HXT  H  N N 304 
THR N    N  N N 305 
THR CA   C  N S 306 
THR C    C  N N 307 
THR O    O  N N 308 
THR CB   C  N R 309 
THR OG1  O  N N 310 
THR CG2  C  N N 311 
THR OXT  O  N N 312 
THR H    H  N N 313 
THR H2   H  N N 314 
THR HA   H  N N 315 
THR HB   H  N N 316 
THR HG1  H  N N 317 
THR HG21 H  N N 318 
THR HG22 H  N N 319 
THR HG23 H  N N 320 
THR HXT  H  N N 321 
TYR N    N  N N 322 
TYR CA   C  N S 323 
TYR C    C  N N 324 
TYR O    O  N N 325 
TYR CB   C  N N 326 
TYR CG   C  Y N 327 
TYR CD1  C  Y N 328 
TYR CD2  C  Y N 329 
TYR CE1  C  Y N 330 
TYR CE2  C  Y N 331 
TYR CZ   C  Y N 332 
TYR OH   O  N N 333 
TYR OXT  O  N N 334 
TYR H    H  N N 335 
TYR H2   H  N N 336 
TYR HA   H  N N 337 
TYR HB2  H  N N 338 
TYR HB3  H  N N 339 
TYR HD1  H  N N 340 
TYR HD2  H  N N 341 
TYR HE1  H  N N 342 
TYR HE2  H  N N 343 
TYR HH   H  N N 344 
TYR HXT  H  N N 345 
VAL N    N  N N 346 
VAL CA   C  N S 347 
VAL C    C  N N 348 
VAL O    O  N N 349 
VAL CB   C  N N 350 
VAL CG1  C  N N 351 
VAL CG2  C  N N 352 
VAL OXT  O  N N 353 
VAL H    H  N N 354 
VAL H2   H  N N 355 
VAL HA   H  N N 356 
VAL HB   H  N N 357 
VAL HG11 H  N N 358 
VAL HG12 H  N N 359 
VAL HG13 H  N N 360 
VAL HG21 H  N N 361 
VAL HG22 H  N N 362 
VAL HG23 H  N N 363 
VAL HXT  H  N N 364 
# 
loop_
_chem_comp_bond.comp_id 
_chem_comp_bond.atom_id_1 
_chem_comp_bond.atom_id_2 
_chem_comp_bond.value_order 
_chem_comp_bond.pdbx_aromatic_flag 
_chem_comp_bond.pdbx_stereo_config 
_chem_comp_bond.pdbx_ordinal 
ALA N   CA   sing N N 1   
ALA N   H    sing N N 2   
ALA N   H2   sing N N 3   
ALA CA  C    sing N N 4   
ALA CA  CB   sing N N 5   
ALA CA  HA   sing N N 6   
ALA C   O    doub N N 7   
ALA C   OXT  sing N N 8   
ALA CB  HB1  sing N N 9   
ALA CB  HB2  sing N N 10  
ALA CB  HB3  sing N N 11  
ALA OXT HXT  sing N N 12  
ARG N   CA   sing N N 13  
ARG N   H    sing N N 14  
ARG N   H2   sing N N 15  
ARG CA  C    sing N N 16  
ARG CA  CB   sing N N 17  
ARG CA  HA   sing N N 18  
ARG C   O    doub N N 19  
ARG C   OXT  sing N N 20  
ARG CB  CG   sing N N 21  
ARG CB  HB2  sing N N 22  
ARG CB  HB3  sing N N 23  
ARG CG  CD   sing N N 24  
ARG CG  HG2  sing N N 25  
ARG CG  HG3  sing N N 26  
ARG CD  NE   sing N N 27  
ARG CD  HD2  sing N N 28  
ARG CD  HD3  sing N N 29  
ARG NE  CZ   sing N N 30  
ARG NE  HE   sing N N 31  
ARG CZ  NH1  sing N N 32  
ARG CZ  NH2  doub N N 33  
ARG NH1 HH11 sing N N 34  
ARG NH1 HH12 sing N N 35  
ARG NH2 HH21 sing N N 36  
ARG NH2 HH22 sing N N 37  
ARG OXT HXT  sing N N 38  
ASN N   CA   sing N N 39  
ASN N   H    sing N N 40  
ASN N   H2   sing N N 41  
ASN CA  C    sing N N 42  
ASN CA  CB   sing N N 43  
ASN CA  HA   sing N N 44  
ASN C   O    doub N N 45  
ASN C   OXT  sing N N 46  
ASN CB  CG   sing N N 47  
ASN CB  HB2  sing N N 48  
ASN CB  HB3  sing N N 49  
ASN CG  OD1  doub N N 50  
ASN CG  ND2  sing N N 51  
ASN ND2 HD21 sing N N 52  
ASN ND2 HD22 sing N N 53  
ASN OXT HXT  sing N N 54  
ASP N   CA   sing N N 55  
ASP N   H    sing N N 56  
ASP N   H2   sing N N 57  
ASP CA  C    sing N N 58  
ASP CA  CB   sing N N 59  
ASP CA  HA   sing N N 60  
ASP C   O    doub N N 61  
ASP C   OXT  sing N N 62  
ASP CB  CG   sing N N 63  
ASP CB  HB2  sing N N 64  
ASP CB  HB3  sing N N 65  
ASP CG  OD1  doub N N 66  
ASP CG  OD2  sing N N 67  
ASP OD2 HD2  sing N N 68  
ASP OXT HXT  sing N N 69  
CYS N   CA   sing N N 70  
CYS N   H    sing N N 71  
CYS N   H2   sing N N 72  
CYS CA  C    sing N N 73  
CYS CA  CB   sing N N 74  
CYS CA  HA   sing N N 75  
CYS C   O    doub N N 76  
CYS C   OXT  sing N N 77  
CYS CB  SG   sing N N 78  
CYS CB  HB2  sing N N 79  
CYS CB  HB3  sing N N 80  
CYS SG  HG   sing N N 81  
CYS OXT HXT  sing N N 82  
GLN N   CA   sing N N 83  
GLN N   H    sing N N 84  
GLN N   H2   sing N N 85  
GLN CA  C    sing N N 86  
GLN CA  CB   sing N N 87  
GLN CA  HA   sing N N 88  
GLN C   O    doub N N 89  
GLN C   OXT  sing N N 90  
GLN CB  CG   sing N N 91  
GLN CB  HB2  sing N N 92  
GLN CB  HB3  sing N N 93  
GLN CG  CD   sing N N 94  
GLN CG  HG2  sing N N 95  
GLN CG  HG3  sing N N 96  
GLN CD  OE1  doub N N 97  
GLN CD  NE2  sing N N 98  
GLN NE2 HE21 sing N N 99  
GLN NE2 HE22 sing N N 100 
GLN OXT HXT  sing N N 101 
GLU N   CA   sing N N 102 
GLU N   H    sing N N 103 
GLU N   H2   sing N N 104 
GLU CA  C    sing N N 105 
GLU CA  CB   sing N N 106 
GLU CA  HA   sing N N 107 
GLU C   O    doub N N 108 
GLU C   OXT  sing N N 109 
GLU CB  CG   sing N N 110 
GLU CB  HB2  sing N N 111 
GLU CB  HB3  sing N N 112 
GLU CG  CD   sing N N 113 
GLU CG  HG2  sing N N 114 
GLU CG  HG3  sing N N 115 
GLU CD  OE1  doub N N 116 
GLU CD  OE2  sing N N 117 
GLU OE2 HE2  sing N N 118 
GLU OXT HXT  sing N N 119 
GLY N   CA   sing N N 120 
GLY N   H    sing N N 121 
GLY N   H2   sing N N 122 
GLY CA  C    sing N N 123 
GLY CA  HA2  sing N N 124 
GLY CA  HA3  sing N N 125 
GLY C   O    doub N N 126 
GLY C   OXT  sing N N 127 
GLY OXT HXT  sing N N 128 
HIS N   CA   sing N N 129 
HIS N   H    sing N N 130 
HIS N   H2   sing N N 131 
HIS CA  C    sing N N 132 
HIS CA  CB   sing N N 133 
HIS CA  HA   sing N N 134 
HIS C   O    doub N N 135 
HIS C   OXT  sing N N 136 
HIS CB  CG   sing N N 137 
HIS CB  HB2  sing N N 138 
HIS CB  HB3  sing N N 139 
HIS CG  ND1  sing Y N 140 
HIS CG  CD2  doub Y N 141 
HIS ND1 CE1  doub Y N 142 
HIS ND1 HD1  sing N N 143 
HIS CD2 NE2  sing Y N 144 
HIS CD2 HD2  sing N N 145 
HIS CE1 NE2  sing Y N 146 
HIS CE1 HE1  sing N N 147 
HIS NE2 HE2  sing N N 148 
HIS OXT HXT  sing N N 149 
HOH O   H1   sing N N 150 
HOH O   H2   sing N N 151 
ILE N   CA   sing N N 152 
ILE N   H    sing N N 153 
ILE N   H2   sing N N 154 
ILE CA  C    sing N N 155 
ILE CA  CB   sing N N 156 
ILE CA  HA   sing N N 157 
ILE C   O    doub N N 158 
ILE C   OXT  sing N N 159 
ILE CB  CG1  sing N N 160 
ILE CB  CG2  sing N N 161 
ILE CB  HB   sing N N 162 
ILE CG1 CD1  sing N N 163 
ILE CG1 HG12 sing N N 164 
ILE CG1 HG13 sing N N 165 
ILE CG2 HG21 sing N N 166 
ILE CG2 HG22 sing N N 167 
ILE CG2 HG23 sing N N 168 
ILE CD1 HD11 sing N N 169 
ILE CD1 HD12 sing N N 170 
ILE CD1 HD13 sing N N 171 
ILE OXT HXT  sing N N 172 
LEU N   CA   sing N N 173 
LEU N   H    sing N N 174 
LEU N   H2   sing N N 175 
LEU CA  C    sing N N 176 
LEU CA  CB   sing N N 177 
LEU CA  HA   sing N N 178 
LEU C   O    doub N N 179 
LEU C   OXT  sing N N 180 
LEU CB  CG   sing N N 181 
LEU CB  HB2  sing N N 182 
LEU CB  HB3  sing N N 183 
LEU CG  CD1  sing N N 184 
LEU CG  CD2  sing N N 185 
LEU CG  HG   sing N N 186 
LEU CD1 HD11 sing N N 187 
LEU CD1 HD12 sing N N 188 
LEU CD1 HD13 sing N N 189 
LEU CD2 HD21 sing N N 190 
LEU CD2 HD22 sing N N 191 
LEU CD2 HD23 sing N N 192 
LEU OXT HXT  sing N N 193 
LYS N   CA   sing N N 194 
LYS N   H    sing N N 195 
LYS N   H2   sing N N 196 
LYS CA  C    sing N N 197 
LYS CA  CB   sing N N 198 
LYS CA  HA   sing N N 199 
LYS C   O    doub N N 200 
LYS C   OXT  sing N N 201 
LYS CB  CG   sing N N 202 
LYS CB  HB2  sing N N 203 
LYS CB  HB3  sing N N 204 
LYS CG  CD   sing N N 205 
LYS CG  HG2  sing N N 206 
LYS CG  HG3  sing N N 207 
LYS CD  CE   sing N N 208 
LYS CD  HD2  sing N N 209 
LYS CD  HD3  sing N N 210 
LYS CE  NZ   sing N N 211 
LYS CE  HE2  sing N N 212 
LYS CE  HE3  sing N N 213 
LYS NZ  HZ1  sing N N 214 
LYS NZ  HZ2  sing N N 215 
LYS NZ  HZ3  sing N N 216 
LYS OXT HXT  sing N N 217 
MSE N   CA   sing N N 218 
MSE N   H    sing N N 219 
MSE N   H2   sing N N 220 
MSE CA  C    sing N N 221 
MSE CA  CB   sing N N 222 
MSE CA  HA   sing N N 223 
MSE C   O    doub N N 224 
MSE C   OXT  sing N N 225 
MSE OXT HXT  sing N N 226 
MSE CB  CG   sing N N 227 
MSE CB  HB2  sing N N 228 
MSE CB  HB3  sing N N 229 
MSE CG  SE   sing N N 230 
MSE CG  HG2  sing N N 231 
MSE CG  HG3  sing N N 232 
MSE SE  CE   sing N N 233 
MSE CE  HE1  sing N N 234 
MSE CE  HE2  sing N N 235 
MSE CE  HE3  sing N N 236 
PHE N   CA   sing N N 237 
PHE N   H    sing N N 238 
PHE N   H2   sing N N 239 
PHE CA  C    sing N N 240 
PHE CA  CB   sing N N 241 
PHE CA  HA   sing N N 242 
PHE C   O    doub N N 243 
PHE C   OXT  sing N N 244 
PHE CB  CG   sing N N 245 
PHE CB  HB2  sing N N 246 
PHE CB  HB3  sing N N 247 
PHE CG  CD1  doub Y N 248 
PHE CG  CD2  sing Y N 249 
PHE CD1 CE1  sing Y N 250 
PHE CD1 HD1  sing N N 251 
PHE CD2 CE2  doub Y N 252 
PHE CD2 HD2  sing N N 253 
PHE CE1 CZ   doub Y N 254 
PHE CE1 HE1  sing N N 255 
PHE CE2 CZ   sing Y N 256 
PHE CE2 HE2  sing N N 257 
PHE CZ  HZ   sing N N 258 
PHE OXT HXT  sing N N 259 
PRO N   CA   sing N N 260 
PRO N   CD   sing N N 261 
PRO N   H    sing N N 262 
PRO CA  C    sing N N 263 
PRO CA  CB   sing N N 264 
PRO CA  HA   sing N N 265 
PRO C   O    doub N N 266 
PRO C   OXT  sing N N 267 
PRO CB  CG   sing N N 268 
PRO CB  HB2  sing N N 269 
PRO CB  HB3  sing N N 270 
PRO CG  CD   sing N N 271 
PRO CG  HG2  sing N N 272 
PRO CG  HG3  sing N N 273 
PRO CD  HD2  sing N N 274 
PRO CD  HD3  sing N N 275 
PRO OXT HXT  sing N N 276 
SER N   CA   sing N N 277 
SER N   H    sing N N 278 
SER N   H2   sing N N 279 
SER CA  C    sing N N 280 
SER CA  CB   sing N N 281 
SER CA  HA   sing N N 282 
SER C   O    doub N N 283 
SER C   OXT  sing N N 284 
SER CB  OG   sing N N 285 
SER CB  HB2  sing N N 286 
SER CB  HB3  sing N N 287 
SER OG  HG   sing N N 288 
SER OXT HXT  sing N N 289 
THR N   CA   sing N N 290 
THR N   H    sing N N 291 
THR N   H2   sing N N 292 
THR CA  C    sing N N 293 
THR CA  CB   sing N N 294 
THR CA  HA   sing N N 295 
THR C   O    doub N N 296 
THR C   OXT  sing N N 297 
THR CB  OG1  sing N N 298 
THR CB  CG2  sing N N 299 
THR CB  HB   sing N N 300 
THR OG1 HG1  sing N N 301 
THR CG2 HG21 sing N N 302 
THR CG2 HG22 sing N N 303 
THR CG2 HG23 sing N N 304 
THR OXT HXT  sing N N 305 
TYR N   CA   sing N N 306 
TYR N   H    sing N N 307 
TYR N   H2   sing N N 308 
TYR CA  C    sing N N 309 
TYR CA  CB   sing N N 310 
TYR CA  HA   sing N N 311 
TYR C   O    doub N N 312 
TYR C   OXT  sing N N 313 
TYR CB  CG   sing N N 314 
TYR CB  HB2  sing N N 315 
TYR CB  HB3  sing N N 316 
TYR CG  CD1  doub Y N 317 
TYR CG  CD2  sing Y N 318 
TYR CD1 CE1  sing Y N 319 
TYR CD1 HD1  sing N N 320 
TYR CD2 CE2  doub Y N 321 
TYR CD2 HD2  sing N N 322 
TYR CE1 CZ   doub Y N 323 
TYR CE1 HE1  sing N N 324 
TYR CE2 CZ   sing Y N 325 
TYR CE2 HE2  sing N N 326 
TYR CZ  OH   sing N N 327 
TYR OH  HH   sing N N 328 
TYR OXT HXT  sing N N 329 
VAL N   CA   sing N N 330 
VAL N   H    sing N N 331 
VAL N   H2   sing N N 332 
VAL CA  C    sing N N 333 
VAL CA  CB   sing N N 334 
VAL CA  HA   sing N N 335 
VAL C   O    doub N N 336 
VAL C   OXT  sing N N 337 
VAL CB  CG1  sing N N 338 
VAL CB  CG2  sing N N 339 
VAL CB  HB   sing N N 340 
VAL CG1 HG11 sing N N 341 
VAL CG1 HG12 sing N N 342 
VAL CG1 HG13 sing N N 343 
VAL CG2 HG21 sing N N 344 
VAL CG2 HG22 sing N N 345 
VAL CG2 HG23 sing N N 346 
VAL OXT HXT  sing N N 347 
# 
_pdbx_initial_refinement_model.id               1 
_pdbx_initial_refinement_model.entity_id_list   ? 
_pdbx_initial_refinement_model.type             'experimental model' 
_pdbx_initial_refinement_model.source_name      PDB 
_pdbx_initial_refinement_model.accession_code   3CWX 
_pdbx_initial_refinement_model.details          ? 
# 
_atom_sites.entry_id                    3CWY 
_atom_sites.fract_transf_matrix[1][1]   -0.00020464 
_atom_sites.fract_transf_matrix[1][2]   -0.00833647 
_atom_sites.fract_transf_matrix[1][3]   0.01567683 
_atom_sites.fract_transf_matrix[2][1]   -0.00362779 
_atom_sites.fract_transf_matrix[2][2]   0.00906657 
_atom_sites.fract_transf_matrix[2][3]   0.01482943 
_atom_sites.fract_transf_matrix[3][1]   -0.00623299 
_atom_sites.fract_transf_matrix[3][2]   -0.00126267 
_atom_sites.fract_transf_matrix[3][3]   -0.00075282 
_atom_sites.fract_transf_vector[1]      -0.121718 
_atom_sites.fract_transf_vector[2]      -0.359533 
_atom_sites.fract_transf_vector[3]      -0.094596 
# 
loop_
_atom_type.symbol 
C  
CU 
N  
O  
S  
SE 
# 
loop_
_atom_site.group_PDB 
_atom_site.id 
_atom_site.type_symbol 
_atom_site.label_atom_id 
_atom_site.label_alt_id 
_atom_site.label_comp_id 
_atom_site.label_asym_id 
_atom_site.label_entity_id 
_atom_site.label_seq_id 
_atom_site.pdbx_PDB_ins_code 
_atom_site.Cartn_x 
_atom_site.Cartn_y 
_atom_site.Cartn_z 
_atom_site.occupancy 
_atom_site.B_iso_or_equiv 
_atom_site.pdbx_formal_charge 
_atom_site.auth_seq_id 
_atom_site.auth_comp_id 
_atom_site.auth_asym_id 
_atom_site.auth_atom_id 
_atom_site.pdbx_PDB_model_num 
ATOM   1    N  N   . GLU A 1 47  ? -6.160  -1.929  15.276  1.00 110.33 ? 47  GLU A N   1 
ATOM   2    C  CA  . GLU A 1 47  ? -6.367  -1.307  16.624  1.00 110.23 ? 47  GLU A CA  1 
ATOM   3    C  C   . GLU A 1 47  ? -5.061  -0.750  17.173  1.00 110.41 ? 47  GLU A C   1 
ATOM   4    O  O   . GLU A 1 47  ? -4.672  0.378   16.837  1.00 110.52 ? 47  GLU A O   1 
ATOM   5    C  CB  . GLU A 1 47  ? -6.989  -2.335  17.576  1.00 110.55 ? 47  GLU A CB  1 
ATOM   6    C  CG  . GLU A 1 47  ? -8.409  -2.609  17.197  1.00 110.42 ? 47  GLU A CG  1 
ATOM   7    C  CD  . GLU A 1 47  ? -9.018  -1.355  16.640  1.00 110.67 ? 47  GLU A CD  1 
ATOM   8    O  OE1 . GLU A 1 47  ? -8.732  -1.025  15.466  1.00 110.74 ? 47  GLU A OE1 1 
ATOM   9    O  OE2 . GLU A 1 47  ? -9.752  -0.674  17.387  1.00 111.02 ? 47  GLU A OE2 1 
ATOM   10   N  N   . VAL A 1 48  ? -4.379  -1.533  18.007  1.00 110.17 ? 48  VAL A N   1 
ATOM   11   C  CA  . VAL A 1 48  ? -3.017  -1.177  18.395  1.00 109.78 ? 48  VAL A CA  1 
ATOM   12   C  C   . VAL A 1 48  ? -2.250  -1.032  17.075  1.00 108.79 ? 48  VAL A C   1 
ATOM   13   O  O   . VAL A 1 48  ? -2.300  -1.915  16.214  1.00 108.26 ? 48  VAL A O   1 
ATOM   14   C  CB  . VAL A 1 48  ? -2.341  -2.229  19.358  1.00 110.04 ? 48  VAL A CB  1 
ATOM   15   C  CG1 . VAL A 1 48  ? -1.032  -1.682  19.967  1.00 109.72 ? 48  VAL A CG1 1 
ATOM   16   C  CG2 . VAL A 1 48  ? -3.289  -2.632  20.475  1.00 110.38 ? 48  VAL A CG2 1 
ATOM   17   N  N   . ASN A 1 49  ? -1.584  0.108   16.912  1.00 107.68 ? 49  ASN A N   1 
ATOM   18   C  CA  . ASN A 1 49  ? -0.777  0.361   15.733  1.00 106.38 ? 49  ASN A CA  1 
ATOM   19   C  C   . ASN A 1 49  ? 0.723   0.411   16.019  1.00 105.53 ? 49  ASN A C   1 
ATOM   20   O  O   . ASN A 1 49  ? 1.231   1.441   16.440  1.00 105.54 ? 49  ASN A O   1 
ATOM   21   C  CB  . ASN A 1 49  ? -1.228  1.655   15.048  1.00 106.13 ? 49  ASN A CB  1 
ATOM   22   C  CG  . ASN A 1 49  ? -1.414  2.799   16.021  1.00 105.77 ? 49  ASN A CG  1 
ATOM   23   O  OD1 . ASN A 1 49  ? -1.598  2.580   17.216  1.00 105.74 ? 49  ASN A OD1 1 
ATOM   24   N  ND2 . ASN A 1 49  ? -1.371  4.029   15.512  1.00 105.28 ? 49  ASN A ND2 1 
ATOM   25   N  N   . PRO A 1 50  ? 1.425   -0.721  15.828  1.00 104.99 ? 50  PRO A N   1 
ATOM   26   C  CA  . PRO A 1 50  ? 2.893   -0.822  15.777  1.00 104.99 ? 50  PRO A CA  1 
ATOM   27   C  C   . PRO A 1 50  ? 3.604   0.265   14.923  1.00 104.74 ? 50  PRO A C   1 
ATOM   28   O  O   . PRO A 1 50  ? 3.159   1.416   14.884  1.00 104.59 ? 50  PRO A O   1 
ATOM   29   C  CB  . PRO A 1 50  ? 3.108   -2.212  15.172  1.00 105.03 ? 50  PRO A CB  1 
ATOM   30   C  CG  . PRO A 1 50  ? 1.946   -3.002  15.698  1.00 104.89 ? 50  PRO A CG  1 
ATOM   31   C  CD  . PRO A 1 50  ? 0.787   -2.045  15.715  1.00 104.87 ? 50  PRO A CD  1 
ATOM   32   N  N   . ASP A 1 51  ? 4.710   -0.091  14.265  1.00 104.12 ? 51  ASP A N   1 
ATOM   33   C  CA  . ASP A 1 51  ? 5.414   0.866   13.400  1.00 103.71 ? 51  ASP A CA  1 
ATOM   34   C  C   . ASP A 1 51  ? 6.451   0.202   12.503  1.00 103.09 ? 51  ASP A C   1 
ATOM   35   O  O   . ASP A 1 51  ? 6.701   0.652   11.390  1.00 102.14 ? 51  ASP A O   1 
ATOM   36   C  CB  . ASP A 1 51  ? 6.086   1.967   14.237  1.00 103.95 ? 51  ASP A CB  1 
ATOM   37   C  CG  . ASP A 1 51  ? 7.140   1.421   15.185  1.00 103.98 ? 51  ASP A CG  1 
ATOM   38   O  OD1 . ASP A 1 51  ? 8.211   2.058   15.342  1.00 103.60 ? 51  ASP A OD1 1 
ATOM   39   O  OD2 . ASP A 1 51  ? 6.897   0.338   15.764  1.00 104.19 ? 51  ASP A OD2 1 
ATOM   40   N  N   . ILE A 1 52  ? 7.064   -0.867  12.995  1.00 103.15 ? 52  ILE A N   1 
ATOM   41   C  CA  . ILE A 1 52  ? 8.139   -1.475  12.244  1.00 103.14 ? 52  ILE A CA  1 
ATOM   42   C  C   . ILE A 1 52  ? 8.001   -2.988  11.961  1.00 103.77 ? 52  ILE A C   1 
ATOM   43   O  O   . ILE A 1 52  ? 7.664   -3.817  12.827  1.00 102.84 ? 52  ILE A O   1 
ATOM   44   C  CB  . ILE A 1 52  ? 9.523   -1.087  12.798  1.00 103.13 ? 52  ILE A CB  1 
ATOM   45   C  CG1 . ILE A 1 52  ? 9.477   0.323   13.414  1.00 103.05 ? 52  ILE A CG1 1 
ATOM   46   C  CG2 . ILE A 1 52  ? 10.542  -1.142  11.682  1.00 103.27 ? 52  ILE A CG2 1 
ATOM   47   C  CD1 . ILE A 1 52  ? 10.835  0.958   13.711  1.00 102.72 ? 52  ILE A CD1 1 
ATOM   48   N  N   . ILE A 1 53  ? 8.277   -3.289  10.692  1.00 104.66 ? 53  ILE A N   1 
ATOM   49   C  CA  . ILE A 1 53  ? 8.114   -4.587  10.051  1.00 104.58 ? 53  ILE A CA  1 
ATOM   50   C  C   . ILE A 1 53  ? 9.458   -5.272  9.936   1.00 104.89 ? 53  ILE A C   1 
ATOM   51   O  O   . ILE A 1 53  ? 9.542   -6.487  9.740   1.00 105.46 ? 53  ILE A O   1 
ATOM   52   C  CB  . ILE A 1 53  ? 7.618   -4.381  8.608   1.00 104.14 ? 53  ILE A CB  1 
ATOM   53   C  CG1 . ILE A 1 53  ? 6.306   -3.595  8.595   1.00 104.08 ? 53  ILE A CG1 1 
ATOM   54   C  CG2 . ILE A 1 53  ? 7.507   -5.696  7.867   1.00 104.17 ? 53  ILE A CG2 1 
ATOM   55   C  CD1 . ILE A 1 53  ? 5.253   -4.137  9.531   1.00 104.28 ? 53  ILE A CD1 1 
ATOM   56   N  N   . LYS A 1 54  ? 10.516  -4.479  10.026  1.00 105.00 ? 54  LYS A N   1 
ATOM   57   C  CA  . LYS A 1 54  ? 11.869  -5.012  9.981   1.00 105.18 ? 54  LYS A CA  1 
ATOM   58   C  C   . LYS A 1 54  ? 12.041  -5.977  11.155  1.00 104.63 ? 54  LYS A C   1 
ATOM   59   O  O   . LYS A 1 54  ? 13.157  -6.191  11.657  1.00 105.35 ? 54  LYS A O   1 
ATOM   60   C  CB  . LYS A 1 54  ? 12.896  -3.869  10.067  1.00 105.40 ? 54  LYS A CB  1 
ATOM   61   C  CG  . LYS A 1 54  ? 12.922  -3.140  11.417  1.00 105.43 ? 54  LYS A CG  1 
ATOM   62   C  CD  . LYS A 1 54  ? 14.195  -2.329  11.607  1.00 105.36 ? 54  LYS A CD  1 
ATOM   63   C  CE  . LYS A 1 54  ? 14.401  -1.944  13.061  1.00 105.20 ? 54  LYS A CE  1 
ATOM   64   N  NZ  . LYS A 1 54  ? 15.733  -1.316  13.242  1.00 105.04 ? 54  LYS A NZ  1 
ATOM   65   N  N   . ASP A 1 55  ? 10.926  -6.562  11.592  1.00 103.41 ? 55  ASP A N   1 
ATOM   66   C  CA  . ASP A 1 55  ? 10.927  -7.317  12.838  1.00 101.87 ? 55  ASP A CA  1 
ATOM   67   C  C   . ASP A 1 55  ? 10.210  -8.632  12.743  1.00 99.86  ? 55  ASP A C   1 
ATOM   68   O  O   . ASP A 1 55  ? 10.603  -9.515  11.981  1.00 98.98  ? 55  ASP A O   1 
ATOM   69   C  CB  . ASP A 1 55  ? 10.290  -6.483  13.943  1.00 102.45 ? 55  ASP A CB  1 
ATOM   70   C  CG  . ASP A 1 55  ? 11.138  -5.299  14.310  1.00 102.88 ? 55  ASP A CG  1 
ATOM   71   O  OD1 . ASP A 1 55  ? 11.680  -5.313  15.471  1.00 103.24 ? 55  ASP A OD1 1 
ATOM   72   O  OD2 . ASP A 1 55  ? 11.296  -4.373  13.428  1.00 102.95 ? 55  ASP A OD2 1 
ATOM   73   N  N   . GLU A 1 56  ? 9.155   -8.745  13.540  1.00 97.70  ? 56  GLU A N   1 
ATOM   74   C  CA  . GLU A 1 56  ? 8.373   -9.964  13.603  1.00 95.74  ? 56  GLU A CA  1 
ATOM   75   C  C   . GLU A 1 56  ? 7.905   -10.373 12.226  1.00 93.09  ? 56  GLU A C   1 
ATOM   76   O  O   . GLU A 1 56  ? 7.831   -9.545  11.312  1.00 93.15  ? 56  GLU A O   1 
ATOM   77   C  CB  . GLU A 1 56  ? 7.170   -9.787  14.525  1.00 96.39  ? 56  GLU A CB  1 
ATOM   78   C  CG  . GLU A 1 56  ? 6.440   -8.459  14.364  1.00 96.69  ? 56  GLU A CG  1 
ATOM   79   C  CD  . GLU A 1 56  ? 5.179   -8.386  15.225  1.00 96.62  ? 56  GLU A CD  1 
ATOM   80   O  OE1 . GLU A 1 56  ? 5.278   -8.008  16.422  1.00 96.48  ? 56  GLU A OE1 1 
ATOM   81   O  OE2 . GLU A 1 56  ? 4.086   -8.712  14.700  1.00 96.86  ? 56  GLU A OE2 1 
ATOM   82   N  N   . VAL A 1 57  ? 7.607   -11.660 12.085  1.00 89.83  ? 57  VAL A N   1 
ATOM   83   C  CA  . VAL A 1 57  ? 7.120   -12.193 10.823  1.00 86.46  ? 57  VAL A CA  1 
ATOM   84   C  C   . VAL A 1 57  ? 5.603   -12.001 10.787  1.00 84.13  ? 57  VAL A C   1 
ATOM   85   O  O   . VAL A 1 57  ? 4.991   -11.697 11.821  1.00 83.70  ? 57  VAL A O   1 
ATOM   86   C  CB  . VAL A 1 57  ? 7.541   -13.672 10.624  1.00 86.32  ? 57  VAL A CB  1 
ATOM   87   C  CG1 . VAL A 1 57  ? 6.839   -14.286 9.410   1.00 86.34  ? 57  VAL A CG1 1 
ATOM   88   C  CG2 . VAL A 1 57  ? 9.068   -13.779 10.484  1.00 85.26  ? 57  VAL A CG2 1 
ATOM   89   N  N   . PHE A 1 58  ? 5.017   -12.123 9.593   1.00 81.04  ? 58  PHE A N   1 
ATOM   90   C  CA  . PHE A 1 58  ? 3.587   -11.902 9.381   1.00 77.48  ? 58  PHE A CA  1 
ATOM   91   C  C   . PHE A 1 58  ? 3.085   -12.867 8.307   1.00 76.31  ? 58  PHE A C   1 
ATOM   92   O  O   . PHE A 1 58  ? 3.739   -13.049 7.279   1.00 76.25  ? 58  PHE A O   1 
ATOM   93   C  CB  . PHE A 1 58  ? 3.326   -10.470 8.904   1.00 75.74  ? 58  PHE A CB  1 
ATOM   94   C  CG  . PHE A 1 58  ? 3.712   -9.399  9.889   1.00 74.78  ? 58  PHE A CG  1 
ATOM   95   C  CD1 . PHE A 1 58  ? 2.769   -8.853  10.741  1.00 74.60  ? 58  PHE A CD1 1 
ATOM   96   C  CD2 . PHE A 1 58  ? 5.016   -8.906  9.937   1.00 74.85  ? 58  PHE A CD2 1 
ATOM   97   C  CE1 . PHE A 1 58  ? 3.126   -7.845  11.638  1.00 74.76  ? 58  PHE A CE1 1 
ATOM   98   C  CE2 . PHE A 1 58  ? 5.387   -7.900  10.837  1.00 74.46  ? 58  PHE A CE2 1 
ATOM   99   C  CZ  . PHE A 1 58  ? 4.446   -7.367  11.682  1.00 74.69  ? 58  PHE A CZ  1 
ATOM   100  N  N   . ASP A 1 59  ? 1.919   -13.467 8.541   1.00 75.23  ? 59  ASP A N   1 
ATOM   101  C  CA  . ASP A 1 59  ? 1.308   -14.345 7.553   1.00 74.22  ? 59  ASP A CA  1 
ATOM   102  C  C   . ASP A 1 59  ? 0.349   -13.563 6.633   1.00 72.90  ? 59  ASP A C   1 
ATOM   103  O  O   . ASP A 1 59  ? -0.808  -13.968 6.439   1.00 73.77  ? 59  ASP A O   1 
ATOM   104  C  CB  . ASP A 1 59  ? 0.589   -15.523 8.232   1.00 75.23  ? 59  ASP A CB  1 
ATOM   105  C  CG  . ASP A 1 59  ? 0.313   -16.690 7.257   1.00 76.71  ? 59  ASP A CG  1 
ATOM   106  O  OD1 . ASP A 1 59  ? -0.642  -17.469 7.504   1.00 76.49  ? 59  ASP A OD1 1 
ATOM   107  O  OD2 . ASP A 1 59  ? 1.050   -16.834 6.238   1.00 77.38  ? 59  ASP A OD2 1 
ATOM   108  N  N   . PHE A 1 60  ? 0.850   -12.457 6.066   1.00 70.05  ? 60  PHE A N   1 
ATOM   109  C  CA  . PHE A 1 60  ? 0.097   -11.532 5.197   1.00 66.72  ? 60  PHE A CA  1 
ATOM   110  C  C   . PHE A 1 60  ? 0.909   -11.189 3.951   1.00 65.29  ? 60  PHE A C   1 
ATOM   111  O  O   . PHE A 1 60  ? 2.107   -10.916 4.054   1.00 65.42  ? 60  PHE A O   1 
ATOM   112  C  CB  . PHE A 1 60  ? -0.168  -10.223 5.930   1.00 65.76  ? 60  PHE A CB  1 
ATOM   113  C  CG  . PHE A 1 60  ? -1.079  -10.355 7.101   1.00 65.48  ? 60  PHE A CG  1 
ATOM   114  C  CD1 . PHE A 1 60  ? -2.289  -11.021 6.986   1.00 65.19  ? 60  PHE A CD1 1 
ATOM   115  C  CD2 . PHE A 1 60  ? -0.745  -9.788  8.318   1.00 65.98  ? 60  PHE A CD2 1 
ATOM   116  C  CE1 . PHE A 1 60  ? -3.138  -11.149 8.061   1.00 64.67  ? 60  PHE A CE1 1 
ATOM   117  C  CE2 . PHE A 1 60  ? -1.602  -9.900  9.407   1.00 65.65  ? 60  PHE A CE2 1 
ATOM   118  C  CZ  . PHE A 1 60  ? -2.802  -10.587 9.271   1.00 65.41  ? 60  PHE A CZ  1 
ATOM   119  N  N   . VAL A 1 61  ? 0.275   -11.157 2.782   1.00 63.39  ? 61  VAL A N   1 
ATOM   120  C  CA  . VAL A 1 61  ? 1.048   -10.970 1.552   1.00 62.34  ? 61  VAL A CA  1 
ATOM   121  C  C   . VAL A 1 61  ? 1.541   -9.547  1.352   1.00 61.29  ? 61  VAL A C   1 
ATOM   122  O  O   . VAL A 1 61  ? 2.665   -9.326  0.934   1.00 61.19  ? 61  VAL A O   1 
ATOM   123  C  CB  . VAL A 1 61  ? 0.319   -11.410 0.280   1.00 62.09  ? 61  VAL A CB  1 
ATOM   124  C  CG1 . VAL A 1 61  ? 1.325   -11.452 -0.868  1.00 62.21  ? 61  VAL A CG1 1 
ATOM   125  C  CG2 . VAL A 1 61  ? -0.273  -12.779 0.461   1.00 61.81  ? 61  VAL A CG2 1 
ATOM   126  N  N   . ILE A 1 62  ? 0.693   -8.583  1.643   1.00 60.32  ? 62  ILE A N   1 
ATOM   127  C  CA  . ILE A 1 62  ? 1.097   -7.211  1.536   1.00 59.52  ? 62  ILE A CA  1 
ATOM   128  C  C   . ILE A 1 62  ? 2.417   -7.027  2.271   1.00 59.66  ? 62  ILE A C   1 
ATOM   129  O  O   . ILE A 1 62  ? 3.322   -6.317  1.796   1.00 60.00  ? 62  ILE A O   1 
ATOM   130  C  CB  . ILE A 1 62  ? 0.049   -6.309  2.169   1.00 59.74  ? 62  ILE A CB  1 
ATOM   131  C  CG1 . ILE A 1 62  ? 0.260   -4.864  1.724   1.00 60.57  ? 62  ILE A CG1 1 
ATOM   132  C  CG2 . ILE A 1 62  ? 0.090   -6.432  3.667   1.00 58.81  ? 62  ILE A CG2 1 
ATOM   133  C  CD1 . ILE A 1 62  ? 0.228   -4.688  0.223   1.00 60.99  ? 62  ILE A CD1 1 
ATOM   134  N  N   . VAL A 1 63  ? 2.541   -7.669  3.429   1.00 58.46  ? 63  VAL A N   1 
ATOM   135  C  CA  . VAL A 1 63  ? 3.767   -7.532  4.189   1.00 57.62  ? 63  VAL A CA  1 
ATOM   136  C  C   . VAL A 1 63  ? 4.919   -8.287  3.538   1.00 57.57  ? 63  VAL A C   1 
ATOM   137  O  O   . VAL A 1 63  ? 6.039   -7.786  3.498   1.00 58.07  ? 63  VAL A O   1 
ATOM   138  C  CB  . VAL A 1 63  ? 3.622   -7.926  5.676   1.00 57.08  ? 63  VAL A CB  1 
ATOM   139  C  CG1 . VAL A 1 63  ? 4.974   -7.909  6.365   1.00 56.20  ? 63  VAL A CG1 1 
ATOM   140  C  CG2 . VAL A 1 63  ? 2.691   -6.970  6.391   1.00 56.77  ? 63  VAL A CG2 1 
ATOM   141  N  N   . ASN A 1 64  ? 4.674   -9.476  3.008   1.00 57.07  ? 64  ASN A N   1 
ATOM   142  C  CA  . ASN A 1 64  ? 5.815   -10.225 2.483   1.00 57.04  ? 64  ASN A CA  1 
ATOM   143  C  C   . ASN A 1 64  ? 6.208   -9.733  1.098   1.00 56.22  ? 64  ASN A C   1 
ATOM   144  O  O   . ASN A 1 64  ? 7.382   -9.668  0.764   1.00 56.35  ? 64  ASN A O   1 
ATOM   145  C  CB  . ASN A 1 64  ? 5.604   -11.756 2.553   1.00 57.31  ? 64  ASN A CB  1 
ATOM   146  C  CG  . ASN A 1 64  ? 5.328   -12.259 3.999   1.00 57.89  ? 64  ASN A CG  1 
ATOM   147  O  OD1 . ASN A 1 64  ? 4.509   -13.169 4.207   1.00 58.12  ? 64  ASN A OD1 1 
ATOM   148  N  ND2 . ASN A 1 64  ? 5.999   -11.655 4.993   1.00 56.92  ? 64  ASN A ND2 1 
ATOM   149  N  N   . ARG A 1 65  ? 5.209   -9.338  0.322   1.00 56.03  ? 65  ARG A N   1 
ATOM   150  C  CA  . ARG A 1 65  ? 5.361   -9.049  -1.107  1.00 55.13  ? 65  ARG A CA  1 
ATOM   151  C  C   . ARG A 1 65  ? 5.724   -7.585  -1.379  1.00 53.80  ? 65  ARG A C   1 
ATOM   152  O  O   . ARG A 1 65  ? 6.452   -7.287  -2.329  1.00 52.63  ? 65  ARG A O   1 
ATOM   153  C  CB  . ARG A 1 65  ? 4.062   -9.409  -1.839  1.00 56.48  ? 65  ARG A CB  1 
ATOM   154  C  CG  . ARG A 1 65  ? 4.212   -10.097 -3.206  1.00 58.81  ? 65  ARG A CG  1 
ATOM   155  C  CD  . ARG A 1 65  ? 4.532   -11.559 -3.054  1.00 60.85  ? 65  ARG A CD  1 
ATOM   156  N  NE  . ARG A 1 65  ? 5.726   -11.699 -2.214  1.00 63.81  ? 65  ARG A NE  1 
ATOM   157  C  CZ  . ARG A 1 65  ? 6.953   -12.013 -2.649  1.00 64.35  ? 65  ARG A CZ  1 
ATOM   158  N  NH1 . ARG A 1 65  ? 7.166   -12.268 -3.948  1.00 64.16  ? 65  ARG A NH1 1 
ATOM   159  N  NH2 . ARG A 1 65  ? 7.966   -12.088 -1.773  1.00 64.24  ? 65  ARG A NH2 1 
ATOM   160  N  N   . VAL A 1 66  ? 5.224   -6.675  -0.545  1.00 52.38  ? 66  VAL A N   1 
ATOM   161  C  CA  . VAL A 1 66  ? 5.461   -5.255  -0.760  1.00 50.58  ? 66  VAL A CA  1 
ATOM   162  C  C   . VAL A 1 66  ? 6.173   -4.534  0.388   1.00 52.08  ? 66  VAL A C   1 
ATOM   163  O  O   . VAL A 1 66  ? 7.274   -3.974  0.219   1.00 52.67  ? 66  VAL A O   1 
ATOM   164  C  CB  . VAL A 1 66  ? 4.160   -4.542  -1.022  1.00 48.63  ? 66  VAL A CB  1 
ATOM   165  C  CG1 . VAL A 1 66  ? 4.418   -3.074  -1.165  1.00 46.43  ? 66  VAL A CG1 1 
ATOM   166  C  CG2 . VAL A 1 66  ? 3.482   -5.137  -2.246  1.00 47.37  ? 66  VAL A CG2 1 
ATOM   167  N  N   . LEU A 1 67  ? 5.549   -4.535  1.556   1.00 52.82  ? 67  LEU A N   1 
ATOM   168  C  CA  . LEU A 1 67  ? 6.094   -3.800  2.676   1.00 53.83  ? 67  LEU A CA  1 
ATOM   169  C  C   . LEU A 1 67  ? 7.548   -4.104  2.963   1.00 55.09  ? 67  LEU A C   1 
ATOM   170  O  O   . LEU A 1 67  ? 8.338   -3.199  3.226   1.00 54.78  ? 67  LEU A O   1 
ATOM   171  C  CB  . LEU A 1 67  ? 5.308   -4.127  3.919   1.00 54.35  ? 67  LEU A CB  1 
ATOM   172  C  CG  . LEU A 1 67  ? 4.103   -3.245  4.144   1.00 54.79  ? 67  LEU A CG  1 
ATOM   173  C  CD1 . LEU A 1 67  ? 3.039   -3.560  3.104   1.00 54.77  ? 67  LEU A CD1 1 
ATOM   174  C  CD2 . LEU A 1 67  ? 3.628   -3.497  5.574   1.00 54.30  ? 67  LEU A CD2 1 
ATOM   175  N  N   . LYS A 1 68  ? 7.898   -5.386  2.945   1.00 56.94  ? 68  LYS A N   1 
ATOM   176  C  CA  . LYS A 1 68  ? 9.204   -5.803  3.434   1.00 58.58  ? 68  LYS A CA  1 
ATOM   177  C  C   . LYS A 1 68  ? 10.255  -5.481  2.406   1.00 58.84  ? 68  LYS A C   1 
ATOM   178  O  O   . LYS A 1 68  ? 11.446  -5.461  2.715   1.00 59.89  ? 68  LYS A O   1 
ATOM   179  C  CB  . LYS A 1 68  ? 9.230   -7.302  3.786   1.00 59.96  ? 68  LYS A CB  1 
ATOM   180  C  CG  . LYS A 1 68  ? 9.205   -7.631  5.313   1.00 60.08  ? 68  LYS A CG  1 
ATOM   181  C  CD  . LYS A 1 68  ? 8.976   -9.145  5.577   1.00 59.85  ? 68  LYS A CD  1 
ATOM   182  C  CE  . LYS A 1 68  ? 9.585   -9.640  6.925   1.00 60.92  ? 68  LYS A CE  1 
ATOM   183  N  NZ  . LYS A 1 68  ? 9.371   -8.730  8.123   1.00 61.21  ? 68  LYS A NZ  1 
ATOM   184  N  N   . LYS A 1 69  ? 9.832   -5.210  1.179   1.00 58.32  ? 69  LYS A N   1 
ATOM   185  C  CA  . LYS A 1 69  ? 10.807  -4.891  0.146   1.00 57.34  ? 69  LYS A CA  1 
ATOM   186  C  C   . LYS A 1 69  ? 10.972  -3.377  -0.136  1.00 56.29  ? 69  LYS A C   1 
ATOM   187  O  O   . LYS A 1 69  ? 11.646  -2.977  -1.096  1.00 55.81  ? 69  LYS A O   1 
ATOM   188  C  CB  . LYS A 1 69  ? 10.515  -5.692  -1.112  1.00 57.31  ? 69  LYS A CB  1 
ATOM   189  C  CG  . LYS A 1 69  ? 10.372  -7.161  -0.822  1.00 57.30  ? 69  LYS A CG  1 
ATOM   190  C  CD  . LYS A 1 69  ? 10.416  -7.946  -2.107  1.00 58.09  ? 69  LYS A CD  1 
ATOM   191  C  CE  . LYS A 1 69  ? 10.061  -9.373  -1.850  1.00 59.39  ? 69  LYS A CE  1 
ATOM   192  N  NZ  . LYS A 1 69  ? 9.593   -10.031 -3.107  1.00 60.27  ? 69  LYS A NZ  1 
ATOM   193  N  N   . ILE A 1 70  ? 10.382  -2.542  0.707   1.00 54.21  ? 70  ILE A N   1 
ATOM   194  C  CA  . ILE A 1 70  ? 10.534  -1.113  0.545   1.00 53.01  ? 70  ILE A CA  1 
ATOM   195  C  C   . ILE A 1 70  ? 11.803  -0.644  1.245   1.00 54.06  ? 70  ILE A C   1 
ATOM   196  O  O   . ILE A 1 70  ? 11.885  -0.709  2.464   1.00 55.60  ? 70  ILE A O   1 
ATOM   197  C  CB  . ILE A 1 70  ? 9.325   -0.404  1.102   1.00 51.26  ? 70  ILE A CB  1 
ATOM   198  C  CG1 . ILE A 1 70  ? 8.124   -0.670  0.194   1.00 51.14  ? 70  ILE A CG1 1 
ATOM   199  C  CG2 . ILE A 1 70  ? 9.562   1.052   1.166   1.00 51.50  ? 70  ILE A CG2 1 
ATOM   200  C  CD1 . ILE A 1 70  ? 6.785   -0.263  0.808   1.00 50.05  ? 70  ILE A CD1 1 
ATOM   201  N  N   . LYS A 1 71  ? 12.797  -0.172  0.491   1.00 54.73  ? 71  LYS A N   1 
ATOM   202  C  CA  . LYS A 1 71  ? 14.072  0.270   1.083   1.00 55.77  ? 71  LYS A CA  1 
ATOM   203  C  C   . LYS A 1 71  ? 13.881  1.224   2.252   1.00 55.75  ? 71  LYS A C   1 
ATOM   204  O  O   . LYS A 1 71  ? 14.460  1.018   3.322   1.00 55.68  ? 71  LYS A O   1 
ATOM   205  C  CB  . LYS A 1 71  ? 14.961  0.957   0.045   1.00 57.35  ? 71  LYS A CB  1 
ATOM   206  C  CG  . LYS A 1 71  ? 15.648  0.005   -0.925  1.00 58.80  ? 71  LYS A CG  1 
ATOM   207  C  CD  . LYS A 1 71  ? 15.951  0.730   -2.236  1.00 59.98  ? 71  LYS A CD  1 
ATOM   208  C  CE  . LYS A 1 71  ? 15.930  -0.244  -3.419  1.00 60.80  ? 71  LYS A CE  1 
ATOM   209  N  NZ  . LYS A 1 71  ? 16.178  0.456   -4.722  1.00 60.74  ? 71  LYS A NZ  1 
ATOM   210  N  N   . ASP A 1 72  ? 13.076  2.267   2.041   1.00 55.35  ? 72  ASP A N   1 
ATOM   211  C  CA  . ASP A 1 72  ? 12.877  3.301   3.049   1.00 54.87  ? 72  ASP A CA  1 
ATOM   212  C  C   . ASP A 1 72  ? 11.408  3.438   3.489   1.00 55.15  ? 72  ASP A C   1 
ATOM   213  O  O   . ASP A 1 72  ? 10.775  4.479   3.288   1.00 54.84  ? 72  ASP A O   1 
ATOM   214  C  CB  . ASP A 1 72  ? 13.443  4.645   2.564   1.00 54.97  ? 72  ASP A CB  1 
ATOM   215  C  CG  . ASP A 1 72  ? 13.544  5.663   3.675   1.00 54.96  ? 72  ASP A CG  1 
ATOM   216  O  OD1 . ASP A 1 72  ? 13.254  5.298   4.815   1.00 55.33  ? 72  ASP A OD1 1 
ATOM   217  O  OD2 . ASP A 1 72  ? 13.884  6.837   3.428   1.00 55.83  ? 72  ASP A OD2 1 
ATOM   218  N  N   . LEU A 1 73  ? 10.898  2.391   4.139   1.00 55.07  ? 73  LEU A N   1 
ATOM   219  C  CA  . LEU A 1 73  ? 9.509   2.348   4.614   1.00 55.12  ? 73  LEU A CA  1 
ATOM   220  C  C   . LEU A 1 73  ? 9.047   3.598   5.324   1.00 55.75  ? 73  LEU A C   1 
ATOM   221  O  O   . LEU A 1 73  ? 7.860   3.914   5.310   1.00 56.55  ? 73  LEU A O   1 
ATOM   222  C  CB  . LEU A 1 73  ? 9.254   1.141   5.528   1.00 54.80  ? 73  LEU A CB  1 
ATOM   223  C  CG  . LEU A 1 73  ? 7.772   0.937   5.876   1.00 54.82  ? 73  LEU A CG  1 
ATOM   224  C  CD1 . LEU A 1 73  ? 6.990   0.547   4.641   1.00 55.12  ? 73  LEU A CD1 1 
ATOM   225  C  CD2 . LEU A 1 73  ? 7.562   -0.110  6.930   1.00 54.86  ? 73  LEU A CD2 1 
ATOM   226  N  N   . LYS A 1 74  ? 9.955   4.315   5.958   1.00 55.88  ? 74  LYS A N   1 
ATOM   227  C  CA  . LYS A 1 74  ? 9.511   5.466   6.689   1.00 56.97  ? 74  LYS A CA  1 
ATOM   228  C  C   . LYS A 1 74  ? 9.184   6.638   5.755   1.00 55.40  ? 74  LYS A C   1 
ATOM   229  O  O   . LYS A 1 74  ? 8.387   7.479   6.123   1.00 54.75  ? 74  LYS A O   1 
ATOM   230  C  CB  . LYS A 1 74  ? 10.529  5.843   7.765   1.00 58.28  ? 74  LYS A CB  1 
ATOM   231  C  CG  . LYS A 1 74  ? 9.965   6.755   8.868   1.00 60.98  ? 74  LYS A CG  1 
ATOM   232  C  CD  . LYS A 1 74  ? 10.859  6.770   10.158  1.00 61.30  ? 74  LYS A CD  1 
ATOM   233  C  CE  . LYS A 1 74  ? 11.101  5.317   10.749  1.00 62.91  ? 74  LYS A CE  1 
ATOM   234  N  NZ  . LYS A 1 74  ? 11.914  5.270   12.028  1.00 62.21  ? 74  LYS A NZ  1 
ATOM   235  N  N   . HIS A 1 75  ? 9.778   6.694   4.549   1.00 54.43  ? 75  HIS A N   1 
ATOM   236  C  CA  . HIS A 1 75  ? 9.598   7.861   3.625   1.00 53.60  ? 75  HIS A CA  1 
ATOM   237  C  C   . HIS A 1 75  ? 8.109   8.114   3.421   1.00 53.69  ? 75  HIS A C   1 
ATOM   238  O  O   . HIS A 1 75  ? 7.691   9.250   3.178   1.00 52.06  ? 75  HIS A O   1 
ATOM   239  C  CB  . HIS A 1 75  ? 10.338  7.649   2.262   1.00 52.86  ? 75  HIS A CB  1 
ATOM   240  C  CG  . HIS A 1 75  ? 10.170  8.760   1.243   1.00 52.69  ? 75  HIS A CG  1 
ATOM   241  N  ND1 . HIS A 1 75  ? 11.067  9.797   1.110   1.00 51.99  ? 75  HIS A ND1 1 
ATOM   242  C  CD2 . HIS A 1 75  ? 9.247   8.947   0.258   1.00 53.15  ? 75  HIS A CD2 1 
ATOM   243  C  CE1 . HIS A 1 75  ? 10.677  10.602  0.128   1.00 52.52  ? 75  HIS A CE1 1 
ATOM   244  N  NE2 . HIS A 1 75  ? 9.573   10.112  -0.408  1.00 52.45  ? 75  HIS A NE2 1 
ATOM   245  N  N   . TYR A 1 76  ? 7.327   7.045   3.572   1.00 54.27  ? 76  TYR A N   1 
ATOM   246  C  CA  . TYR A 1 76  ? 5.949   7.015   3.130   1.00 55.22  ? 76  TYR A CA  1 
ATOM   247  C  C   . TYR A 1 76  ? 4.914   7.045   4.230   1.00 56.74  ? 76  TYR A C   1 
ATOM   248  O  O   . TYR A 1 76  ? 3.739   6.800   3.963   1.00 57.71  ? 76  TYR A O   1 
ATOM   249  C  CB  . TYR A 1 76  ? 5.741   5.792   2.248   1.00 54.12  ? 76  TYR A CB  1 
ATOM   250  C  CG  . TYR A 1 76  ? 6.647   5.850   1.050   1.00 54.43  ? 76  TYR A CG  1 
ATOM   251  C  CD1 . TYR A 1 76  ? 7.863   5.182   1.048   1.00 54.02  ? 76  TYR A CD1 1 
ATOM   252  C  CD2 . TYR A 1 76  ? 6.316   6.620   -0.073  1.00 54.18  ? 76  TYR A CD2 1 
ATOM   253  C  CE1 . TYR A 1 76  ? 8.718   5.248   -0.043  1.00 53.95  ? 76  TYR A CE1 1 
ATOM   254  C  CE2 . TYR A 1 76  ? 7.171   6.701   -1.161  1.00 53.60  ? 76  TYR A CE2 1 
ATOM   255  C  CZ  . TYR A 1 76  ? 8.375   6.015   -1.140  1.00 53.87  ? 76  TYR A CZ  1 
ATOM   256  O  OH  . TYR A 1 76  ? 9.248   6.078   -2.212  1.00 54.09  ? 76  TYR A OH  1 
ATOM   257  N  N   . ASP A 1 77  ? 5.342   7.358   5.452   1.00 57.55  ? 77  ASP A N   1 
ATOM   258  C  CA  . ASP A 1 77  ? 4.455   7.427   6.630   1.00 58.64  ? 77  ASP A CA  1 
ATOM   259  C  C   . ASP A 1 77  ? 3.610   6.228   6.868   1.00 59.51  ? 77  ASP A C   1 
ATOM   260  O  O   . ASP A 1 77  ? 2.399   6.349   7.020   1.00 58.90  ? 77  ASP A O   1 
ATOM   261  C  CB  . ASP A 1 77  ? 3.543   8.616   6.536   1.00 58.97  ? 77  ASP A CB  1 
ATOM   262  C  CG  . ASP A 1 77  ? 4.299   9.829   6.213   1.00 60.43  ? 77  ASP A CG  1 
ATOM   263  O  OD1 . ASP A 1 77  ? 3.718   10.946  6.227   1.00 61.38  ? 77  ASP A OD1 1 
ATOM   264  O  OD2 . ASP A 1 77  ? 5.511   9.634   5.944   1.00 60.38  ? 77  ASP A OD2 1 
ATOM   265  N  N   . PRO A 1 78  ? 4.244   5.069   6.941   1.00 61.11  ? 78  PRO A N   1 
ATOM   266  C  CA  . PRO A 1 78  ? 3.460   3.885   7.062   1.00 63.70  ? 78  PRO A CA  1 
ATOM   267  C  C   . PRO A 1 78  ? 2.591   4.022   8.292   1.00 67.36  ? 78  PRO A C   1 
ATOM   268  O  O   . PRO A 1 78  ? 3.099   4.074   9.402   1.00 67.90  ? 78  PRO A O   1 
ATOM   269  C  CB  . PRO A 1 78  ? 4.511   2.787   7.254   1.00 62.52  ? 78  PRO A CB  1 
ATOM   270  C  CG  . PRO A 1 78  ? 5.759   3.462   7.590   1.00 61.27  ? 78  PRO A CG  1 
ATOM   271  C  CD  . PRO A 1 78  ? 5.683   4.795   6.959   1.00 61.47  ? 78  PRO A CD  1 
HETATM 272  N  N   . MSE A 1 79  ? 1.289   4.143   8.090   1.00 72.10  ? 79  MSE A N   1 
HETATM 273  C  CA  . MSE A 1 79  ? 0.348   4.053   9.189   1.00 75.82  ? 79  MSE A CA  1 
HETATM 274  C  C   . MSE A 1 79  ? -0.189  2.617   9.169   1.00 74.57  ? 79  MSE A C   1 
HETATM 275  O  O   . MSE A 1 79  ? -0.790  2.160   8.202   1.00 73.33  ? 79  MSE A O   1 
HETATM 276  C  CB  . MSE A 1 79  ? -0.744  5.102   9.020   1.00 82.24  ? 79  MSE A CB  1 
HETATM 277  C  CG  . MSE A 1 79  ? -1.355  5.604   10.309  1.00 86.45  ? 79  MSE A CG  1 
HETATM 278  SE SE  . MSE A 1 79  ? -2.951  4.527   10.774  1.00 94.75  ? 79  MSE A SE  1 
HETATM 279  C  CE  . MSE A 1 79  ? -4.098  6.002   11.516  1.00 88.14  ? 79  MSE A CE  1 
ATOM   280  N  N   . ILE A 1 80  ? 0.097   1.882   10.229  1.00 74.25  ? 80  ILE A N   1 
ATOM   281  C  CA  . ILE A 1 80  ? -0.189  0.459   10.257  1.00 73.94  ? 80  ILE A CA  1 
ATOM   282  C  C   . ILE A 1 80  ? -0.830  0.083   11.577  1.00 74.86  ? 80  ILE A C   1 
ATOM   283  O  O   . ILE A 1 80  ? -0.141  0.046   12.583  1.00 76.28  ? 80  ILE A O   1 
ATOM   284  C  CB  . ILE A 1 80  ? 1.101   -0.358  10.154  1.00 72.32  ? 80  ILE A CB  1 
ATOM   285  C  CG1 . ILE A 1 80  ? 1.761   -0.156  8.798   1.00 71.65  ? 80  ILE A CG1 1 
ATOM   286  C  CG2 . ILE A 1 80  ? 0.813   -1.817  10.378  1.00 71.97  ? 80  ILE A CG2 1 
ATOM   287  C  CD1 . ILE A 1 80  ? 3.025   -0.942  8.639   1.00 70.99  ? 80  ILE A CD1 1 
ATOM   288  N  N   . GLU A 1 81  ? -2.131  -0.195  11.581  1.00 75.51  ? 81  GLU A N   1 
ATOM   289  C  CA  . GLU A 1 81  ? -2.803  -0.704  12.771  1.00 75.53  ? 81  GLU A CA  1 
ATOM   290  C  C   . GLU A 1 81  ? -2.901  -2.215  12.681  1.00 76.81  ? 81  GLU A C   1 
ATOM   291  O  O   . GLU A 1 81  ? -2.959  -2.773  11.596  1.00 76.71  ? 81  GLU A O   1 
ATOM   292  C  CB  . GLU A 1 81  ? -4.180  -0.078  12.896  1.00 75.02  ? 81  GLU A CB  1 
ATOM   293  C  CG  . GLU A 1 81  ? -4.123  1.422   13.096  1.00 75.35  ? 81  GLU A CG  1 
ATOM   294  C  CD  . GLU A 1 81  ? -5.487  2.085   13.058  1.00 76.01  ? 81  GLU A CD  1 
ATOM   295  O  OE1 . GLU A 1 81  ? -5.565  3.331   13.085  1.00 76.52  ? 81  GLU A OE1 1 
ATOM   296  O  OE2 . GLU A 1 81  ? -6.499  1.370   13.003  1.00 76.76  ? 81  GLU A OE2 1 
ATOM   297  N  N   . LYS A 1 82  ? -2.868  -2.895  13.816  1.00 79.70  ? 82  LYS A N   1 
ATOM   298  C  CA  . LYS A 1 82  ? -3.087  -4.347  13.813  1.00 82.06  ? 82  LYS A CA  1 
ATOM   299  C  C   . LYS A 1 82  ? -4.482  -4.630  14.331  1.00 83.04  ? 82  LYS A C   1 
ATOM   300  O  O   . LYS A 1 82  ? -4.983  -3.927  15.206  1.00 82.69  ? 82  LYS A O   1 
ATOM   301  C  CB  . LYS A 1 82  ? -2.043  -5.107  14.641  1.00 82.16  ? 82  LYS A CB  1 
ATOM   302  C  CG  . LYS A 1 82  ? -1.886  -6.568  14.183  1.00 82.47  ? 82  LYS A CG  1 
ATOM   303  C  CD  . LYS A 1 82  ? -0.919  -7.383  15.061  1.00 82.43  ? 82  LYS A CD  1 
ATOM   304  C  CE  . LYS A 1 82  ? 0.534   -6.908  14.930  1.00 82.01  ? 82  LYS A CE  1 
ATOM   305  N  NZ  . LYS A 1 82  ? 1.470   -7.751  15.721  1.00 81.32  ? 82  LYS A NZ  1 
ATOM   306  N  N   . ILE A 1 83  ? -5.113  -5.654  13.781  1.00 84.95  ? 83  ILE A N   1 
ATOM   307  C  CA  . ILE A 1 83  ? -6.526  -5.852  14.032  1.00 87.60  ? 83  ILE A CA  1 
ATOM   308  C  C   . ILE A 1 83  ? -6.764  -7.039  14.947  1.00 90.00  ? 83  ILE A C   1 
ATOM   309  O  O   . ILE A 1 83  ? -6.233  -8.132  14.750  1.00 89.42  ? 83  ILE A O   1 
ATOM   310  C  CB  . ILE A 1 83  ? -7.337  -5.982  12.706  1.00 87.29  ? 83  ILE A CB  1 
ATOM   311  C  CG1 . ILE A 1 83  ? -7.188  -4.724  11.841  1.00 86.84  ? 83  ILE A CG1 1 
ATOM   312  C  CG2 . ILE A 1 83  ? -8.809  -6.225  12.980  1.00 86.84  ? 83  ILE A CG2 1 
ATOM   313  C  CD1 . ILE A 1 83  ? -7.519  -4.966  10.385  1.00 86.50  ? 83  ILE A CD1 1 
ATOM   314  N  N   . PHE A 1 84  ? -7.581  -6.794  15.958  1.00 94.09  ? 84  PHE A N   1 
ATOM   315  C  CA  . PHE A 1 84  ? -7.911  -7.793  16.958  1.00 98.25  ? 84  PHE A CA  1 
ATOM   316  C  C   . PHE A 1 84  ? -8.251  -7.054  18.229  1.00 100.74 ? 84  PHE A C   1 
ATOM   317  O  O   . PHE A 1 84  ? -8.015  -5.838  18.331  1.00 101.06 ? 84  PHE A O   1 
ATOM   318  C  CB  . PHE A 1 84  ? -6.750  -8.777  17.176  1.00 99.16  ? 84  PHE A CB  1 
ATOM   319  C  CG  . PHE A 1 84  ? -5.527  -8.180  17.859  1.00 99.50  ? 84  PHE A CG  1 
ATOM   320  C  CD1 . PHE A 1 84  ? -5.360  -6.797  17.972  1.00 99.61  ? 84  PHE A CD1 1 
ATOM   321  C  CD2 . PHE A 1 84  ? -4.524  -9.018  18.346  1.00 99.30  ? 84  PHE A CD2 1 
ATOM   322  C  CE1 . PHE A 1 84  ? -4.238  -6.267  18.580  1.00 99.46  ? 84  PHE A CE1 1 
ATOM   323  C  CE2 . PHE A 1 84  ? -3.403  -8.500  18.945  1.00 99.55  ? 84  PHE A CE2 1 
ATOM   324  C  CZ  . PHE A 1 84  ? -3.259  -7.116  19.066  1.00 99.56  ? 84  PHE A CZ  1 
ATOM   325  N  N   . ASP A 1 85  ? -8.789  -7.788  19.200  1.00 103.65 ? 85  ASP A N   1 
ATOM   326  C  CA  . ASP A 1 85  ? -9.371  -7.171  20.396  1.00 105.79 ? 85  ASP A CA  1 
ATOM   327  C  C   . ASP A 1 85  ? -10.596 -6.354  19.956  1.00 106.66 ? 85  ASP A C   1 
ATOM   328  O  O   . ASP A 1 85  ? -10.495 -5.143  19.662  1.00 106.83 ? 85  ASP A O   1 
ATOM   329  C  CB  . ASP A 1 85  ? -8.339  -6.298  21.142  1.00 106.19 ? 85  ASP A CB  1 
ATOM   330  C  CG  . ASP A 1 85  ? -8.757  -5.986  22.576  1.00 106.38 ? 85  ASP A CG  1 
ATOM   331  O  OD1 . ASP A 1 85  ? -8.084  -5.157  23.232  1.00 106.25 ? 85  ASP A OD1 1 
ATOM   332  O  OD2 . ASP A 1 85  ? -9.760  -6.571  23.046  1.00 106.55 ? 85  ASP A OD2 1 
ATOM   333  N  N   . GLU A 1 86  ? -11.741 -7.045  19.883  1.00 107.29 ? 86  GLU A N   1 
ATOM   334  C  CA  . GLU A 1 86  ? -13.010 -6.464  19.415  1.00 107.61 ? 86  GLU A CA  1 
ATOM   335  C  C   . GLU A 1 86  ? -14.142 -7.454  19.677  1.00 108.14 ? 86  GLU A C   1 
ATOM   336  O  O   . GLU A 1 86  ? -15.251 -7.316  19.139  1.00 108.32 ? 86  GLU A O   1 
ATOM   337  C  CB  . GLU A 1 86  ? -12.928 -6.162  17.914  1.00 106.74 ? 86  GLU A CB  1 
ATOM   338  C  CG  . GLU A 1 86  ? -13.815 -5.020  17.467  1.00 105.23 ? 86  GLU A CG  1 
ATOM   339  C  CD  . GLU A 1 86  ? -12.995 -3.890  16.914  1.00 104.11 ? 86  GLU A CD  1 
ATOM   340  O  OE1 . GLU A 1 86  ? -13.598 -2.889  16.484  1.00 103.57 ? 86  GLU A OE1 1 
ATOM   341  O  OE2 . GLU A 1 86  ? -11.746 -4.006  16.932  1.00 103.44 ? 86  GLU A OE2 1 
ATOM   342  N  N   . LYS A 1 87  ? -13.848 -8.429  20.541  1.00 108.38 ? 87  LYS A N   1 
ATOM   343  C  CA  . LYS A 1 87  ? -14.559 -9.697  20.595  1.00 108.14 ? 87  LYS A CA  1 
ATOM   344  C  C   . LYS A 1 87  ? -13.827 -10.839 19.869  1.00 108.12 ? 87  LYS A C   1 
ATOM   345  O  O   . LYS A 1 87  ? -14.016 -12.013 20.203  1.00 107.84 ? 87  LYS A O   1 
ATOM   346  C  CB  . LYS A 1 87  ? -15.798 -9.664  19.680  1.00 108.18 ? 87  LYS A CB  1 
ATOM   347  C  CG  . LYS A 1 87  ? -17.066 -10.339 20.225  1.00 108.07 ? 87  LYS A CG  1 
ATOM   348  C  CD  . LYS A 1 87  ? -17.560 -9.719  21.544  1.00 107.86 ? 87  LYS A CD  1 
ATOM   349  C  CE  . LYS A 1 87  ? -17.471 -8.185  21.564  1.00 107.50 ? 87  LYS A CE  1 
ATOM   350  N  NZ  . LYS A 1 87  ? -18.389 -7.515  20.610  1.00 107.17 ? 87  LYS A NZ  1 
ATOM   351  N  N   . GLY A 1 88  ? -12.952 -10.471 18.915  1.00 108.06 ? 88  GLY A N   1 
ATOM   352  C  CA  . GLY A 1 88  ? -11.920 -11.322 18.298  1.00 107.34 ? 88  GLY A CA  1 
ATOM   353  C  C   . GLY A 1 88  ? -10.577 -11.184 18.996  1.00 107.26 ? 88  GLY A C   1 
ATOM   354  O  O   . GLY A 1 88  ? -10.492 -10.574 20.077  1.00 107.76 ? 88  GLY A O   1 
ATOM   355  N  N   . LYS A 1 89  ? -9.517  -11.736 18.391  1.00 106.72 ? 89  LYS A N   1 
ATOM   356  C  CA  . LYS A 1 89  ? -8.197  -11.744 19.051  1.00 106.06 ? 89  LYS A CA  1 
ATOM   357  C  C   . LYS A 1 89  ? -7.015  -12.117 18.132  1.00 105.12 ? 89  LYS A C   1 
ATOM   358  O  O   . LYS A 1 89  ? -6.650  -13.295 18.016  1.00 104.86 ? 89  LYS A O   1 
ATOM   359  C  CB  . LYS A 1 89  ? -8.254  -12.644 20.299  1.00 106.24 ? 89  LYS A CB  1 
ATOM   360  C  CG  . LYS A 1 89  ? -6.931  -12.988 20.956  1.00 106.35 ? 89  LYS A CG  1 
ATOM   361  C  CD  . LYS A 1 89  ? -7.169  -14.148 21.920  1.00 106.62 ? 89  LYS A CD  1 
ATOM   362  C  CE  . LYS A 1 89  ? -5.883  -14.855 22.305  1.00 106.55 ? 89  LYS A CE  1 
ATOM   363  N  NZ  . LYS A 1 89  ? -5.022  -13.963 23.123  1.00 106.72 ? 89  LYS A NZ  1 
ATOM   364  N  N   . GLU A 1 90  ? -6.430  -11.090 17.503  1.00 103.87 ? 90  GLU A N   1 
ATOM   365  C  CA  . GLU A 1 90  ? -5.284  -11.181 16.567  1.00 102.51 ? 90  GLU A CA  1 
ATOM   366  C  C   . GLU A 1 90  ? -5.666  -11.808 15.234  1.00 101.06 ? 90  GLU A C   1 
ATOM   367  O  O   . GLU A 1 90  ? -5.680  -13.026 15.107  1.00 100.63 ? 90  GLU A O   1 
ATOM   368  C  CB  . GLU A 1 90  ? -4.068  -11.874 17.205  1.00 102.97 ? 90  GLU A CB  1 
ATOM   369  C  CG  . GLU A 1 90  ? -4.286  -13.332 17.653  1.00 103.22 ? 90  GLU A CG  1 
ATOM   370  C  CD  . GLU A 1 90  ? -3.367  -13.754 18.803  1.00 103.13 ? 90  GLU A CD  1 
ATOM   371  O  OE1 . GLU A 1 90  ? -3.497  -13.182 19.916  1.00 103.01 ? 90  GLU A OE1 1 
ATOM   372  O  OE2 . GLU A 1 90  ? -2.525  -14.663 18.587  1.00 102.92 ? 90  GLU A OE2 1 
HETATM 373  N  N   . MSE A 1 91  ? -5.961  -10.974 14.237  1.00 99.49  ? 91  MSE A N   1 
HETATM 374  C  CA  . MSE A 1 91  ? -6.625  -11.454 13.014  1.00 98.35  ? 91  MSE A CA  1 
HETATM 375  C  C   . MSE A 1 91  ? -6.209  -10.766 11.715  1.00 93.39  ? 91  MSE A C   1 
HETATM 376  O  O   . MSE A 1 91  ? -5.833  -11.411 10.749  1.00 93.17  ? 91  MSE A O   1 
HETATM 377  C  CB  . MSE A 1 91  ? -8.112  -11.250 13.175  1.00 99.98  ? 91  MSE A CB  1 
HETATM 378  C  CG  . MSE A 1 91  ? -8.367  -9.881  13.729  1.00 101.31 ? 91  MSE A CG  1 
HETATM 379  SE SE  . MSE A 1 91  ? -10.228 -9.371  13.678  1.00 104.21 ? 91  MSE A SE  1 
HETATM 380  C  CE  . MSE A 1 91  ? -10.660 -9.452  15.621  1.00 102.08 ? 91  MSE A CE  1 
ATOM   381  N  N   . GLY A 1 92  ? -6.315  -9.451  11.675  1.00 88.54  ? 92  GLY A N   1 
ATOM   382  C  CA  . GLY A 1 92  ? -6.015  -8.748  10.451  1.00 83.00  ? 92  GLY A CA  1 
ATOM   383  C  C   . GLY A 1 92  ? -4.957  -7.673  10.610  1.00 79.21  ? 92  GLY A C   1 
ATOM   384  O  O   . GLY A 1 92  ? -4.502  -7.379  11.720  1.00 79.39  ? 92  GLY A O   1 
ATOM   385  N  N   . LEU A 1 93  ? -4.569  -7.087  9.483   1.00 74.83  ? 93  LEU A N   1 
ATOM   386  C  CA  . LEU A 1 93  ? -3.607  -5.998  9.445   1.00 70.37  ? 93  LEU A CA  1 
ATOM   387  C  C   . LEU A 1 93  ? -4.108  -4.888  8.514   1.00 67.65  ? 93  LEU A C   1 
ATOM   388  O  O   . LEU A 1 93  ? -4.598  -5.137  7.412   1.00 67.77  ? 93  LEU A O   1 
ATOM   389  C  CB  . LEU A 1 93  ? -2.234  -6.504  9.004   1.00 69.70  ? 93  LEU A CB  1 
ATOM   390  C  CG  . LEU A 1 93  ? -1.073  -5.542  9.258   1.00 69.42  ? 93  LEU A CG  1 
ATOM   391  C  CD1 . LEU A 1 93  ? -0.991  -5.074  10.732  1.00 68.64  ? 93  LEU A CD1 1 
ATOM   392  C  CD2 . LEU A 1 93  ? 0.209   -6.182  8.796   1.00 68.83  ? 93  LEU A CD2 1 
ATOM   393  N  N   . ASN A 1 94  ? -3.990  -3.658  8.978   1.00 64.04  ? 94  ASN A N   1 
ATOM   394  C  CA  . ASN A 1 94  ? -4.569  -2.539  8.281   1.00 61.17  ? 94  ASN A CA  1 
ATOM   395  C  C   . ASN A 1 94  ? -3.482  -1.541  7.897   1.00 59.61  ? 94  ASN A C   1 
ATOM   396  O  O   . ASN A 1 94  ? -2.966  -0.822  8.749   1.00 59.42  ? 94  ASN A O   1 
ATOM   397  C  CB  . ASN A 1 94  ? -5.619  -1.908  9.180   1.00 60.27  ? 94  ASN A CB  1 
ATOM   398  C  CG  . ASN A 1 94  ? -5.872  -0.462  8.855   1.00 60.37  ? 94  ASN A CG  1 
ATOM   399  O  OD1 . ASN A 1 94  ? -6.251  -0.118  7.733   1.00 60.03  ? 94  ASN A OD1 1 
ATOM   400  N  ND2 . ASN A 1 94  ? -5.667  0.408   9.847   1.00 60.33  ? 94  ASN A ND2 1 
ATOM   401  N  N   . VAL A 1 95  ? -3.124  -1.505  6.616   1.00 57.31  ? 95  VAL A N   1 
ATOM   402  C  CA  . VAL A 1 95  ? -1.966  -0.730  6.200   1.00 55.50  ? 95  VAL A CA  1 
ATOM   403  C  C   . VAL A 1 95  ? -2.328  0.497   5.385   1.00 54.50  ? 95  VAL A C   1 
ATOM   404  O  O   . VAL A 1 95  ? -3.200  0.444   4.513   1.00 55.29  ? 95  VAL A O   1 
ATOM   405  C  CB  . VAL A 1 95  ? -1.018  -1.585  5.382   1.00 55.54  ? 95  VAL A CB  1 
ATOM   406  C  CG1 . VAL A 1 95  ? 0.269   -0.815  5.100   1.00 55.61  ? 95  VAL A CG1 1 
ATOM   407  C  CG2 . VAL A 1 95  ? -0.725  -2.899  6.118   1.00 55.27  ? 95  VAL A CG2 1 
ATOM   408  N  N   . GLU A 1 96  ? -1.662  1.606   5.668   1.00 52.29  ? 96  GLU A N   1 
ATOM   409  C  CA  . GLU A 1 96  ? -1.828  2.791   4.853   1.00 51.51  ? 96  GLU A CA  1 
ATOM   410  C  C   . GLU A 1 96  ? -0.485  3.415   4.481   1.00 50.77  ? 96  GLU A C   1 
ATOM   411  O  O   . GLU A 1 96  ? 0.293   3.812   5.364   1.00 51.25  ? 96  GLU A O   1 
ATOM   412  C  CB  . GLU A 1 96  ? -2.668  3.821   5.578   1.00 52.43  ? 96  GLU A CB  1 
ATOM   413  C  CG  . GLU A 1 96  ? -3.410  4.706   4.631   1.00 55.71  ? 96  GLU A CG  1 
ATOM   414  C  CD  . GLU A 1 96  ? -3.742  6.061   5.214   1.00 58.24  ? 96  GLU A CD  1 
ATOM   415  O  OE1 . GLU A 1 96  ? -4.345  6.906   4.488   1.00 59.16  ? 96  GLU A OE1 1 
ATOM   416  O  OE2 . GLU A 1 96  ? -3.389  6.289   6.398   1.00 60.48  ? 96  GLU A OE2 1 
ATOM   417  N  N   . ILE A 1 97  ? -0.195  3.525   3.188   1.00 48.95  ? 97  ILE A N   1 
ATOM   418  C  CA  . ILE A 1 97  ? 1.026   4.211   2.790   1.00 47.92  ? 97  ILE A CA  1 
ATOM   419  C  C   . ILE A 1 97  ? 0.716   5.500   2.056   1.00 47.32  ? 97  ILE A C   1 
ATOM   420  O  O   . ILE A 1 97  ? -0.169  5.523   1.223   1.00 47.76  ? 97  ILE A O   1 
ATOM   421  C  CB  . ILE A 1 97  ? 1.846   3.399   1.812   1.00 48.18  ? 97  ILE A CB  1 
ATOM   422  C  CG1 . ILE A 1 97  ? 2.261   2.044   2.367   1.00 46.57  ? 97  ILE A CG1 1 
ATOM   423  C  CG2 . ILE A 1 97  ? 3.086   4.181   1.492   1.00 50.24  ? 97  ILE A CG2 1 
ATOM   424  C  CD1 . ILE A 1 97  ? 3.134   2.181   3.548   1.00 45.48  ? 97  ILE A CD1 1 
ATOM   425  N  N   . GLN A 1 98  ? 1.445   6.579   2.343   1.00 47.74  ? 98  GLN A N   1 
ATOM   426  C  CA  . GLN A 1 98  ? 1.281   7.836   1.571   1.00 46.88  ? 98  GLN A CA  1 
ATOM   427  C  C   . GLN A 1 98  ? 2.220   7.834   0.370   1.00 46.40  ? 98  GLN A C   1 
ATOM   428  O  O   . GLN A 1 98  ? 3.455   7.835   0.532   1.00 47.01  ? 98  GLN A O   1 
ATOM   429  C  CB  . GLN A 1 98  ? 1.564   9.091   2.404   1.00 46.51  ? 98  GLN A CB  1 
ATOM   430  C  CG  . GLN A 1 98  ? 0.711   9.276   3.657   1.00 47.68  ? 98  GLN A CG  1 
ATOM   431  C  CD  . GLN A 1 98  ? -0.713  9.778   3.403   1.00 49.01  ? 98  GLN A CD  1 
ATOM   432  O  OE1 . GLN A 1 98  ? -1.610  9.496   4.195   1.00 50.42  ? 98  GLN A OE1 1 
ATOM   433  N  NE2 . GLN A 1 98  ? -0.931  10.512  2.310   1.00 49.24  ? 98  GLN A NE2 1 
ATOM   434  N  N   . ILE A 1 99  ? 1.652   7.837   -0.830  1.00 44.17  ? 99  ILE A N   1 
ATOM   435  C  CA  . ILE A 1 99  ? 2.496   7.878   -2.012  1.00 43.29  ? 99  ILE A CA  1 
ATOM   436  C  C   . ILE A 1 99  ? 3.030   9.287   -2.302  1.00 43.58  ? 99  ILE A C   1 
ATOM   437  O  O   . ILE A 1 99  ? 4.081   9.453   -2.947  1.00 43.89  ? 99  ILE A O   1 
ATOM   438  C  CB  . ILE A 1 99  ? 1.795   7.288   -3.227  1.00 42.32  ? 99  ILE A CB  1 
ATOM   439  C  CG1 . ILE A 1 99  ? 1.308   5.869   -2.885  1.00 41.17  ? 99  ILE A CG1 1 
ATOM   440  C  CG2 . ILE A 1 99  ? 2.722   7.312   -4.430  1.00 40.87  ? 99  ILE A CG2 1 
ATOM   441  C  CD1 . ILE A 1 99  ? 0.177   5.406   -3.733  1.00 39.56  ? 99  ILE A CD1 1 
ATOM   442  N  N   . ASN A 1 100 ? 2.303   10.296  -1.838  1.00 42.67  ? 100 ASN A N   1 
ATOM   443  C  CA  . ASN A 1 100 ? 2.819   11.644  -1.860  1.00 42.83  ? 100 ASN A CA  1 
ATOM   444  C  C   . ASN A 1 100 ? 2.896   12.148  -0.410  1.00 43.86  ? 100 ASN A C   1 
ATOM   445  O  O   . ASN A 1 100 ? 1.965   12.782  0.071   1.00 43.94  ? 100 ASN A O   1 
ATOM   446  C  CB  . ASN A 1 100 ? 1.922   12.526  -2.727  1.00 42.24  ? 100 ASN A CB  1 
ATOM   447  C  CG  . ASN A 1 100 ? 2.478   13.940  -2.915  1.00 42.23  ? 100 ASN A CG  1 
ATOM   448  O  OD1 . ASN A 1 100 ? 3.318   14.411  -2.129  1.00 41.34  ? 100 ASN A OD1 1 
ATOM   449  N  ND2 . ASN A 1 100 ? 2.013   14.622  -3.967  1.00 41.55  ? 100 ASN A ND2 1 
ATOM   450  N  N   . PRO A 1 101 ? 3.984   11.809  0.317   1.00 44.59  ? 101 PRO A N   1 
ATOM   451  C  CA  . PRO A 1 101 ? 4.052   12.279  1.709   1.00 44.96  ? 101 PRO A CA  1 
ATOM   452  C  C   . PRO A 1 101 ? 4.206   13.794  1.850   1.00 45.74  ? 101 PRO A C   1 
ATOM   453  O  O   . PRO A 1 101 ? 4.193   14.311  2.969   1.00 46.52  ? 101 PRO A O   1 
ATOM   454  C  CB  . PRO A 1 101 ? 5.250   11.533  2.303   1.00 43.38  ? 101 PRO A CB  1 
ATOM   455  C  CG  . PRO A 1 101 ? 6.026   11.023  1.147   1.00 44.02  ? 101 PRO A CG  1 
ATOM   456  C  CD  . PRO A 1 101 ? 5.129   10.949  -0.052  1.00 44.44  ? 101 PRO A CD  1 
ATOM   457  N  N   . GLU A 1 102 ? 4.318   14.506  0.737   1.00 46.14  ? 102 GLU A N   1 
ATOM   458  C  CA  . GLU A 1 102 ? 4.403   15.959  0.793   1.00 46.26  ? 102 GLU A CA  1 
ATOM   459  C  C   . GLU A 1 102 ? 3.007   16.550  0.998   1.00 46.49  ? 102 GLU A C   1 
ATOM   460  O  O   . GLU A 1 102 ? 2.838   17.645  1.564   1.00 46.60  ? 102 GLU A O   1 
ATOM   461  C  CB  . GLU A 1 102 ? 4.966   16.481  -0.514  1.00 47.84  ? 102 GLU A CB  1 
ATOM   462  C  CG  . GLU A 1 102 ? 6.287   15.873  -0.965  1.00 49.43  ? 102 GLU A CG  1 
ATOM   463  C  CD  . GLU A 1 102 ? 7.404   16.663  -0.406  1.00 51.03  ? 102 GLU A CD  1 
ATOM   464  O  OE1 . GLU A 1 102 ? 8.467   16.807  -1.037  1.00 52.90  ? 102 GLU A OE1 1 
ATOM   465  O  OE2 . GLU A 1 102 ? 7.194   17.196  0.688   1.00 52.70  ? 102 GLU A OE2 1 
ATOM   466  N  N   . VAL A 1 103 ? 2.002   15.832  0.498   1.00 45.63  ? 103 VAL A N   1 
ATOM   467  C  CA  . VAL A 1 103 ? 0.623   16.274  0.610   1.00 44.35  ? 103 VAL A CA  1 
ATOM   468  C  C   . VAL A 1 103 ? -0.224  15.161  1.196   1.00 45.82  ? 103 VAL A C   1 
ATOM   469  O  O   . VAL A 1 103 ? -0.746  14.293  0.467   1.00 45.87  ? 103 VAL A O   1 
ATOM   470  C  CB  . VAL A 1 103 ? 0.031   16.626  -0.739  1.00 41.77  ? 103 VAL A CB  1 
ATOM   471  C  CG1 . VAL A 1 103 ? -1.353  17.230  -0.530  1.00 39.82  ? 103 VAL A CG1 1 
ATOM   472  C  CG2 . VAL A 1 103 ? 0.942   17.539  -1.468  1.00 39.76  ? 103 VAL A CG2 1 
ATOM   473  N  N   . LYS A 1 104 ? -0.377  15.182  2.509   1.00 47.09  ? 104 LYS A N   1 
ATOM   474  C  CA  . LYS A 1 104 ? -1.037  14.081  3.155   1.00 48.95  ? 104 LYS A CA  1 
ATOM   475  C  C   . LYS A 1 104 ? -2.372  13.794  2.456   1.00 49.29  ? 104 LYS A C   1 
ATOM   476  O  O   . LYS A 1 104 ? -3.157  14.734  2.140   1.00 48.80  ? 104 LYS A O   1 
ATOM   477  C  CB  . LYS A 1 104 ? -1.247  14.367  4.622   1.00 50.65  ? 104 LYS A CB  1 
ATOM   478  C  CG  . LYS A 1 104 ? -1.657  13.161  5.415   1.00 52.89  ? 104 LYS A CG  1 
ATOM   479  C  CD  . LYS A 1 104 ? -1.735  13.528  6.897   1.00 55.53  ? 104 LYS A CD  1 
ATOM   480  C  CE  . LYS A 1 104 ? -2.102  12.325  7.744   1.00 56.65  ? 104 LYS A CE  1 
ATOM   481  N  NZ  . LYS A 1 104 ? -0.998  11.341  7.547   1.00 57.96  ? 104 LYS A NZ  1 
ATOM   482  N  N   . ASP A 1 105 ? -2.585  12.490  2.196   1.00 47.38  ? 105 ASP A N   1 
ATOM   483  C  CA  . ASP A 1 105 ? -3.830  11.965  1.636   1.00 45.71  ? 105 ASP A CA  1 
ATOM   484  C  C   . ASP A 1 105 ? -4.099  12.373  0.193   1.00 43.56  ? 105 ASP A C   1 
ATOM   485  O  O   . ASP A 1 105 ? -5.196  12.165  -0.300  1.00 43.27  ? 105 ASP A O   1 
ATOM   486  C  CB  . ASP A 1 105 ? -5.034  12.329  2.528   1.00 46.40  ? 105 ASP A CB  1 
ATOM   487  C  CG  . ASP A 1 105 ? -4.963  11.660  3.881   1.00 46.88  ? 105 ASP A CG  1 
ATOM   488  O  OD1 . ASP A 1 105 ? -5.774  11.972  4.766   1.00 46.93  ? 105 ASP A OD1 1 
ATOM   489  O  OD2 . ASP A 1 105 ? -4.064  10.820  4.065   1.00 48.27  ? 105 ASP A OD2 1 
ATOM   490  N  N   . PHE A 1 106 ? -3.116  12.938  -0.497  1.00 41.06  ? 106 PHE A N   1 
ATOM   491  C  CA  . PHE A 1 106 ? -3.363  13.303  -1.887  1.00 38.02  ? 106 PHE A CA  1 
ATOM   492  C  C   . PHE A 1 106 ? -3.330  12.090  -2.768  1.00 36.71  ? 106 PHE A C   1 
ATOM   493  O  O   . PHE A 1 106 ? -4.086  11.990  -3.758  1.00 36.30  ? 106 PHE A O   1 
ATOM   494  C  CB  . PHE A 1 106 ? -2.337  14.293  -2.388  1.00 36.63  ? 106 PHE A CB  1 
ATOM   495  C  CG  . PHE A 1 106 ? -2.469  14.600  -3.846  1.00 35.45  ? 106 PHE A CG  1 
ATOM   496  C  CD1 . PHE A 1 106 ? -3.410  15.528  -4.287  1.00 34.18  ? 106 PHE A CD1 1 
ATOM   497  C  CD2 . PHE A 1 106 ? -1.652  13.949  -4.783  1.00 33.64  ? 106 PHE A CD2 1 
ATOM   498  C  CE1 . PHE A 1 106 ? -3.522  15.804  -5.643  1.00 34.03  ? 106 PHE A CE1 1 
ATOM   499  C  CE2 . PHE A 1 106 ? -1.767  14.208  -6.122  1.00 32.75  ? 106 PHE A CE2 1 
ATOM   500  C  CZ  . PHE A 1 106 ? -2.701  15.142  -6.559  1.00 34.19  ? 106 PHE A CZ  1 
ATOM   501  N  N   . PHE A 1 107 ? -2.445  11.171  -2.402  1.00 35.74  ? 107 PHE A N   1 
ATOM   502  C  CA  . PHE A 1 107 ? -2.255  9.936   -3.147  1.00 36.06  ? 107 PHE A CA  1 
ATOM   503  C  C   . PHE A 1 107 ? -1.889  8.814   -2.184  1.00 36.84  ? 107 PHE A C   1 
ATOM   504  O  O   . PHE A 1 107 ? -0.730  8.708   -1.782  1.00 39.72  ? 107 PHE A O   1 
ATOM   505  C  CB  . PHE A 1 107 ? -1.148  10.112  -4.186  1.00 34.37  ? 107 PHE A CB  1 
ATOM   506  C  CG  . PHE A 1 107 ? -1.138  9.044   -5.236  1.00 35.35  ? 107 PHE A CG  1 
ATOM   507  C  CD1 . PHE A 1 107 ? -2.173  8.122   -5.322  1.00 35.85  ? 107 PHE A CD1 1 
ATOM   508  C  CD2 . PHE A 1 107 ? -0.104  8.949   -6.150  1.00 35.49  ? 107 PHE A CD2 1 
ATOM   509  C  CE1 . PHE A 1 107 ? -2.158  7.116   -6.293  1.00 34.99  ? 107 PHE A CE1 1 
ATOM   510  C  CE2 . PHE A 1 107 ? -0.107  7.966   -7.124  1.00 35.35  ? 107 PHE A CE2 1 
ATOM   511  C  CZ  . PHE A 1 107 ? -1.140  7.053   -7.195  1.00 34.38  ? 107 PHE A CZ  1 
ATOM   512  N  N   . THR A 1 108 ? -2.835  7.968   -1.801  1.00 35.97  ? 108 THR A N   1 
ATOM   513  C  CA  . THR A 1 108 ? -2.524  7.015   -0.751  1.00 35.59  ? 108 THR A CA  1 
ATOM   514  C  C   . THR A 1 108 ? -2.742  5.583   -1.203  1.00 36.65  ? 108 THR A C   1 
ATOM   515  O  O   . THR A 1 108 ? -3.475  5.324   -2.160  1.00 38.42  ? 108 THR A O   1 
ATOM   516  C  CB  . THR A 1 108 ? -3.346  7.282   0.528   1.00 34.79  ? 108 THR A CB  1 
ATOM   517  O  OG1 . THR A 1 108 ? -4.704  6.903   0.287   1.00 36.19  ? 108 THR A OG1 1 
ATOM   518  C  CG2 . THR A 1 108 ? -3.313  8.746   0.920   1.00 33.39  ? 108 THR A CG2 1 
ATOM   519  N  N   . PHE A 1 109 ? -2.092  4.646   -0.525  1.00 36.86  ? 109 PHE A N   1 
ATOM   520  C  CA  . PHE A 1 109 ? -2.384  3.245   -0.716  1.00 37.96  ? 109 PHE A CA  1 
ATOM   521  C  C   . PHE A 1 109 ? -2.805  2.517   0.558   1.00 40.10  ? 109 PHE A C   1 
ATOM   522  O  O   . PHE A 1 109 ? -2.077  2.481   1.546   1.00 40.71  ? 109 PHE A O   1 
ATOM   523  C  CB  . PHE A 1 109 ? -1.187  2.517   -1.255  1.00 37.05  ? 109 PHE A CB  1 
ATOM   524  C  CG  . PHE A 1 109 ? -1.396  1.043   -1.320  1.00 37.20  ? 109 PHE A CG  1 
ATOM   525  C  CD1 . PHE A 1 109 ? -2.215  0.494   -2.306  1.00 37.44  ? 109 PHE A CD1 1 
ATOM   526  C  CD2 . PHE A 1 109 ? -0.824  0.207   -0.390  1.00 37.16  ? 109 PHE A CD2 1 
ATOM   527  C  CE1 . PHE A 1 109 ? -2.442  -0.873  -2.384  1.00 37.28  ? 109 PHE A CE1 1 
ATOM   528  C  CE2 . PHE A 1 109 ? -1.016  -1.163  -0.470  1.00 37.95  ? 109 PHE A CE2 1 
ATOM   529  C  CZ  . PHE A 1 109 ? -1.834  -1.705  -1.468  1.00 37.81  ? 109 PHE A CZ  1 
ATOM   530  N  N   . LYS A 1 110 ? -3.961  1.880   0.527   1.00 42.21  ? 110 LYS A N   1 
ATOM   531  C  CA  . LYS A 1 110 ? -4.427  1.186   1.725   1.00 43.80  ? 110 LYS A CA  1 
ATOM   532  C  C   . LYS A 1 110 ? -4.583  -0.292  1.452   1.00 43.04  ? 110 LYS A C   1 
ATOM   533  O  O   . LYS A 1 110 ? -4.955  -0.676  0.344   1.00 43.32  ? 110 LYS A O   1 
ATOM   534  C  CB  . LYS A 1 110 ? -5.768  1.757   2.185   1.00 44.01  ? 110 LYS A CB  1 
ATOM   535  C  CG  . LYS A 1 110 ? -5.761  3.234   2.357   1.00 44.10  ? 110 LYS A CG  1 
ATOM   536  C  CD  . LYS A 1 110 ? -6.931  3.628   3.232   1.00 45.58  ? 110 LYS A CD  1 
ATOM   537  C  CE  . LYS A 1 110 ? -7.245  5.115   3.133   1.00 45.85  ? 110 LYS A CE  1 
ATOM   538  N  NZ  . LYS A 1 110 ? -7.695  5.336   1.745   1.00 45.67  ? 110 LYS A NZ  1 
ATOM   539  N  N   . SER A 1 111 ? -4.304  -1.116  2.453   1.00 42.84  ? 111 SER A N   1 
ATOM   540  C  CA  . SER A 1 111 ? -4.518  -2.555  2.315   1.00 44.66  ? 111 SER A CA  1 
ATOM   541  C  C   . SER A 1 111 ? -5.138  -3.115  3.571   1.00 45.45  ? 111 SER A C   1 
ATOM   542  O  O   . SER A 1 111 ? -4.598  -2.942  4.655   1.00 46.29  ? 111 SER A O   1 
ATOM   543  C  CB  . SER A 1 111 ? -3.202  -3.297  2.045   1.00 43.98  ? 111 SER A CB  1 
ATOM   544  O  OG  . SER A 1 111 ? -3.408  -4.696  2.194   1.00 43.96  ? 111 SER A OG  1 
ATOM   545  N  N   . ILE A 1 112 ? -6.269  -3.781  3.446   1.00 47.28  ? 112 ILE A N   1 
ATOM   546  C  CA  . ILE A 1 112 ? -6.850  -4.436  4.619   1.00 49.49  ? 112 ILE A CA  1 
ATOM   547  C  C   . ILE A 1 112 ? -6.701  -5.938  4.502   1.00 50.20  ? 112 ILE A C   1 
ATOM   548  O  O   . ILE A 1 112 ? -7.228  -6.562  3.578   1.00 49.41  ? 112 ILE A O   1 
ATOM   549  C  CB  . ILE A 1 112 ? -8.337  -4.092  4.836   1.00 49.77  ? 112 ILE A CB  1 
ATOM   550  C  CG1 . ILE A 1 112 ? -8.565  -2.581  4.723   1.00 49.99  ? 112 ILE A CG1 1 
ATOM   551  C  CG2 . ILE A 1 112 ? -8.762  -4.555  6.215   1.00 49.99  ? 112 ILE A CG2 1 
ATOM   552  C  CD1 . ILE A 1 112 ? -10.060 -2.157  4.613   1.00 49.71  ? 112 ILE A CD1 1 
ATOM   553  N  N   . SER A 1 113 ? -5.953  -6.511  5.429   1.00 52.27  ? 113 SER A N   1 
ATOM   554  C  CA  . SER A 1 113 ? -5.718  -7.940  5.404   1.00 54.99  ? 113 SER A CA  1 
ATOM   555  C  C   . SER A 1 113 ? -6.449  -8.635  6.592   1.00 57.28  ? 113 SER A C   1 
ATOM   556  O  O   . SER A 1 113 ? -6.494  -8.106  7.700   1.00 56.16  ? 113 SER A O   1 
ATOM   557  C  CB  . SER A 1 113 ? -4.207  -8.209  5.371   1.00 54.21  ? 113 SER A CB  1 
ATOM   558  O  OG  . SER A 1 113 ? -3.630  -7.855  4.115   1.00 53.17  ? 113 SER A OG  1 
ATOM   559  N  N   . THR A 1 114 ? -7.073  -9.787  6.353   1.00 60.82  ? 114 THR A N   1 
ATOM   560  C  CA  . THR A 1 114 ? -7.723  -10.501 7.449   1.00 65.18  ? 114 THR A CA  1 
ATOM   561  C  C   . THR A 1 114 ? -7.474  -11.973 7.342   1.00 67.98  ? 114 THR A C   1 
ATOM   562  O  O   . THR A 1 114 ? -6.994  -12.455 6.320   1.00 68.58  ? 114 THR A O   1 
ATOM   563  C  CB  . THR A 1 114 ? -9.256  -10.368 7.456   1.00 65.78  ? 114 THR A CB  1 
ATOM   564  O  OG1 . THR A 1 114 ? -9.788  -10.955 6.258   1.00 67.20  ? 114 THR A OG1 1 
ATOM   565  C  CG2 . THR A 1 114 ? -9.725  -8.904  7.634   1.00 65.54  ? 114 THR A CG2 1 
ATOM   566  N  N   . THR A 1 115 ? -7.833  -12.673 8.414   1.00 71.77  ? 115 THR A N   1 
ATOM   567  C  CA  . THR A 1 115 ? -7.855  -14.127 8.452   1.00 75.19  ? 115 THR A CA  1 
ATOM   568  C  C   . THR A 1 115 ? -7.620  -14.701 7.068   1.00 76.54  ? 115 THR A C   1 
ATOM   569  O  O   . THR A 1 115 ? -6.561  -15.283 6.808   1.00 78.20  ? 115 THR A O   1 
ATOM   570  C  CB  . THR A 1 115 ? -9.225  -14.675 8.950   1.00 76.40  ? 115 THR A CB  1 
ATOM   571  O  OG1 . THR A 1 115 ? -9.865  -13.707 9.804   1.00 77.64  ? 115 THR A OG1 1 
ATOM   572  C  CG2 . THR A 1 115 ? -9.033  -16.009 9.712   1.00 76.87  ? 115 THR A CG2 1 
ATOM   573  N  N   . ASN A 1 116 ? -8.589  -14.530 6.166   1.00 76.27  ? 116 ASN A N   1 
ATOM   574  C  CA  . ASN A 1 116 ? -8.481  -15.196 4.866   1.00 75.37  ? 116 ASN A CA  1 
ATOM   575  C  C   . ASN A 1 116 ? -8.266  -14.310 3.636   1.00 73.71  ? 116 ASN A C   1 
ATOM   576  O  O   . ASN A 1 116 ? -7.388  -14.598 2.806   1.00 73.83  ? 116 ASN A O   1 
ATOM   577  C  CB  . ASN A 1 116 ? -9.639  -16.168 4.699   1.00 76.53  ? 116 ASN A CB  1 
ATOM   578  C  CG  . ASN A 1 116 ? -9.644  -17.234 5.809   1.00 77.91  ? 116 ASN A CG  1 
ATOM   579  O  OD1 . ASN A 1 116 ? -9.987  -16.957 6.975   1.00 77.61  ? 116 ASN A OD1 1 
ATOM   580  N  ND2 . ASN A 1 116 ? -9.225  -18.452 5.455   1.00 78.31  ? 116 ASN A ND2 1 
ATOM   581  N  N   . LYS A 1 117 ? -9.036  -13.226 3.549   1.00 70.42  ? 117 LYS A N   1 
ATOM   582  C  CA  . LYS A 1 117 ? -8.956  -12.296 2.429   1.00 66.72  ? 117 LYS A CA  1 
ATOM   583  C  C   . LYS A 1 117 ? -8.034  -11.058 2.661   1.00 63.78  ? 117 LYS A C   1 
ATOM   584  O  O   . LYS A 1 117 ? -7.542  -10.804 3.766   1.00 63.15  ? 117 LYS A O   1 
ATOM   585  C  CB  . LYS A 1 117 ? -10.377 -11.856 2.066   1.00 66.92  ? 117 LYS A CB  1 
ATOM   586  C  CG  . LYS A 1 117 ? -10.987 -10.847 3.051   1.00 66.99  ? 117 LYS A CG  1 
ATOM   587  C  CD  . LYS A 1 117 ? -12.468 -10.619 2.769   1.00 66.77  ? 117 LYS A CD  1 
ATOM   588  C  CE  . LYS A 1 117 ? -12.698 -10.167 1.335   1.00 66.29  ? 117 LYS A CE  1 
ATOM   589  N  NZ  . LYS A 1 117 ? -13.859 -10.882 0.717   1.00 65.98  ? 117 LYS A NZ  1 
ATOM   590  N  N   . GLN A 1 118 ? -7.802  -10.310 1.582   1.00 60.53  ? 118 GLN A N   1 
ATOM   591  C  CA  . GLN A 1 118 ? -7.104  -9.017  1.595   1.00 56.34  ? 118 GLN A CA  1 
ATOM   592  C  C   . GLN A 1 118 ? -7.762  -8.121  0.566   1.00 52.64  ? 118 GLN A C   1 
ATOM   593  O  O   . GLN A 1 118 ? -8.053  -8.584  -0.526  1.00 52.38  ? 118 GLN A O   1 
ATOM   594  C  CB  . GLN A 1 118 ? -5.675  -9.203  1.143   1.00 57.32  ? 118 GLN A CB  1 
ATOM   595  C  CG  . GLN A 1 118 ? -4.849  -7.965  1.329   1.00 59.50  ? 118 GLN A CG  1 
ATOM   596  C  CD  . GLN A 1 118 ? -3.645  -7.888  0.393   1.00 60.80  ? 118 GLN A CD  1 
ATOM   597  O  OE1 . GLN A 1 118 ? -3.025  -6.811  0.255   1.00 61.16  ? 118 GLN A OE1 1 
ATOM   598  N  NE2 . GLN A 1 118 ? -3.308  -9.016  -0.266  1.00 60.56  ? 118 GLN A NE2 1 
ATOM   599  N  N   . ARG A 1 119 ? -8.012  -6.853  0.875   1.00 48.68  ? 119 ARG A N   1 
ATOM   600  C  CA  . ARG A 1 119 ? -8.496  -5.947  -0.178  1.00 45.77  ? 119 ARG A CA  1 
ATOM   601  C  C   . ARG A 1 119 ? -7.557  -4.772  -0.362  1.00 43.30  ? 119 ARG A C   1 
ATOM   602  O  O   . ARG A 1 119 ? -6.996  -4.256  0.615   1.00 43.51  ? 119 ARG A O   1 
ATOM   603  C  CB  . ARG A 1 119 ? -9.894  -5.436  0.111   1.00 45.31  ? 119 ARG A CB  1 
ATOM   604  C  CG  . ARG A 1 119 ? -10.908 -6.529  0.309   1.00 45.29  ? 119 ARG A CG  1 
ATOM   605  C  CD  . ARG A 1 119 ? -12.224 -5.960  0.847   1.00 44.98  ? 119 ARG A CD  1 
ATOM   606  N  NE  . ARG A 1 119 ? -12.905 -5.194  -0.187  1.00 46.05  ? 119 ARG A NE  1 
ATOM   607  C  CZ  . ARG A 1 119 ? -14.173 -4.808  -0.150  1.00 45.92  ? 119 ARG A CZ  1 
ATOM   608  N  NH1 . ARG A 1 119 ? -14.958 -5.115  0.875   1.00 46.46  ? 119 ARG A NH1 1 
ATOM   609  N  NH2 . ARG A 1 119 ? -14.656 -4.126  -1.158  1.00 45.16  ? 119 ARG A NH2 1 
ATOM   610  N  N   . CYS A 1 120 ? -7.384  -4.344  -1.606  1.00 39.77  ? 120 CYS A N   1 
ATOM   611  C  CA  . CYS A 1 120 ? -6.480  -3.234  -1.884  1.00 37.59  ? 120 CYS A CA  1 
ATOM   612  C  C   . CYS A 1 120 ? -7.168  -2.012  -2.467  1.00 36.55  ? 120 CYS A C   1 
ATOM   613  O  O   . CYS A 1 120 ? -8.123  -2.111  -3.236  1.00 34.16  ? 120 CYS A O   1 
ATOM   614  C  CB  . CYS A 1 120 ? -5.339  -3.697  -2.769  1.00 37.66  ? 120 CYS A CB  1 
ATOM   615  S  SG  . CYS A 1 120 ? -4.362  -5.063  -2.004  1.00 37.80  ? 120 CYS A SG  1 
ATOM   616  N  N   . PHE A 1 121 ? -6.680  -0.844  -2.067  1.00 37.19  ? 121 PHE A N   1 
ATOM   617  C  CA  . PHE A 1 121 ? -7.293  0.421   -2.476  1.00 37.58  ? 121 PHE A CA  1 
ATOM   618  C  C   . PHE A 1 121 ? -6.259  1.460   -2.841  1.00 36.82  ? 121 PHE A C   1 
ATOM   619  O  O   . PHE A 1 121 ? -5.185  1.532   -2.224  1.00 37.87  ? 121 PHE A O   1 
ATOM   620  C  CB  . PHE A 1 121 ? -8.170  0.987   -1.357  1.00 39.06  ? 121 PHE A CB  1 
ATOM   621  C  CG  . PHE A 1 121 ? -9.266  0.052   -0.925  1.00 40.08  ? 121 PHE A CG  1 
ATOM   622  C  CD1 . PHE A 1 121 ? -9.069  -0.833  0.138   1.00 39.78  ? 121 PHE A CD1 1 
ATOM   623  C  CD2 . PHE A 1 121 ? -10.497 0.049   -1.584  1.00 40.86  ? 121 PHE A CD2 1 
ATOM   624  C  CE1 . PHE A 1 121 ? -10.068 -1.695  0.551   1.00 39.54  ? 121 PHE A CE1 1 
ATOM   625  C  CE2 . PHE A 1 121 ? -11.509 -0.819  -1.186  1.00 40.70  ? 121 PHE A CE2 1 
ATOM   626  C  CZ  . PHE A 1 121 ? -11.284 -1.691  -0.108  1.00 40.39  ? 121 PHE A CZ  1 
ATOM   627  N  N   . LEU A 1 122 ? -6.607  2.287   -3.821  1.00 34.74  ? 122 LEU A N   1 
ATOM   628  C  CA  . LEU A 1 122 ? -5.795  3.429   -4.183  1.00 33.85  ? 122 LEU A CA  1 
ATOM   629  C  C   . LEU A 1 122 ? -6.655  4.691   -4.087  1.00 33.09  ? 122 LEU A C   1 
ATOM   630  O  O   . LEU A 1 122 ? -7.823  4.659   -4.461  1.00 32.86  ? 122 LEU A O   1 
ATOM   631  C  CB  . LEU A 1 122 ? -5.258  3.260   -5.614  1.00 33.19  ? 122 LEU A CB  1 
ATOM   632  C  CG  . LEU A 1 122 ? -4.075  2.307   -5.883  1.00 32.67  ? 122 LEU A CG  1 
ATOM   633  C  CD1 . LEU A 1 122 ? -3.923  2.017   -7.373  1.00 31.80  ? 122 LEU A CD1 1 
ATOM   634  C  CD2 . LEU A 1 122 ? -2.793  2.888   -5.334  1.00 32.13  ? 122 LEU A CD2 1 
ATOM   635  N  N   . SER A 1 123 ? -6.068  5.791   -3.596  1.00 33.08  ? 123 SER A N   1 
ATOM   636  C  CA  . SER A 1 123 ? -6.708  7.125   -3.550  1.00 32.15  ? 123 SER A CA  1 
ATOM   637  C  C   . SER A 1 123 ? -5.933  8.223   -4.232  1.00 32.48  ? 123 SER A C   1 
ATOM   638  O  O   . SER A 1 123 ? -4.788  8.503   -3.904  1.00 32.42  ? 123 SER A O   1 
ATOM   639  C  CB  . SER A 1 123 ? -6.953  7.545   -2.121  1.00 31.82  ? 123 SER A CB  1 
ATOM   640  O  OG  . SER A 1 123 ? -7.929  6.677   -1.561  1.00 32.73  ? 123 SER A OG  1 
ATOM   641  N  N   . LEU A 1 124 ? -6.568  8.860   -5.194  1.00 33.20  ? 124 LEU A N   1 
ATOM   642  C  CA  . LEU A 1 124 ? -5.937  9.967   -5.869  1.00 33.42  ? 124 LEU A CA  1 
ATOM   643  C  C   . LEU A 1 124 ? -6.915  11.121  -5.803  1.00 35.39  ? 124 LEU A C   1 
ATOM   644  O  O   . LEU A 1 124 ? -8.010  11.015  -6.356  1.00 35.33  ? 124 LEU A O   1 
ATOM   645  C  CB  . LEU A 1 124 ? -5.659  9.565   -7.313  1.00 32.58  ? 124 LEU A CB  1 
ATOM   646  C  CG  . LEU A 1 124 ? -4.795  10.408  -8.253  1.00 32.20  ? 124 LEU A CG  1 
ATOM   647  C  CD1 . LEU A 1 124 ? -3.464  10.877  -7.630  1.00 32.17  ? 124 LEU A CD1 1 
ATOM   648  C  CD2 . LEU A 1 124 ? -4.568  9.634   -9.535  1.00 32.05  ? 124 LEU A CD2 1 
ATOM   649  N  N   . ARG A 1 125 ? -6.550  12.200  -5.096  1.00 38.59  ? 125 ARG A N   1 
ATOM   650  C  CA  . ARG A 1 125 ? -7.381  13.457  -5.020  1.00 40.48  ? 125 ARG A CA  1 
ATOM   651  C  C   . ARG A 1 125 ? -8.783  13.252  -4.516  1.00 40.97  ? 125 ARG A C   1 
ATOM   652  O  O   . ARG A 1 125 ? -9.733  13.669  -5.176  1.00 41.36  ? 125 ARG A O   1 
ATOM   653  C  CB  . ARG A 1 125 ? -7.498  14.141  -6.376  1.00 40.70  ? 125 ARG A CB  1 
ATOM   654  C  CG  . ARG A 1 125 ? -6.159  14.296  -6.979  1.00 43.76  ? 125 ARG A CG  1 
ATOM   655  C  CD  . ARG A 1 125 ? -6.183  13.967  -8.436  1.00 45.10  ? 125 ARG A CD  1 
ATOM   656  N  NE  . ARG A 1 125 ? -6.320  15.181  -9.206  1.00 46.51  ? 125 ARG A NE  1 
ATOM   657  C  CZ  . ARG A 1 125 ? -5.855  15.302  -10.438 1.00 48.55  ? 125 ARG A CZ  1 
ATOM   658  N  NH1 . ARG A 1 125 ? -5.222  14.253  -11.009 1.00 49.25  ? 125 ARG A NH1 1 
ATOM   659  N  NH2 . ARG A 1 125 ? -6.030  16.453  -11.097 1.00 48.27  ? 125 ARG A NH2 1 
ATOM   660  N  N   . GLY A 1 126 ? -8.925  12.595  -3.369  1.00 41.42  ? 126 GLY A N   1 
ATOM   661  C  CA  . GLY A 1 126 ? -10.248 12.391  -2.807  1.00 41.50  ? 126 GLY A CA  1 
ATOM   662  C  C   . GLY A 1 126 ? -10.952 11.160  -3.358  1.00 42.24  ? 126 GLY A C   1 
ATOM   663  O  O   . GLY A 1 126 ? -11.816 10.607  -2.681  1.00 42.66  ? 126 GLY A O   1 
ATOM   664  N  N   . GLU A 1 127 ? -10.582 10.695  -4.558  1.00 42.18  ? 127 GLU A N   1 
ATOM   665  C  CA  . GLU A 1 127 ? -11.264 9.548   -5.174  1.00 42.46  ? 127 GLU A CA  1 
ATOM   666  C  C   . GLU A 1 127 ? -10.646 8.177   -4.817  1.00 41.38  ? 127 GLU A C   1 
ATOM   667  O  O   . GLU A 1 127 ? -9.475  7.914   -5.141  1.00 42.64  ? 127 GLU A O   1 
ATOM   668  C  CB  . GLU A 1 127 ? -11.318 9.746   -6.680  1.00 41.90  ? 127 GLU A CB  1 
ATOM   669  C  CG  . GLU A 1 127 ? -12.177 8.746   -7.393  1.00 44.52  ? 127 GLU A CG  1 
ATOM   670  C  CD  . GLU A 1 127 ? -12.089 8.876   -8.934  1.00 46.11  ? 127 GLU A CD  1 
ATOM   671  O  OE1 . GLU A 1 127 ? -11.747 9.966   -9.473  1.00 46.71  ? 127 GLU A OE1 1 
ATOM   672  O  OE2 . GLU A 1 127 ? -12.358 7.858   -9.620  1.00 49.23  ? 127 GLU A OE2 1 
ATOM   673  N  N   . THR A 1 128 ? -11.422 7.305   -4.161  1.00 39.44  ? 128 THR A N   1 
ATOM   674  C  CA  . THR A 1 128 ? -10.949 5.951   -3.837  1.00 37.66  ? 128 THR A CA  1 
ATOM   675  C  C   . THR A 1 128 ? -11.438 4.859   -4.802  1.00 37.54  ? 128 THR A C   1 
ATOM   676  O  O   . THR A 1 128 ? -12.579 4.892   -5.298  1.00 37.02  ? 128 THR A O   1 
ATOM   677  C  CB  . THR A 1 128 ? -11.336 5.553   -2.439  1.00 37.92  ? 128 THR A CB  1 
ATOM   678  O  OG1 . THR A 1 128 ? -10.597 6.367   -1.530  1.00 38.94  ? 128 THR A OG1 1 
ATOM   679  C  CG2 . THR A 1 128 ? -10.999 4.069   -2.184  1.00 37.73  ? 128 THR A CG2 1 
ATOM   680  N  N   . ARG A 1 129 ? -10.558 3.906   -5.092  1.00 35.88  ? 129 ARG A N   1 
ATOM   681  C  CA  . ARG A 1 129 ? -10.871 2.846   -6.024  1.00 34.67  ? 129 ARG A CA  1 
ATOM   682  C  C   . ARG A 1 129 ? -10.202 1.641   -5.461  1.00 35.58  ? 129 ARG A C   1 
ATOM   683  O  O   . ARG A 1 129 ? -9.046  1.722   -5.079  1.00 37.32  ? 129 ARG A O   1 
ATOM   684  C  CB  . ARG A 1 129 ? -10.304 3.120   -7.409  1.00 34.00  ? 129 ARG A CB  1 
ATOM   685  C  CG  . ARG A 1 129 ? -11.121 4.083   -8.243  1.00 33.90  ? 129 ARG A CG  1 
ATOM   686  C  CD  . ARG A 1 129 ? -10.613 4.226   -9.718  1.00 33.14  ? 129 ARG A CD  1 
ATOM   687  N  NE  . ARG A 1 129 ? -11.292 5.365   -10.342 1.00 31.65  ? 129 ARG A NE  1 
ATOM   688  C  CZ  . ARG A 1 129 ? -11.380 5.619   -11.646 1.00 32.03  ? 129 ARG A CZ  1 
ATOM   689  N  NH1 . ARG A 1 129 ? -10.823 4.823   -12.580 1.00 32.02  ? 129 ARG A NH1 1 
ATOM   690  N  NH2 . ARG A 1 129 ? -12.039 6.700   -12.025 1.00 31.26  ? 129 ARG A NH2 1 
ATOM   691  N  N   . GLU A 1 130 ? -10.933 0.531   -5.385  1.00 35.65  ? 130 GLU A N   1 
ATOM   692  C  CA  . GLU A 1 130 ? -10.383 -0.726  -4.945  1.00 35.31  ? 130 GLU A CA  1 
ATOM   693  C  C   . GLU A 1 130 ? -9.515  -1.230  -6.083  1.00 34.31  ? 130 GLU A C   1 
ATOM   694  O  O   . GLU A 1 130 ? -9.773  -0.927  -7.219  1.00 35.38  ? 130 GLU A O   1 
ATOM   695  C  CB  . GLU A 1 130 ? -11.527 -1.716  -4.649  1.00 35.82  ? 130 GLU A CB  1 
ATOM   696  C  CG  . GLU A 1 130 ? -11.073 -3.171  -4.386  1.00 36.68  ? 130 GLU A CG  1 
ATOM   697  C  CD  . GLU A 1 130 ? -11.988 -3.908  -3.421  1.00 37.54  ? 130 GLU A CD  1 
ATOM   698  O  OE1 . GLU A 1 130 ? -13.157 -3.502  -3.284  1.00 38.96  ? 130 GLU A OE1 1 
ATOM   699  O  OE2 . GLU A 1 130 ? -11.540 -4.891  -2.790  1.00 37.51  ? 130 GLU A OE2 1 
ATOM   700  N  N   . ILE A 1 131 ? -8.498  -2.013  -5.797  1.00 34.01  ? 131 ILE A N   1 
ATOM   701  C  CA  . ILE A 1 131 ? -7.776  -2.669  -6.873  1.00 33.51  ? 131 ILE A CA  1 
ATOM   702  C  C   . ILE A 1 131 ? -7.445  -4.126  -6.484  1.00 33.44  ? 131 ILE A C   1 
ATOM   703  O  O   . ILE A 1 131 ? -7.133  -4.433  -5.319  1.00 33.06  ? 131 ILE A O   1 
ATOM   704  C  CB  . ILE A 1 131 ? -6.483  -1.876  -7.225  1.00 33.50  ? 131 ILE A CB  1 
ATOM   705  C  CG1 . ILE A 1 131 ? -5.690  -2.582  -8.340  1.00 32.88  ? 131 ILE A CG1 1 
ATOM   706  C  CG2 . ILE A 1 131 ? -5.612  -1.615  -5.923  1.00 32.51  ? 131 ILE A CG2 1 
ATOM   707  C  CD1 . ILE A 1 131 ? -5.854  -1.942  -9.711  1.00 33.22  ? 131 ILE A CD1 1 
ATOM   708  N  N   . LEU A 1 132 ? -7.501  -5.020  -7.460  1.00 34.10  ? 132 LEU A N   1 
ATOM   709  C  CA  . LEU A 1 132 ? -7.076  -6.386  -7.231  1.00 35.46  ? 132 LEU A CA  1 
ATOM   710  C  C   . LEU A 1 132 ? -5.673  -6.433  -6.648  1.00 36.85  ? 132 LEU A C   1 
ATOM   711  O  O   . LEU A 1 132 ? -4.732  -5.925  -7.269  1.00 38.57  ? 132 LEU A O   1 
ATOM   712  C  CB  . LEU A 1 132 ? -7.087  -7.152  -8.525  1.00 36.01  ? 132 LEU A CB  1 
ATOM   713  C  CG  . LEU A 1 132 ? -6.507  -8.563  -8.361  1.00 38.32  ? 132 LEU A CG  1 
ATOM   714  C  CD1 . LEU A 1 132 ? -7.227  -9.318  -7.243  1.00 38.53  ? 132 LEU A CD1 1 
ATOM   715  C  CD2 . LEU A 1 132 ? -6.623  -9.347  -9.677  1.00 37.89  ? 132 LEU A CD2 1 
ATOM   716  N  N   . CYS A 1 133 ? -5.513  -7.016  -5.466  1.00 36.93  ? 133 CYS A N   1 
ATOM   717  C  CA  . CYS A 1 133 ? -4.163  -7.291  -4.971  1.00 37.82  ? 133 CYS A CA  1 
ATOM   718  C  C   . CYS A 1 133 ? -3.436  -8.390  -5.784  1.00 38.25  ? 133 CYS A C   1 
ATOM   719  O  O   . CYS A 1 133 ? -3.712  -9.550  -5.607  1.00 38.96  ? 133 CYS A O   1 
ATOM   720  C  CB  . CYS A 1 133 ? -4.223  -7.732  -3.519  1.00 37.14  ? 133 CYS A CB  1 
ATOM   721  S  SG  . CYS A 1 133 ? -5.369  -6.810  -2.549  1.00 37.89  ? 133 CYS A SG  1 
ATOM   722  N  N   . ASP A 1 134 ? -2.513  -8.045  -6.668  1.00 39.35  ? 134 ASP A N   1 
ATOM   723  C  CA  . ASP A 1 134 ? -1.681  -9.074  -7.277  1.00 40.16  ? 134 ASP A CA  1 
ATOM   724  C  C   . ASP A 1 134 ? -0.264  -8.580  -7.519  1.00 41.36  ? 134 ASP A C   1 
ATOM   725  O  O   . ASP A 1 134 ? 0.055   -7.411  -7.282  1.00 40.20  ? 134 ASP A O   1 
ATOM   726  C  CB  . ASP A 1 134 ? -2.297  -9.622  -8.570  1.00 40.75  ? 134 ASP A CB  1 
ATOM   727  C  CG  . ASP A 1 134 ? -2.363  -8.586  -9.692  1.00 41.74  ? 134 ASP A CG  1 
ATOM   728  O  OD1 . ASP A 1 134 ? -2.975  -8.843  -10.753 1.00 41.28  ? 134 ASP A OD1 1 
ATOM   729  O  OD2 . ASP A 1 134 ? -1.798  -7.496  -9.526  1.00 43.69  ? 134 ASP A OD2 1 
ATOM   730  N  N   . ASN A 1 135 ? 0.582   -9.497  -7.972  1.00 43.08  ? 135 ASN A N   1 
ATOM   731  C  CA  . ASN A 1 135 ? 1.956   -9.207  -8.357  1.00 44.33  ? 135 ASN A CA  1 
ATOM   732  C  C   . ASN A 1 135 ? 2.096   -8.013  -9.344  1.00 44.50  ? 135 ASN A C   1 
ATOM   733  O  O   . ASN A 1 135 ? 3.079   -7.291  -9.286  1.00 44.68  ? 135 ASN A O   1 
ATOM   734  C  CB  . ASN A 1 135 ? 2.536   -10.450 -9.012  1.00 45.72  ? 135 ASN A CB  1 
ATOM   735  C  CG  . ASN A 1 135 ? 1.853   -10.752 -10.335 1.00 47.83  ? 135 ASN A CG  1 
ATOM   736  O  OD1 . ASN A 1 135 ? 0.626   -10.616 -10.462 1.00 49.58  ? 135 ASN A OD1 1 
ATOM   737  N  ND2 . ASN A 1 135 ? 2.634   -11.116 -11.340 1.00 48.51  ? 135 ASN A ND2 1 
ATOM   738  N  N   . LYS A 1 136 ? 1.144   -7.812  -10.253 1.00 43.71  ? 136 LYS A N   1 
ATOM   739  C  CA  . LYS A 1 136 ? 1.187   -6.637  -11.101 1.00 44.69  ? 136 LYS A CA  1 
ATOM   740  C  C   . LYS A 1 136 ? 1.178   -5.325  -10.313 1.00 45.64  ? 136 LYS A C   1 
ATOM   741  O  O   . LYS A 1 136 ? 1.892   -4.373  -10.645 1.00 46.28  ? 136 LYS A O   1 
ATOM   742  C  CB  . LYS A 1 136 ? 0.011   -6.631  -12.034 1.00 45.49  ? 136 LYS A CB  1 
ATOM   743  C  CG  . LYS A 1 136 ? 0.195   -7.561  -13.190 1.00 47.89  ? 136 LYS A CG  1 
ATOM   744  C  CD  . LYS A 1 136 ? -0.944  -7.385  -14.204 1.00 49.84  ? 136 LYS A CD  1 
ATOM   745  C  CE  . LYS A 1 136 ? -1.131  -8.679  -14.987 1.00 51.73  ? 136 LYS A CE  1 
ATOM   746  N  NZ  . LYS A 1 136 ? -2.392  -8.726  -15.786 1.00 52.95  ? 136 LYS A NZ  1 
ATOM   747  N  N   . LEU A 1 137 ? 0.350   -5.291  -9.277  1.00 46.36  ? 137 LEU A N   1 
ATOM   748  C  CA  . LEU A 1 137 ? 0.137   -4.112  -8.448  1.00 46.08  ? 137 LEU A CA  1 
ATOM   749  C  C   . LEU A 1 137 ? 1.329   -3.927  -7.537  1.00 47.33  ? 137 LEU A C   1 
ATOM   750  O  O   . LEU A 1 137 ? 1.811   -2.814  -7.321  1.00 48.10  ? 137 LEU A O   1 
ATOM   751  C  CB  . LEU A 1 137 ? -1.122  -4.294  -7.605  1.00 44.34  ? 137 LEU A CB  1 
ATOM   752  C  CG  . LEU A 1 137 ? -1.186  -3.253  -6.496  1.00 43.56  ? 137 LEU A CG  1 
ATOM   753  C  CD1 . LEU A 1 137 ? -1.443  -1.897  -7.126  1.00 43.33  ? 137 LEU A CD1 1 
ATOM   754  C  CD2 . LEU A 1 137 ? -2.235  -3.559  -5.415  1.00 43.05  ? 137 LEU A CD2 1 
ATOM   755  N  N   . TYR A 1 138 ? 1.812   -5.047  -7.017  1.00 48.57  ? 138 TYR A N   1 
ATOM   756  C  CA  . TYR A 1 138 ? 2.999   -5.085  -6.178  1.00 48.28  ? 138 TYR A CA  1 
ATOM   757  C  C   . TYR A 1 138 ? 4.228   -4.500  -6.880  1.00 48.83  ? 138 TYR A C   1 
ATOM   758  O  O   . TYR A 1 138 ? 4.990   -3.715  -6.284  1.00 48.09  ? 138 TYR A O   1 
ATOM   759  C  CB  . TYR A 1 138 ? 3.259   -6.531  -5.773  1.00 48.39  ? 138 TYR A CB  1 
ATOM   760  C  CG  . TYR A 1 138 ? 2.121   -7.108  -4.978  1.00 48.75  ? 138 TYR A CG  1 
ATOM   761  C  CD1 . TYR A 1 138 ? 1.344   -6.292  -4.149  1.00 48.35  ? 138 TYR A CD1 1 
ATOM   762  C  CD2 . TYR A 1 138 ? 1.819   -8.465  -5.033  1.00 48.98  ? 138 TYR A CD2 1 
ATOM   763  C  CE1 . TYR A 1 138 ? 0.294   -6.804  -3.400  1.00 47.63  ? 138 TYR A CE1 1 
ATOM   764  C  CE2 . TYR A 1 138 ? 0.759   -8.984  -4.283  1.00 48.83  ? 138 TYR A CE2 1 
ATOM   765  C  CZ  . TYR A 1 138 ? 0.007   -8.143  -3.466  1.00 48.12  ? 138 TYR A CZ  1 
ATOM   766  O  OH  . TYR A 1 138 ? -1.033  -8.657  -2.722  1.00 48.31  ? 138 TYR A OH  1 
ATOM   767  N  N   . ASN A 1 139 ? 4.422   -4.871  -8.144  1.00 49.28  ? 139 ASN A N   1 
ATOM   768  C  CA  . ASN A 1 139 ? 5.599   -4.409  -8.848  1.00 50.53  ? 139 ASN A CA  1 
ATOM   769  C  C   . ASN A 1 139 ? 5.481   -2.925  -9.118  1.00 51.03  ? 139 ASN A C   1 
ATOM   770  O  O   . ASN A 1 139 ? 6.422   -2.171  -8.925  1.00 50.41  ? 139 ASN A O   1 
ATOM   771  C  CB  . ASN A 1 139 ? 5.852   -5.248  -10.089 1.00 51.61  ? 139 ASN A CB  1 
ATOM   772  C  CG  . ASN A 1 139 ? 6.027   -6.748  -9.746  1.00 53.03  ? 139 ASN A CG  1 
ATOM   773  O  OD1 . ASN A 1 139 ? 5.689   -7.624  -10.547 1.00 53.10  ? 139 ASN A OD1 1 
ATOM   774  N  ND2 . ASN A 1 139 ? 6.530   -7.039  -8.531  1.00 53.06  ? 139 ASN A ND2 1 
HETATM 775  N  N   . MSE A 1 140 ? 4.282   -2.504  -9.478  1.00 51.68  ? 140 MSE A N   1 
HETATM 776  C  CA  . MSE A 1 140 ? 4.013   -1.108  -9.676  1.00 52.42  ? 140 MSE A CA  1 
HETATM 777  C  C   . MSE A 1 140 ? 4.217   -0.343  -8.378  1.00 49.49  ? 140 MSE A C   1 
HETATM 778  O  O   . MSE A 1 140 ? 4.762   0.766   -8.351  1.00 48.49  ? 140 MSE A O   1 
HETATM 779  C  CB  . MSE A 1 140 ? 2.586   -0.948  -10.174 1.00 57.43  ? 140 MSE A CB  1 
HETATM 780  C  CG  . MSE A 1 140 ? 2.353   0.344   -10.911 1.00 63.55  ? 140 MSE A CG  1 
HETATM 781  SE SE  . MSE A 1 140 ? 3.692   0.746   -12.318 1.00 70.66  ? 140 MSE A SE  1 
HETATM 782  C  CE  . MSE A 1 140 ? 2.862   -0.288  -13.791 1.00 68.77  ? 140 MSE A CE  1 
ATOM   783  N  N   . LEU A 1 141 ? 3.777   -0.944  -7.288  1.00 46.22  ? 141 LEU A N   1 
ATOM   784  C  CA  . LEU A 1 141 ? 4.013   -0.335  -5.995  1.00 43.84  ? 141 LEU A CA  1 
ATOM   785  C  C   . LEU A 1 141 ? 5.484   -0.182  -5.650  1.00 42.54  ? 141 LEU A C   1 
ATOM   786  O  O   . LEU A 1 141 ? 5.885   0.865   -5.170  1.00 43.03  ? 141 LEU A O   1 
ATOM   787  C  CB  . LEU A 1 141 ? 3.314   -1.109  -4.893  1.00 42.94  ? 141 LEU A CB  1 
ATOM   788  C  CG  . LEU A 1 141 ? 1.808   -0.851  -4.914  1.00 42.53  ? 141 LEU A CG  1 
ATOM   789  C  CD1 . LEU A 1 141 ? 1.152   -1.734  -3.873  1.00 41.95  ? 141 LEU A CD1 1 
ATOM   790  C  CD2 . LEU A 1 141 ? 1.463   0.647   -4.708  1.00 41.19  ? 141 LEU A CD2 1 
ATOM   791  N  N   . LEU A 1 142 ? 6.298   -1.209  -5.872  1.00 40.05  ? 142 LEU A N   1 
ATOM   792  C  CA  . LEU A 1 142 ? 7.686   -1.069  -5.466  1.00 38.76  ? 142 LEU A CA  1 
ATOM   793  C  C   . LEU A 1 142 ? 8.441   -0.175  -6.430  1.00 38.91  ? 142 LEU A C   1 
ATOM   794  O  O   . LEU A 1 142 ? 9.298   0.622   -6.004  1.00 39.85  ? 142 LEU A O   1 
ATOM   795  C  CB  . LEU A 1 142 ? 8.382   -2.414  -5.302  1.00 37.57  ? 142 LEU A CB  1 
ATOM   796  C  CG  . LEU A 1 142 ? 7.770   -3.293  -4.213  1.00 36.15  ? 142 LEU A CG  1 
ATOM   797  C  CD1 . LEU A 1 142 ? 8.150   -4.686  -4.549  1.00 35.42  ? 142 LEU A CD1 1 
ATOM   798  C  CD2 . LEU A 1 142 ? 8.254   -2.898  -2.836  1.00 35.00  ? 142 LEU A CD2 1 
ATOM   799  N  N   . ALA A 1 143 ? 8.108   -0.303  -7.722  1.00 37.86  ? 143 ALA A N   1 
ATOM   800  C  CA  . ALA A 1 143 ? 8.623   0.587   -8.771  1.00 35.73  ? 143 ALA A CA  1 
ATOM   801  C  C   . ALA A 1 143 ? 8.540   2.028   -8.275  1.00 36.70  ? 143 ALA A C   1 
ATOM   802  O  O   . ALA A 1 143 ? 9.507   2.792   -8.454  1.00 37.68  ? 143 ALA A O   1 
ATOM   803  C  CB  . ALA A 1 143 ? 7.856   0.426   -10.079 1.00 32.60  ? 143 ALA A CB  1 
ATOM   804  N  N   . VAL A 1 144 ? 7.420   2.399   -7.625  1.00 34.77  ? 144 VAL A N   1 
ATOM   805  C  CA  . VAL A 1 144 ? 7.288   3.761   -7.117  1.00 33.44  ? 144 VAL A CA  1 
ATOM   806  C  C   . VAL A 1 144 ? 8.032   3.892   -5.804  1.00 34.43  ? 144 VAL A C   1 
ATOM   807  O  O   . VAL A 1 144 ? 8.897   4.757   -5.651  1.00 34.78  ? 144 VAL A O   1 
ATOM   808  C  CB  . VAL A 1 144 ? 5.800   4.214   -6.986  1.00 33.00  ? 144 VAL A CB  1 
ATOM   809  C  CG1 . VAL A 1 144 ? 5.658   5.583   -6.290  1.00 31.17  ? 144 VAL A CG1 1 
ATOM   810  C  CG2 . VAL A 1 144 ? 5.129   4.239   -8.337  1.00 31.77  ? 144 VAL A CG2 1 
ATOM   811  N  N   . PHE A 1 145 ? 7.715   3.026   -4.854  1.00 35.91  ? 145 PHE A N   1 
ATOM   812  C  CA  . PHE A 1 145 ? 8.306   3.154   -3.530  1.00 37.95  ? 145 PHE A CA  1 
ATOM   813  C  C   . PHE A 1 145 ? 9.844   3.086   -3.503  1.00 40.61  ? 145 PHE A C   1 
ATOM   814  O  O   . PHE A 1 145 ? 10.477  3.809   -2.732  1.00 41.55  ? 145 PHE A O   1 
ATOM   815  C  CB  . PHE A 1 145 ? 7.733   2.126   -2.572  1.00 36.74  ? 145 PHE A CB  1 
ATOM   816  C  CG  . PHE A 1 145 ? 6.262   2.321   -2.257  1.00 36.25  ? 145 PHE A CG  1 
ATOM   817  C  CD1 . PHE A 1 145 ? 5.400   1.225   -2.225  1.00 35.71  ? 145 PHE A CD1 1 
ATOM   818  C  CD2 . PHE A 1 145 ? 5.765   3.580   -1.951  1.00 34.36  ? 145 PHE A CD2 1 
ATOM   819  C  CE1 . PHE A 1 145 ? 4.075   1.403   -1.933  1.00 35.86  ? 145 PHE A CE1 1 
ATOM   820  C  CE2 . PHE A 1 145 ? 4.468   3.764   -1.650  1.00 34.15  ? 145 PHE A CE2 1 
ATOM   821  C  CZ  . PHE A 1 145 ? 3.600   2.685   -1.645  1.00 35.51  ? 145 PHE A CZ  1 
ATOM   822  N  N   . ASN A 1 146 ? 10.444  2.238   -4.341  1.00 42.21  ? 146 ASN A N   1 
ATOM   823  C  CA  . ASN A 1 146 ? 11.893  2.069   -4.332  1.00 43.55  ? 146 ASN A CA  1 
ATOM   824  C  C   . ASN A 1 146 ? 12.707  2.918   -5.331  1.00 44.79  ? 146 ASN A C   1 
ATOM   825  O  O   . ASN A 1 146 ? 13.892  2.635   -5.579  1.00 45.23  ? 146 ASN A O   1 
ATOM   826  C  CB  . ASN A 1 146 ? 12.222  0.604   -4.537  1.00 44.66  ? 146 ASN A CB  1 
ATOM   827  C  CG  . ASN A 1 146 ? 12.010  -0.196  -3.289  1.00 46.35  ? 146 ASN A CG  1 
ATOM   828  O  OD1 . ASN A 1 146 ? 11.833  -1.426  -3.342  1.00 47.04  ? 146 ASN A OD1 1 
ATOM   829  N  ND2 . ASN A 1 146 ? 12.003  0.498   -2.137  1.00 46.21  ? 146 ASN A ND2 1 
ATOM   830  N  N   . SER A 1 147 ? 12.088  3.924   -5.942  1.00 43.97  ? 147 SER A N   1 
ATOM   831  C  CA  . SER A 1 147 ? 12.825  4.709   -6.900  1.00 42.01  ? 147 SER A CA  1 
ATOM   832  C  C   . SER A 1 147 ? 13.012  6.111   -6.421  1.00 42.88  ? 147 SER A C   1 
ATOM   833  O  O   . SER A 1 147 ? 13.531  6.923   -7.185  1.00 43.96  ? 147 SER A O   1 
ATOM   834  C  CB  . SER A 1 147 ? 12.146  4.735   -8.261  1.00 41.74  ? 147 SER A CB  1 
ATOM   835  O  OG  . SER A 1 147 ? 10.892  5.396   -8.204  1.00 42.10  ? 147 SER A OG  1 
ATOM   836  N  N   . TYR A 1 148 ? 12.585  6.432   -5.190  1.00 42.92  ? 148 TYR A N   1 
ATOM   837  C  CA  . TYR A 1 148 ? 12.926  7.739   -4.659  1.00 42.87  ? 148 TYR A CA  1 
ATOM   838  C  C   . TYR A 1 148 ? 14.449  7.831   -4.590  1.00 45.31  ? 148 TYR A C   1 
ATOM   839  O  O   . TYR A 1 148 ? 15.095  6.895   -4.137  1.00 46.36  ? 148 TYR A O   1 
ATOM   840  C  CB  . TYR A 1 148 ? 12.388  8.018   -3.270  1.00 41.03  ? 148 TYR A CB  1 
ATOM   841  C  CG  . TYR A 1 148 ? 12.608  9.487   -3.004  1.00 40.71  ? 148 TYR A CG  1 
ATOM   842  C  CD1 . TYR A 1 148 ? 13.551  9.934   -2.087  1.00 39.24  ? 148 TYR A CD1 1 
ATOM   843  C  CD2 . TYR A 1 148 ? 11.918  10.450  -3.777  1.00 41.52  ? 148 TYR A CD2 1 
ATOM   844  C  CE1 . TYR A 1 148 ? 13.770  11.327  -1.907  1.00 39.97  ? 148 TYR A CE1 1 
ATOM   845  C  CE2 . TYR A 1 148 ? 12.119  11.831  -3.611  1.00 41.00  ? 148 TYR A CE2 1 
ATOM   846  C  CZ  . TYR A 1 148 ? 13.052  12.275  -2.679  1.00 40.93  ? 148 TYR A CZ  1 
ATOM   847  O  OH  . TYR A 1 148 ? 13.245  13.654  -2.545  1.00 40.40  ? 148 TYR A OH  1 
ATOM   848  N  N   . ASP A 1 149 ? 15.013  8.958   -5.021  1.00 46.64  ? 149 ASP A N   1 
ATOM   849  C  CA  . ASP A 1 149 ? 16.454  9.181   -5.030  1.00 47.93  ? 149 ASP A CA  1 
ATOM   850  C  C   . ASP A 1 149 ? 16.680  10.571  -5.633  1.00 48.00  ? 149 ASP A C   1 
ATOM   851  O  O   . ASP A 1 149 ? 16.442  10.805  -6.841  1.00 47.57  ? 149 ASP A O   1 
ATOM   852  C  CB  . ASP A 1 149 ? 17.193  8.064   -5.806  1.00 49.56  ? 149 ASP A CB  1 
ATOM   853  C  CG  . ASP A 1 149 ? 18.602  8.472   -6.252  1.00 50.72  ? 149 ASP A CG  1 
ATOM   854  O  OD1 . ASP A 1 149 ? 19.480  8.709   -5.388  1.00 51.55  ? 149 ASP A OD1 1 
ATOM   855  O  OD2 . ASP A 1 149 ? 18.826  8.555   -7.480  1.00 51.06  ? 149 ASP A OD2 1 
ATOM   856  N  N   . PRO A 1 150 ? 17.110  11.512  -4.781  1.00 47.75  ? 150 PRO A N   1 
ATOM   857  C  CA  . PRO A 1 150 ? 17.207  12.929  -5.161  1.00 47.07  ? 150 PRO A CA  1 
ATOM   858  C  C   . PRO A 1 150 ? 18.110  13.125  -6.354  1.00 45.57  ? 150 PRO A C   1 
ATOM   859  O  O   . PRO A 1 150 ? 18.011  14.114  -7.039  1.00 44.80  ? 150 PRO A O   1 
ATOM   860  C  CB  . PRO A 1 150 ? 17.794  13.610  -3.910  1.00 47.84  ? 150 PRO A CB  1 
ATOM   861  C  CG  . PRO A 1 150 ? 18.378  12.493  -3.060  1.00 48.57  ? 150 PRO A CG  1 
ATOM   862  C  CD  . PRO A 1 150 ? 17.537  11.268  -3.390  1.00 48.18  ? 150 PRO A CD  1 
ATOM   863  N  N   . ASN A 1 151 ? 18.984  12.169  -6.616  1.00 45.92  ? 151 ASN A N   1 
ATOM   864  C  CA  . ASN A 1 151 ? 19.868  12.304  -7.749  1.00 45.44  ? 151 ASN A CA  1 
ATOM   865  C  C   . ASN A 1 151 ? 19.201  11.793  -8.996  1.00 46.05  ? 151 ASN A C   1 
ATOM   866  O  O   . ASN A 1 151 ? 19.715  11.955  -10.107 1.00 45.99  ? 151 ASN A O   1 
ATOM   867  C  CB  . ASN A 1 151 ? 21.172  11.597  -7.472  1.00 45.00  ? 151 ASN A CB  1 
ATOM   868  C  CG  . ASN A 1 151 ? 21.918  12.239  -6.315  1.00 45.01  ? 151 ASN A CG  1 
ATOM   869  O  OD1 . ASN A 1 151 ? 22.706  13.161  -6.499  1.00 46.08  ? 151 ASN A OD1 1 
ATOM   870  N  ND2 . ASN A 1 151 ? 21.624  11.800  -5.115  1.00 44.74  ? 151 ASN A ND2 1 
ATOM   871  N  N   . ASP A 1 152 ? 18.028  11.200  -8.820  1.00 46.69  ? 152 ASP A N   1 
ATOM   872  C  CA  . ASP A 1 152 ? 17.223  10.916  -9.973  1.00 47.49  ? 152 ASP A CA  1 
ATOM   873  C  C   . ASP A 1 152 ? 15.714  11.124  -9.772  1.00 47.09  ? 152 ASP A C   1 
ATOM   874  O  O   . ASP A 1 152 ? 14.928  10.182  -9.887  1.00 48.66  ? 152 ASP A O   1 
ATOM   875  C  CB  . ASP A 1 152 ? 17.536  9.517   -10.499 1.00 49.41  ? 152 ASP A CB  1 
ATOM   876  C  CG  . ASP A 1 152 ? 17.136  9.351   -11.957 1.00 51.47  ? 152 ASP A CG  1 
ATOM   877  O  OD1 . ASP A 1 152 ? 16.692  10.369  -12.587 1.00 51.43  ? 152 ASP A OD1 1 
ATOM   878  O  OD2 . ASP A 1 152 ? 17.261  8.204   -12.468 1.00 52.66  ? 152 ASP A OD2 1 
ATOM   879  N  N   . LEU A 1 153 ? 15.309  12.363  -9.500  1.00 45.69  ? 153 LEU A N   1 
ATOM   880  C  CA  . LEU A 1 153 ? 13.899  12.698  -9.302  1.00 44.35  ? 153 LEU A CA  1 
ATOM   881  C  C   . LEU A 1 153 ? 13.083  12.326  -10.531 1.00 44.09  ? 153 LEU A C   1 
ATOM   882  O  O   . LEU A 1 153 ? 11.911  11.925  -10.440 1.00 44.11  ? 153 LEU A O   1 
ATOM   883  C  CB  . LEU A 1 153 ? 13.723  14.197  -9.039  1.00 43.59  ? 153 LEU A CB  1 
ATOM   884  C  CG  . LEU A 1 153 ? 14.429  14.768  -7.809  1.00 44.32  ? 153 LEU A CG  1 
ATOM   885  C  CD1 . LEU A 1 153 ? 14.219  16.293  -7.683  1.00 44.51  ? 153 LEU A CD1 1 
ATOM   886  C  CD2 . LEU A 1 153 ? 14.013  14.039  -6.523  1.00 43.39  ? 153 LEU A CD2 1 
ATOM   887  N  N   . LEU A 1 154 ? 13.705  12.491  -11.688 1.00 42.70  ? 154 LEU A N   1 
ATOM   888  C  CA  . LEU A 1 154 ? 13.023  12.353  -12.939 1.00 40.70  ? 154 LEU A CA  1 
ATOM   889  C  C   . LEU A 1 154 ? 12.476  10.928  -13.112 1.00 40.58  ? 154 LEU A C   1 
ATOM   890  O  O   . LEU A 1 154 ? 11.311  10.725  -13.439 1.00 39.94  ? 154 LEU A O   1 
ATOM   891  C  CB  . LEU A 1 154 ? 14.027  12.689  -13.991 1.00 40.81  ? 154 LEU A CB  1 
ATOM   892  C  CG  . LEU A 1 154 ? 13.523  12.809  -15.403 1.00 41.82  ? 154 LEU A CG  1 
ATOM   893  C  CD1 . LEU A 1 154 ? 12.048  13.251  -15.437 1.00 41.97  ? 154 LEU A CD1 1 
ATOM   894  C  CD2 . LEU A 1 154 ? 14.465  13.785  -16.125 1.00 41.86  ? 154 LEU A CD2 1 
ATOM   895  N  N   . LYS A 1 155 ? 13.315  9.931   -12.875 1.00 41.58  ? 155 LYS A N   1 
ATOM   896  C  CA  . LYS A 1 155 ? 12.857  8.532   -12.919 1.00 42.75  ? 155 LYS A CA  1 
ATOM   897  C  C   . LYS A 1 155 ? 11.728  8.254   -11.915 1.00 42.03  ? 155 LYS A C   1 
ATOM   898  O  O   . LYS A 1 155 ? 10.702  7.709   -12.291 1.00 41.98  ? 155 LYS A O   1 
ATOM   899  C  CB  . LYS A 1 155 ? 14.004  7.554   -12.666 1.00 42.95  ? 155 LYS A CB  1 
ATOM   900  C  CG  . LYS A 1 155 ? 13.605  6.101   -12.883 1.00 44.11  ? 155 LYS A CG  1 
ATOM   901  C  CD  . LYS A 1 155 ? 14.859  5.194   -12.730 1.00 46.27  ? 155 LYS A CD  1 
ATOM   902  C  CE  . LYS A 1 155 ? 14.505  3.702   -12.602 1.00 47.30  ? 155 LYS A CE  1 
ATOM   903  N  NZ  . LYS A 1 155 ? 14.075  3.350   -11.197 1.00 47.58  ? 155 LYS A NZ  1 
ATOM   904  N  N   . HIS A 1 156 ? 11.934  8.611   -10.649 1.00 40.85  ? 156 HIS A N   1 
ATOM   905  C  CA  . HIS A 1 156 ? 10.917  8.408   -9.633  1.00 40.71  ? 156 HIS A CA  1 
ATOM   906  C  C   . HIS A 1 156 ? 9.573   8.997   -10.041 1.00 41.26  ? 156 HIS A C   1 
ATOM   907  O  O   . HIS A 1 156 ? 8.566   8.297   -10.124 1.00 41.75  ? 156 HIS A O   1 
ATOM   908  C  CB  . HIS A 1 156 ? 11.366  8.979   -8.292  1.00 40.12  ? 156 HIS A CB  1 
ATOM   909  C  CG  . HIS A 1 156 ? 10.294  8.952   -7.248  1.00 40.75  ? 156 HIS A CG  1 
ATOM   910  N  ND1 . HIS A 1 156 ? 9.813   7.781   -6.706  1.00 40.28  ? 156 HIS A ND1 1 
ATOM   911  C  CD2 . HIS A 1 156 ? 9.601   9.958   -6.654  1.00 40.96  ? 156 HIS A CD2 1 
ATOM   912  C  CE1 . HIS A 1 156 ? 8.888   8.068   -5.805  1.00 41.39  ? 156 HIS A CE1 1 
ATOM   913  N  NE2 . HIS A 1 156 ? 8.736   9.382   -5.756  1.00 40.60  ? 156 HIS A NE2 1 
ATOM   914  N  N   . ILE A 1 157 ? 9.559   10.294  -10.312 1.00 42.44  ? 157 ILE A N   1 
ATOM   915  C  CA  . ILE A 1 157 ? 8.351   10.992  -10.758 1.00 42.58  ? 157 ILE A CA  1 
ATOM   916  C  C   . ILE A 1 157 ? 7.778   10.278  -11.962 1.00 41.84  ? 157 ILE A C   1 
ATOM   917  O  O   . ILE A 1 157 ? 6.577   10.309  -12.205 1.00 42.25  ? 157 ILE A O   1 
ATOM   918  C  CB  . ILE A 1 157 ? 8.690   12.464  -11.150 1.00 44.05  ? 157 ILE A CB  1 
ATOM   919  C  CG1 . ILE A 1 157 ? 9.113   13.255  -9.909  1.00 45.48  ? 157 ILE A CG1 1 
ATOM   920  C  CG2 . ILE A 1 157 ? 7.538   13.158  -11.838 1.00 43.62  ? 157 ILE A CG2 1 
ATOM   921  C  CD1 . ILE A 1 157 ? 8.173   13.089  -8.723  1.00 45.88  ? 157 ILE A CD1 1 
ATOM   922  N  N   . SER A 1 158 ? 8.644   9.651   -12.744 1.00 41.43  ? 158 SER A N   1 
ATOM   923  C  CA  . SER A 1 158 ? 8.172   8.883   -13.894 1.00 40.48  ? 158 SER A CA  1 
ATOM   924  C  C   . SER A 1 158 ? 7.251   7.727   -13.465 1.00 39.71  ? 158 SER A C   1 
ATOM   925  O  O   . SER A 1 158 ? 6.186   7.539   -14.071 1.00 38.91  ? 158 SER A O   1 
ATOM   926  C  CB  . SER A 1 158 ? 9.348   8.327   -14.681 1.00 39.55  ? 158 SER A CB  1 
ATOM   927  O  OG  . SER A 1 158 ? 8.885   7.399   -15.626 1.00 39.07  ? 158 SER A OG  1 
ATOM   928  N  N   . THR A 1 159 ? 7.660   6.971   -12.433 1.00 37.79  ? 159 THR A N   1 
ATOM   929  C  CA  . THR A 1 159 ? 6.867   5.833   -11.972 1.00 38.19  ? 159 THR A CA  1 
ATOM   930  C  C   . THR A 1 159 ? 5.602   6.295   -11.243 1.00 39.50  ? 159 THR A C   1 
ATOM   931  O  O   . THR A 1 159 ? 4.537   5.672   -11.383 1.00 41.09  ? 159 THR A O   1 
ATOM   932  C  CB  . THR A 1 159 ? 7.650   4.851   -11.069 1.00 37.40  ? 159 THR A CB  1 
ATOM   933  O  OG1 . THR A 1 159 ? 7.796   5.414   -9.774  1.00 38.11  ? 159 THR A OG1 1 
ATOM   934  C  CG2 . THR A 1 159 ? 9.028   4.522   -11.629 1.00 36.39  ? 159 THR A CG2 1 
ATOM   935  N  N   . VAL A 1 160 ? 5.710   7.394   -10.482 1.00 38.81  ? 160 VAL A N   1 
ATOM   936  C  CA  . VAL A 1 160 ? 4.542   8.018   -9.832  1.00 36.69  ? 160 VAL A CA  1 
ATOM   937  C  C   . VAL A 1 160 ? 3.452   8.343   -10.829 1.00 37.32  ? 160 VAL A C   1 
ATOM   938  O  O   . VAL A 1 160 ? 2.298   7.972   -10.610 1.00 38.37  ? 160 VAL A O   1 
ATOM   939  C  CB  . VAL A 1 160 ? 4.879   9.311   -9.065  1.00 34.22  ? 160 VAL A CB  1 
ATOM   940  C  CG1 . VAL A 1 160 ? 3.612   10.010  -8.707  1.00 34.17  ? 160 VAL A CG1 1 
ATOM   941  C  CG2 . VAL A 1 160 ? 5.605   8.997   -7.818  1.00 32.03  ? 160 VAL A CG2 1 
ATOM   942  N  N   . GLU A 1 161 ? 3.804   9.035   -11.915 1.00 38.66  ? 161 GLU A N   1 
ATOM   943  C  CA  . GLU A 1 161 ? 2.825   9.413   -12.968 1.00 40.13  ? 161 GLU A CA  1 
ATOM   944  C  C   . GLU A 1 161 ? 2.296   8.200   -13.692 1.00 40.71  ? 161 GLU A C   1 
ATOM   945  O  O   . GLU A 1 161 ? 1.167   8.207   -14.175 1.00 41.71  ? 161 GLU A O   1 
ATOM   946  C  CB  . GLU A 1 161 ? 3.408   10.391  -13.985 1.00 40.70  ? 161 GLU A CB  1 
ATOM   947  C  CG  . GLU A 1 161 ? 3.742   11.759  -13.352 1.00 42.46  ? 161 GLU A CG  1 
ATOM   948  C  CD  . GLU A 1 161 ? 2.571   12.297  -12.551 1.00 43.44  ? 161 GLU A CD  1 
ATOM   949  O  OE1 . GLU A 1 161 ? 2.745   12.582  -11.352 1.00 44.22  ? 161 GLU A OE1 1 
ATOM   950  O  OE2 . GLU A 1 161 ? 1.463   12.430  -13.117 1.00 44.28  ? 161 GLU A OE2 1 
ATOM   951  N  N   . SER A 1 162 ? 3.097   7.145   -13.751 1.00 39.89  ? 162 SER A N   1 
ATOM   952  C  CA  . SER A 1 162 ? 2.643   5.938   -14.402 1.00 40.69  ? 162 SER A CA  1 
ATOM   953  C  C   . SER A 1 162 ? 1.534   5.226   -13.602 1.00 39.69  ? 162 SER A C   1 
ATOM   954  O  O   . SER A 1 162 ? 0.640   4.592   -14.173 1.00 38.00  ? 162 SER A O   1 
ATOM   955  C  CB  . SER A 1 162 ? 3.830   5.004   -14.623 1.00 42.70  ? 162 SER A CB  1 
ATOM   956  O  OG  . SER A 1 162 ? 3.417   3.666   -14.413 1.00 45.86  ? 162 SER A OG  1 
ATOM   957  N  N   . LEU A 1 163 ? 1.633   5.323   -12.275 1.00 39.20  ? 163 LEU A N   1 
ATOM   958  C  CA  . LEU A 1 163 ? 0.676   4.732   -11.361 1.00 37.98  ? 163 LEU A CA  1 
ATOM   959  C  C   . LEU A 1 163 ? -0.650  5.502   -11.382 1.00 37.67  ? 163 LEU A C   1 
ATOM   960  O  O   . LEU A 1 163 ? -1.704  4.895   -11.298 1.00 36.84  ? 163 LEU A O   1 
ATOM   961  C  CB  . LEU A 1 163 ? 1.268   4.687   -9.957  1.00 38.35  ? 163 LEU A CB  1 
ATOM   962  C  CG  . LEU A 1 163 ? 0.439   4.027   -8.850  1.00 38.29  ? 163 LEU A CG  1 
ATOM   963  C  CD1 . LEU A 1 163 ? 0.245   2.574   -9.144  1.00 38.65  ? 163 LEU A CD1 1 
ATOM   964  C  CD2 . LEU A 1 163 ? 1.118   4.152   -7.528  1.00 37.40  ? 163 LEU A CD2 1 
ATOM   965  N  N   . LYS A 1 164 ? -0.614  6.831   -11.519 1.00 37.64  ? 164 LYS A N   1 
ATOM   966  C  CA  . LYS A 1 164 ? -1.876  7.588   -11.626 1.00 37.23  ? 164 LYS A CA  1 
ATOM   967  C  C   . LYS A 1 164 ? -2.601  7.161   -12.894 1.00 38.26  ? 164 LYS A C   1 
ATOM   968  O  O   . LYS A 1 164 ? -3.834  7.026   -12.926 1.00 38.51  ? 164 LYS A O   1 
ATOM   969  C  CB  . LYS A 1 164 ? -1.633  9.095   -11.643 1.00 35.80  ? 164 LYS A CB  1 
ATOM   970  C  CG  . LYS A 1 164 ? -0.623  9.549   -10.613 1.00 36.00  ? 164 LYS A CG  1 
ATOM   971  C  CD  . LYS A 1 164 ? -0.634  11.071  -10.406 1.00 35.93  ? 164 LYS A CD  1 
ATOM   972  C  CE  . LYS A 1 164 ? 0.351   11.437  -9.292  1.00 37.21  ? 164 LYS A CE  1 
ATOM   973  N  NZ  . LYS A 1 164 ? 0.440   12.868  -8.899  1.00 36.94  ? 164 LYS A NZ  1 
ATOM   974  N  N   . LYS A 1 165 ? -1.815  6.960   -13.942 1.00 39.10  ? 165 LYS A N   1 
ATOM   975  C  CA  . LYS A 1 165 ? -2.330  6.481   -15.198 1.00 40.53  ? 165 LYS A CA  1 
ATOM   976  C  C   . LYS A 1 165 ? -3.048  5.195   -14.852 1.00 40.17  ? 165 LYS A C   1 
ATOM   977  O  O   . LYS A 1 165 ? -4.240  5.086   -15.092 1.00 41.13  ? 165 LYS A O   1 
ATOM   978  C  CB  . LYS A 1 165 ? -1.177  6.212   -16.170 1.00 43.80  ? 165 LYS A CB  1 
ATOM   979  C  CG  . LYS A 1 165 ? -1.439  6.579   -17.617 1.00 46.18  ? 165 LYS A CG  1 
ATOM   980  C  CD  . LYS A 1 165 ? -1.314  8.091   -17.877 1.00 48.75  ? 165 LYS A CD  1 
ATOM   981  C  CE  . LYS A 1 165 ? 0.150   8.665   -17.801 1.00 50.54  ? 165 LYS A CE  1 
ATOM   982  N  NZ  . LYS A 1 165 ? 1.105   8.256   -18.913 1.00 51.54  ? 165 LYS A NZ  1 
ATOM   983  N  N   . ILE A 1 166 ? -2.351  4.228   -14.248 1.00 38.82  ? 166 ILE A N   1 
ATOM   984  C  CA  . ILE A 1 166 ? -3.013  2.964   -13.904 1.00 37.74  ? 166 ILE A CA  1 
ATOM   985  C  C   . ILE A 1 166 ? -4.354  3.228   -13.190 1.00 36.99  ? 166 ILE A C   1 
ATOM   986  O  O   . ILE A 1 166 ? -5.415  2.660   -13.544 1.00 36.62  ? 166 ILE A O   1 
ATOM   987  C  CB  . ILE A 1 166 ? -2.106  2.034   -13.059 1.00 37.81  ? 166 ILE A CB  1 
ATOM   988  C  CG1 . ILE A 1 166 ? -1.227  1.169   -13.968 1.00 37.60  ? 166 ILE A CG1 1 
ATOM   989  C  CG2 . ILE A 1 166 ? -2.947  1.111   -12.143 1.00 36.67  ? 166 ILE A CG2 1 
ATOM   990  C  CD1 . ILE A 1 166 ? -0.429  1.922   -14.951 1.00 37.96  ? 166 ILE A CD1 1 
ATOM   991  N  N   . PHE A 1 167 ? -4.294  4.128   -12.213 1.00 35.64  ? 167 PHE A N   1 
ATOM   992  C  CA  . PHE A 1 167 ? -5.445  4.453   -11.395 1.00 35.24  ? 167 PHE A CA  1 
ATOM   993  C  C   . PHE A 1 167 ? -6.704  4.687   -12.237 1.00 35.16  ? 167 PHE A C   1 
ATOM   994  O  O   . PHE A 1 167 ? -7.622  3.896   -12.203 1.00 36.12  ? 167 PHE A O   1 
ATOM   995  C  CB  . PHE A 1 167 ? -5.137  5.651   -10.507 1.00 34.71  ? 167 PHE A CB  1 
ATOM   996  C  CG  . PHE A 1 167 ? -6.260  6.026   -9.590  1.00 34.39  ? 167 PHE A CG  1 
ATOM   997  C  CD1 . PHE A 1 167 ? -6.408  5.388   -8.360  1.00 33.79  ? 167 PHE A CD1 1 
ATOM   998  C  CD2 . PHE A 1 167 ? -7.165  7.027   -9.954  1.00 34.15  ? 167 PHE A CD2 1 
ATOM   999  C  CE1 . PHE A 1 167 ? -7.442  5.727   -7.494  1.00 33.98  ? 167 PHE A CE1 1 
ATOM   1000 C  CE2 . PHE A 1 167 ? -8.200  7.388   -9.101  1.00 34.65  ? 167 PHE A CE2 1 
ATOM   1001 C  CZ  . PHE A 1 167 ? -8.342  6.736   -7.852  1.00 34.70  ? 167 PHE A CZ  1 
ATOM   1002 N  N   . TYR A 1 168 ? -6.747  5.764   -13.004 1.00 35.39  ? 168 TYR A N   1 
ATOM   1003 C  CA  . TYR A 1 168 ? -7.860  5.982   -13.955 1.00 34.60  ? 168 TYR A CA  1 
ATOM   1004 C  C   . TYR A 1 168 ? -8.254  4.780   -14.823 1.00 33.98  ? 168 TYR A C   1 
ATOM   1005 O  O   . TYR A 1 168 ? -9.280  4.820   -15.478 1.00 35.31  ? 168 TYR A O   1 
ATOM   1006 C  CB  . TYR A 1 168 ? -7.555  7.209   -14.833 1.00 33.49  ? 168 TYR A CB  1 
ATOM   1007 C  CG  . TYR A 1 168 ? -7.424  8.374   -13.943 1.00 33.32  ? 168 TYR A CG  1 
ATOM   1008 C  CD1 . TYR A 1 168 ? -8.533  8.861   -13.269 1.00 32.49  ? 168 TYR A CD1 1 
ATOM   1009 C  CD2 . TYR A 1 168 ? -6.180  8.929   -13.677 1.00 34.26  ? 168 TYR A CD2 1 
ATOM   1010 C  CE1 . TYR A 1 168 ? -8.431  9.906   -12.400 1.00 32.75  ? 168 TYR A CE1 1 
ATOM   1011 C  CE2 . TYR A 1 168 ? -6.061  9.989   -12.796 1.00 34.09  ? 168 TYR A CE2 1 
ATOM   1012 C  CZ  . TYR A 1 168 ? -7.196  10.463  -12.156 1.00 33.97  ? 168 TYR A CZ  1 
ATOM   1013 O  OH  . TYR A 1 168 ? -7.091  11.520  -11.266 1.00 36.62  ? 168 TYR A OH  1 
ATOM   1014 N  N   . THR A 1 169 ? -7.453  3.725   -14.831 1.00 33.23  ? 169 THR A N   1 
ATOM   1015 C  CA  . THR A 1 169 ? -7.747  2.558   -15.651 1.00 34.45  ? 169 THR A CA  1 
ATOM   1016 C  C   . THR A 1 169 ? -8.602  1.500   -14.959 1.00 35.84  ? 169 THR A C   1 
ATOM   1017 O  O   . THR A 1 169 ? -9.095  0.572   -15.609 1.00 37.56  ? 169 THR A O   1 
ATOM   1018 C  CB  . THR A 1 169 ? -6.412  1.888   -16.134 1.00 34.43  ? 169 THR A CB  1 
ATOM   1019 O  OG1 . THR A 1 169 ? -6.120  2.361   -17.445 1.00 33.93  ? 169 THR A OG1 1 
ATOM   1020 C  CG2 . THR A 1 169 ? -6.505  0.425   -16.197 1.00 32.24  ? 169 THR A CG2 1 
ATOM   1021 N  N   . ILE A 1 170 ? -8.783  1.602   -13.650 1.00 35.66  ? 170 ILE A N   1 
ATOM   1022 C  CA  . ILE A 1 170 ? -9.353  0.483   -12.949 1.00 36.18  ? 170 ILE A CA  1 
ATOM   1023 C  C   . ILE A 1 170 ? -10.826 0.343   -13.263 1.00 38.03  ? 170 ILE A C   1 
ATOM   1024 O  O   . ILE A 1 170 ? -11.566 1.308   -13.135 1.00 39.35  ? 170 ILE A O   1 
ATOM   1025 C  CB  . ILE A 1 170 ? -9.189  0.648   -11.458 1.00 35.44  ? 170 ILE A CB  1 
ATOM   1026 C  CG1 . ILE A 1 170 ? -7.718  0.882   -11.134 1.00 35.29  ? 170 ILE A CG1 1 
ATOM   1027 C  CG2 . ILE A 1 170 ? -9.706  -0.594  -10.738 1.00 34.59  ? 170 ILE A CG2 1 
ATOM   1028 C  CD1 . ILE A 1 170 ? -7.519  1.317   -9.721  1.00 35.49  ? 170 ILE A CD1 1 
ATOM   1029 N  N   . THR A 1 171 ? -11.263 -0.843  -13.670 1.00 39.14  ? 171 THR A N   1 
ATOM   1030 C  CA  . THR A 1 171 ? -12.706 -1.100  -13.818 1.00 40.85  ? 171 THR A CA  1 
ATOM   1031 C  C   . THR A 1 171 ? -13.106 -2.252  -12.919 1.00 40.91  ? 171 THR A C   1 
ATOM   1032 O  O   . THR A 1 171 ? -12.341 -3.209  -12.755 1.00 41.58  ? 171 THR A O   1 
ATOM   1033 C  CB  . THR A 1 171 ? -13.019 -1.554  -15.200 1.00 41.77  ? 171 THR A CB  1 
ATOM   1034 O  OG1 . THR A 1 171 ? -11.815 -2.139  -15.724 1.00 44.68  ? 171 THR A OG1 1 
ATOM   1035 C  CG2 . THR A 1 171 ? -13.416 -0.380  -16.056 1.00 42.51  ? 171 THR A CG2 1 
ATOM   1036 N  N   . CYS A 1 172 ? -14.291 -2.168  -12.333 1.00 39.94  ? 172 CYS A N   1 
ATOM   1037 C  CA  . CYS A 1 172 ? -14.789 -3.266  -11.531 1.00 40.15  ? 172 CYS A CA  1 
ATOM   1038 C  C   . CYS A 1 172 ? -15.837 -4.098  -12.271 1.00 41.63  ? 172 CYS A C   1 
ATOM   1039 O  O   . CYS A 1 172 ? -16.933 -3.605  -12.548 1.00 39.95  ? 172 CYS A O   1 
ATOM   1040 C  CB  . CYS A 1 172 ? -15.394 -2.722  -10.270 1.00 39.06  ? 172 CYS A CB  1 
ATOM   1041 S  SG  . CYS A 1 172 ? -14.134 -2.131  -9.161  1.00 35.54  ? 172 CYS A SG  1 
ATOM   1042 N  N   . GLU A 1 173 ? -15.488 -5.353  -12.578 1.00 43.87  ? 173 GLU A N   1 
ATOM   1043 C  CA  . GLU A 1 173 ? -16.327 -6.217  -13.391 1.00 45.98  ? 173 GLU A CA  1 
ATOM   1044 C  C   . GLU A 1 173 ? -16.631 -7.574  -12.744 1.00 46.40  ? 173 GLU A C   1 
ATOM   1045 O  O   . GLU A 1 173 ? -15.848 -8.098  -11.908 1.00 46.53  ? 173 GLU A O   1 
ATOM   1046 C  CB  . GLU A 1 173 ? -15.691 -6.418  -14.771 1.00 47.66  ? 173 GLU A CB  1 
ATOM   1047 C  CG  . GLU A 1 173 ? -15.886 -5.260  -15.742 1.00 50.34  ? 173 GLU A CG  1 
ATOM   1048 C  CD  . GLU A 1 173 ? -14.860 -5.273  -16.881 1.00 52.79  ? 173 GLU A CD  1 
ATOM   1049 O  OE1 . GLU A 1 173 ? -13.623 -5.307  -16.607 1.00 54.18  ? 173 GLU A OE1 1 
ATOM   1050 O  OE2 . GLU A 1 173 ? -15.283 -5.232  -18.059 1.00 54.24  ? 173 GLU A OE2 1 
ATOM   1051 N  N   . ALA A 1 174 ? -17.782 -8.113  -13.155 1.00 45.51  ? 174 ALA A N   1 
ATOM   1052 C  CA  . ALA A 1 174 ? -18.290 -9.405  -12.727 1.00 44.81  ? 174 ALA A CA  1 
ATOM   1053 C  C   . ALA A 1 174 ? -18.402 -10.291 -13.956 1.00 45.23  ? 174 ALA A C   1 
ATOM   1054 O  O   . ALA A 1 174 ? -18.264 -9.820  -15.072 1.00 44.81  ? 174 ALA A O   1 
ATOM   1055 C  CB  . ALA A 1 174 ? -19.666 -9.243  -12.095 1.00 44.10  ? 174 ALA A CB  1 
ATOM   1056 N  N   . VAL A 1 175 ? -18.649 -11.580 -13.743 1.00 46.67  ? 175 VAL A N   1 
ATOM   1057 C  CA  . VAL A 1 175 ? -18.979 -12.511 -14.823 1.00 47.52  ? 175 VAL A CA  1 
ATOM   1058 C  C   . VAL A 1 175 ? -20.499 -12.631 -14.835 1.00 48.82  ? 175 VAL A C   1 
ATOM   1059 O  O   . VAL A 1 175 ? -21.097 -12.837 -13.774 1.00 49.74  ? 175 VAL A O   1 
ATOM   1060 C  CB  . VAL A 1 175 ? -18.378 -13.920 -14.553 1.00 46.64  ? 175 VAL A CB  1 
ATOM   1061 C  CG1 . VAL A 1 175 ? -18.665 -14.883 -15.730 1.00 45.63  ? 175 VAL A CG1 1 
ATOM   1062 C  CG2 . VAL A 1 175 ? -16.884 -13.819 -14.220 1.00 45.38  ? 175 VAL A CG2 1 
ATOM   1063 N  N   . TYR A 1 176 ? -21.150 -12.500 -15.991 1.00 49.51  ? 176 TYR A N   1 
ATOM   1064 C  CA  . TYR A 1 176 ? -22.615 -12.619 -15.971 1.00 50.58  ? 176 TYR A CA  1 
ATOM   1065 C  C   . TYR A 1 176 ? -23.137 -13.988 -16.420 1.00 52.15  ? 176 TYR A C   1 
ATOM   1066 O  O   . TYR A 1 176 ? -24.262 -14.388 -16.076 1.00 54.01  ? 176 TYR A O   1 
ATOM   1067 C  CB  . TYR A 1 176 ? -23.289 -11.491 -16.743 1.00 49.42  ? 176 TYR A CB  1 
ATOM   1068 C  CG  . TYR A 1 176 ? -23.300 -10.192 -16.003 1.00 48.21  ? 176 TYR A CG  1 
ATOM   1069 C  CD1 . TYR A 1 176 ? -24.431 -9.772  -15.336 1.00 48.80  ? 176 TYR A CD1 1 
ATOM   1070 C  CD2 . TYR A 1 176 ? -22.171 -9.369  -15.980 1.00 47.72  ? 176 TYR A CD2 1 
ATOM   1071 C  CE1 . TYR A 1 176 ? -24.449 -8.540  -14.640 1.00 49.17  ? 176 TYR A CE1 1 
ATOM   1072 C  CE2 . TYR A 1 176 ? -22.167 -8.165  -15.301 1.00 47.76  ? 176 TYR A CE2 1 
ATOM   1073 C  CZ  . TYR A 1 176 ? -23.309 -7.744  -14.631 1.00 48.80  ? 176 TYR A CZ  1 
ATOM   1074 O  OH  . TYR A 1 176 ? -23.319 -6.543  -13.951 1.00 48.43  ? 176 TYR A OH  1 
ATOM   1075 O  OXT . TYR A 1 176 ? -22.448 -14.731 -17.124 1.00 53.20  ? 176 TYR A OXT 1 
HETATM 1076 CU CU  . CU  B 2 .   ? 7.949   10.623  -4.214  1.00 55.78  ? 201 CU  A CU  1 
HETATM 1077 O  O   . HOH C 3 .   ? 8.990   16.972  -5.896  1.00 23.94  ? 301 HOH A O   1 
HETATM 1078 O  O   . HOH C 3 .   ? 11.310  15.913  -3.739  1.00 30.37  ? 302 HOH A O   1 
HETATM 1079 O  O   . HOH C 3 .   ? 8.749   10.902  -1.518  1.00 2.00   ? 303 HOH A O   1 
HETATM 1080 O  O   . HOH C 3 .   ? 1.460   12.714  -6.039  1.00 7.97   ? 304 HOH A O   1 
HETATM 1081 O  O   . HOH C 3 .   ? -3.534  -5.436  -9.503  1.00 33.46  ? 305 HOH A O   1 
HETATM 1082 O  O   . HOH C 3 .   ? -0.317  11.262  -0.249  1.00 27.59  ? 306 HOH A O   1 
HETATM 1083 O  O   . HOH C 3 .   ? -3.068  -5.513  5.112   1.00 42.18  ? 307 HOH A O   1 
HETATM 1084 O  O   . HOH C 3 .   ? -8.242  -7.760  -4.606  1.00 43.13  ? 308 HOH A O   1 
HETATM 1085 O  O   . HOH C 3 .   ? 1.154   3.302   -16.795 1.00 36.14  ? 309 HOH A O   1 
HETATM 1086 O  O   . HOH C 3 .   ? 0.174   17.886  4.040   1.00 41.01  ? 310 HOH A O   1 
HETATM 1087 O  O   . HOH C 3 .   ? -6.053  4.072   -0.683  1.00 40.64  ? 311 HOH A O   1 
# 
